data_6QYC
#
_entry.id   6QYC
#
_cell.length_a   90.520
_cell.length_b   291.500
_cell.length_c   87.200
_cell.angle_alpha   90.000
_cell.angle_beta   90.000
_cell.angle_gamma   90.000
#
_symmetry.space_group_name_H-M   'P 21 21 2'
#
loop_
_entity.id
_entity.type
_entity.pdbx_description
1 polymer 'Decaheme c-type cytochrome, OmcA/MtrC family'
2 non-polymer 'HEME C'
3 non-polymer 'CALCIUM ION'
4 non-polymer 1,2-ETHANEDIOL
5 water water
#
_entity_poly.entity_id   1
_entity_poly.type   'polypeptide(L)'
_entity_poly.pdbx_seq_one_letter_code
;APAIQILNFTFDKSVITNGVPSVEFTVTNENDLPVVGLQKMRFAAAQLIPQGATGAGNASQWQYFGDETCDVAATCPGTF
VDQKNGHYSYTFNMNLTANAKITYNDQLAQRVLIRAYNTPLPDGTQVPNSNAFVDFTADTGAAPTYSRKIVATESCNTCH
QDLANVKHGGAYSDVNYCATCHTAGKVGVGKEFNVLVHAKHKDLTLGSLESCQSCHAANDAAPDWGNWSRIPTAATCGSC
HSTVDFAAGKGHSQQLDNSNCIACHNSDWTAELHTGKTADKKAVIAQLGMQATLVGQTDDTAVLTVSILDKDGNAIDAAT
VQDKIKRLETVTNVGPNFPIMGYNKSPGSGAAKIAKDLVKDGALQAGVTLVDGKLVFTTPALPFGTGDTDTAFTFIGLEM
CSTGTSLTACTVDSATTSMKAELAFGTKSGNAPSMRHVNSVNFSTCQGCHSDTFEIHKGHHSGFVMTEQVSHAKDANGKA
IVGVDGCVACHTPDGTYASGANKGAFEMKLHVIHGEQGVIKECTQCHNDFNLDAFKVKGALATSAGKYTTPITATCTSCH
APESIGHGLENMGAIVNGDYVQANQAAQSETCFYCHKPTPTDHTQVKM
;
_entity_poly.pdbx_strand_id   A,B,C
#
# COMPACT_ATOMS: atom_id res chain seq x y z
N ILE A 4 1.20 32.46 10.74
CA ILE A 4 2.25 31.54 10.35
C ILE A 4 1.90 30.14 10.86
N GLN A 5 1.35 30.05 12.07
CA GLN A 5 0.79 28.81 12.60
C GLN A 5 -0.73 28.83 12.60
N ILE A 6 -1.33 29.90 13.13
CA ILE A 6 -2.78 30.07 13.22
C ILE A 6 -3.17 31.36 12.49
N LEU A 7 -4.31 31.33 11.81
CA LEU A 7 -4.92 32.54 11.27
C LEU A 7 -6.20 32.83 12.05
N ASN A 8 -6.28 34.02 12.63
CA ASN A 8 -7.46 34.47 13.38
C ASN A 8 -8.18 35.53 12.56
N PHE A 9 -9.45 35.28 12.27
CA PHE A 9 -10.28 36.21 11.52
C PHE A 9 -11.21 36.94 12.47
N THR A 10 -11.16 38.26 12.45
CA THR A 10 -12.11 39.09 13.19
C THR A 10 -12.88 39.94 12.19
N PHE A 11 -14.18 39.71 12.09
CA PHE A 11 -15.01 40.42 11.12
C PHE A 11 -15.46 41.75 11.71
N ASP A 12 -15.30 42.82 10.91
CA ASP A 12 -15.63 44.18 11.34
C ASP A 12 -16.87 44.74 10.67
N LYS A 13 -17.19 44.29 9.46
CA LYS A 13 -18.39 44.72 8.77
C LYS A 13 -18.80 43.65 7.78
N SER A 14 -20.06 43.23 7.85
CA SER A 14 -20.59 42.21 6.96
C SER A 14 -22.03 42.59 6.63
N VAL A 15 -22.28 42.94 5.36
CA VAL A 15 -23.60 43.40 4.93
C VAL A 15 -23.91 42.87 3.54
N ILE A 16 -25.18 42.99 3.17
CA ILE A 16 -25.64 42.83 1.79
C ILE A 16 -26.12 44.20 1.33
N THR A 17 -25.52 44.72 0.26
CA THR A 17 -25.87 46.02 -0.28
C THR A 17 -26.58 45.81 -1.61
N ASN A 18 -27.90 45.95 -1.60
CA ASN A 18 -28.74 45.76 -2.78
C ASN A 18 -28.45 44.41 -3.46
N GLY A 19 -28.38 43.36 -2.65
CA GLY A 19 -28.18 42.01 -3.14
C GLY A 19 -26.73 41.56 -3.30
N VAL A 20 -25.77 42.42 -3.00
CA VAL A 20 -24.36 42.09 -3.17
C VAL A 20 -23.74 41.90 -1.79
N PRO A 21 -23.19 40.73 -1.47
CA PRO A 21 -22.55 40.53 -0.17
C PRO A 21 -21.19 41.21 -0.10
N SER A 22 -20.89 41.76 1.07
CA SER A 22 -19.66 42.49 1.34
C SER A 22 -19.18 42.13 2.74
N VAL A 23 -17.88 41.91 2.88
CA VAL A 23 -17.29 41.52 4.16
C VAL A 23 -15.97 42.27 4.36
N GLU A 24 -15.78 42.82 5.56
CA GLU A 24 -14.52 43.43 5.97
C GLU A 24 -14.02 42.73 7.23
N PHE A 25 -12.73 42.42 7.28
CA PHE A 25 -12.22 41.58 8.35
C PHE A 25 -10.73 41.87 8.58
N THR A 26 -10.25 41.44 9.75
CA THR A 26 -8.85 41.55 10.13
C THR A 26 -8.28 40.17 10.37
N VAL A 27 -7.05 39.94 9.93
CA VAL A 27 -6.35 38.66 10.07
C VAL A 27 -5.10 38.89 10.90
N THR A 28 -4.93 38.06 11.95
CA THR A 28 -3.73 38.06 12.77
C THR A 28 -3.25 36.62 12.92
N ASN A 29 -2.03 36.47 13.44
CA ASN A 29 -1.51 35.15 13.74
C ASN A 29 -1.76 34.83 15.21
N GLU A 30 -1.06 33.82 15.74
CA GLU A 30 -1.30 33.35 17.11
C GLU A 30 -1.04 34.46 18.14
N ASN A 31 -0.06 35.32 17.89
CA ASN A 31 0.29 36.38 18.83
C ASN A 31 -0.27 37.73 18.41
N ASP A 32 -1.37 37.74 17.65
CA ASP A 32 -2.13 38.94 17.29
C ASP A 32 -1.33 39.90 16.41
N LEU A 33 -0.38 39.39 15.63
CA LEU A 33 0.34 40.27 14.72
C LEU A 33 -0.37 40.31 13.36
N PRO A 34 -0.61 41.50 12.81
CA PRO A 34 -1.32 41.59 11.53
C PRO A 34 -0.65 40.79 10.42
N VAL A 35 -1.47 40.06 9.67
CA VAL A 35 -1.00 39.27 8.54
C VAL A 35 -1.33 40.05 7.27
N VAL A 36 -0.28 40.48 6.57
CA VAL A 36 -0.39 41.32 5.39
C VAL A 36 0.07 40.52 4.18
N GLY A 37 -0.67 40.62 3.08
CA GLY A 37 -0.27 40.01 1.83
C GLY A 37 -0.93 38.70 1.48
N LEU A 38 -2.06 38.37 2.09
CA LEU A 38 -2.72 37.11 1.80
C LEU A 38 -3.07 37.01 0.31
N GLN A 39 -2.88 35.82 -0.25
CA GLN A 39 -2.82 35.65 -1.70
C GLN A 39 -4.00 34.91 -2.30
N LYS A 40 -4.58 33.94 -1.60
CA LYS A 40 -5.64 33.12 -2.19
C LYS A 40 -6.67 32.78 -1.13
N MET A 41 -7.93 33.09 -1.43
CA MET A 41 -9.03 32.84 -0.51
C MET A 41 -10.29 32.55 -1.33
N ARG A 42 -11.12 31.65 -0.82
CA ARG A 42 -12.42 31.36 -1.38
C ARG A 42 -13.49 31.91 -0.46
N PHE A 43 -14.48 32.59 -1.03
CA PHE A 43 -15.57 33.21 -0.29
C PHE A 43 -16.89 32.55 -0.69
N ALA A 44 -17.68 32.15 0.30
CA ALA A 44 -18.97 31.49 0.09
C ALA A 44 -20.08 32.29 0.77
N ALA A 45 -21.27 32.27 0.18
CA ALA A 45 -22.42 32.98 0.73
C ALA A 45 -23.60 32.03 0.91
N ALA A 46 -24.35 32.25 1.98
CA ALA A 46 -25.51 31.41 2.28
C ALA A 46 -26.51 32.20 3.12
N GLN A 47 -27.73 31.66 3.21
CA GLN A 47 -28.76 32.23 4.07
C GLN A 47 -29.52 31.09 4.74
N LEU A 48 -30.11 31.39 5.90
CA LEU A 48 -30.68 30.39 6.78
C LEU A 48 -32.19 30.52 6.84
N ILE A 49 -32.89 29.48 6.39
CA ILE A 49 -34.34 29.40 6.57
C ILE A 49 -34.65 29.12 8.04
N PRO A 50 -35.49 29.93 8.70
CA PRO A 50 -35.76 29.69 10.12
C PRO A 50 -36.50 28.38 10.35
N GLN A 51 -36.49 27.94 11.60
CA GLN A 51 -37.29 26.77 11.98
C GLN A 51 -38.76 27.05 11.73
N GLY A 52 -39.42 26.13 11.03
CA GLY A 52 -40.84 26.23 10.77
C GLY A 52 -41.24 27.03 9.54
N ALA A 53 -40.30 27.71 8.90
CA ALA A 53 -40.66 28.62 7.81
C ALA A 53 -41.21 27.88 6.60
N THR A 54 -40.66 26.71 6.29
CA THR A 54 -41.13 25.93 5.15
C THR A 54 -42.25 24.96 5.52
N GLY A 55 -42.78 25.04 6.74
CA GLY A 55 -43.79 24.11 7.20
C GLY A 55 -43.63 23.84 8.68
N ALA A 56 -44.76 23.68 9.38
CA ALA A 56 -44.73 23.44 10.82
C ALA A 56 -43.89 22.21 11.14
N GLY A 57 -42.98 22.35 12.09
CA GLY A 57 -42.11 21.26 12.50
C GLY A 57 -40.83 21.11 11.70
N ASN A 58 -40.68 21.82 10.59
CA ASN A 58 -39.47 21.67 9.78
C ASN A 58 -38.29 22.35 10.44
N ALA A 59 -37.10 21.80 10.24
CA ALA A 59 -35.91 22.33 10.85
C ALA A 59 -35.43 23.58 10.10
N SER A 60 -34.54 24.33 10.75
CA SER A 60 -33.82 25.38 10.04
C SER A 60 -32.96 24.75 8.95
N GLN A 61 -32.68 25.52 7.90
CA GLN A 61 -32.10 24.95 6.69
C GLN A 61 -31.26 25.98 5.95
N TRP A 62 -30.01 25.65 5.69
CA TRP A 62 -29.12 26.52 4.92
C TRP A 62 -29.48 26.49 3.44
N GLN A 63 -29.31 27.65 2.79
CA GLN A 63 -29.40 27.76 1.34
C GLN A 63 -28.07 28.32 0.86
N TYR A 64 -27.37 27.53 0.04
CA TYR A 64 -26.00 27.83 -0.35
C TYR A 64 -26.01 28.55 -1.69
N PHE A 65 -25.73 29.86 -1.67
CA PHE A 65 -25.76 30.64 -2.90
C PHE A 65 -24.64 30.25 -3.84
N GLY A 66 -23.45 30.00 -3.32
CA GLY A 66 -22.31 29.70 -4.16
C GLY A 66 -21.03 30.28 -3.55
N ASP A 67 -19.94 30.15 -4.29
CA ASP A 67 -18.64 30.58 -3.81
C ASP A 67 -17.85 31.21 -4.94
N GLU A 68 -16.84 31.99 -4.56
CA GLU A 68 -15.94 32.65 -5.49
C GLU A 68 -14.52 32.49 -4.97
N THR A 69 -13.59 32.11 -5.84
CA THR A 69 -12.20 31.91 -5.46
C THR A 69 -11.38 33.09 -5.96
N CYS A 70 -10.69 33.75 -5.03
CA CYS A 70 -9.90 34.93 -5.31
C CYS A 70 -8.42 34.59 -5.20
N ASP A 71 -7.69 34.72 -6.30
CA ASP A 71 -6.24 34.54 -6.35
C ASP A 71 -5.62 35.85 -6.78
N VAL A 72 -4.84 36.48 -5.89
CA VAL A 72 -4.24 37.77 -6.18
C VAL A 72 -3.28 37.69 -7.36
N ALA A 73 -2.64 36.54 -7.55
CA ALA A 73 -1.74 36.32 -8.68
C ALA A 73 -2.45 35.84 -9.94
N ALA A 74 -3.76 35.61 -9.88
CA ALA A 74 -4.48 35.13 -11.05
C ALA A 74 -5.86 35.77 -11.12
N THR A 75 -6.91 34.96 -11.27
CA THR A 75 -8.27 35.47 -11.40
C THR A 75 -8.91 35.67 -10.04
N CYS A 76 -9.86 36.61 -9.99
CA CYS A 76 -10.67 36.91 -8.82
C CYS A 76 -11.97 37.54 -9.29
N PRO A 77 -13.12 36.87 -9.12
CA PRO A 77 -14.36 37.42 -9.68
C PRO A 77 -14.83 38.67 -8.97
N GLY A 78 -14.62 38.77 -7.66
CA GLY A 78 -15.06 39.92 -6.89
C GLY A 78 -14.00 40.98 -6.74
N THR A 79 -14.18 41.82 -5.72
CA THR A 79 -13.28 42.93 -5.44
C THR A 79 -12.60 42.67 -4.11
N PHE A 80 -11.30 42.38 -4.16
CA PHE A 80 -10.50 42.05 -2.99
C PHE A 80 -9.50 43.17 -2.73
N VAL A 81 -9.49 43.71 -1.53
CA VAL A 81 -8.66 44.84 -1.16
C VAL A 81 -7.80 44.46 0.03
N ASP A 82 -6.47 44.53 -0.14
CA ASP A 82 -5.52 44.38 0.95
C ASP A 82 -5.10 45.78 1.40
N GLN A 83 -5.58 46.20 2.57
CA GLN A 83 -5.29 47.53 3.09
C GLN A 83 -3.97 47.62 3.83
N LYS A 84 -3.15 46.57 3.76
CA LYS A 84 -1.73 46.62 4.15
C LYS A 84 -1.52 46.78 5.64
N ASN A 85 -2.55 46.51 6.45
CA ASN A 85 -2.39 46.60 7.90
C ASN A 85 -3.05 45.42 8.60
N GLY A 86 -3.29 44.33 7.89
CA GLY A 86 -4.06 43.22 8.40
C GLY A 86 -5.54 43.29 8.14
N HIS A 87 -6.04 44.46 7.73
CA HIS A 87 -7.44 44.61 7.37
C HIS A 87 -7.63 44.31 5.88
N TYR A 88 -8.70 43.60 5.57
CA TYR A 88 -9.05 43.25 4.20
C TYR A 88 -10.51 43.54 3.96
N SER A 89 -10.89 43.57 2.68
CA SER A 89 -12.29 43.64 2.31
C SER A 89 -12.50 42.81 1.05
N TYR A 90 -13.62 42.09 1.01
CA TYR A 90 -14.03 41.37 -0.19
C TYR A 90 -15.48 41.73 -0.51
N THR A 91 -15.72 42.11 -1.76
CA THR A 91 -17.06 42.36 -2.28
C THR A 91 -17.32 41.32 -3.37
N PHE A 92 -18.41 40.57 -3.21
CA PHE A 92 -18.71 39.48 -4.13
C PHE A 92 -19.02 40.00 -5.53
N ASN A 93 -18.68 39.19 -6.52
CA ASN A 93 -19.20 39.42 -7.87
C ASN A 93 -20.68 39.07 -7.94
N MET A 94 -21.13 38.13 -7.12
CA MET A 94 -22.52 37.68 -7.13
C MET A 94 -23.47 38.78 -6.68
N ASN A 95 -24.65 38.79 -7.27
CA ASN A 95 -25.82 39.46 -6.69
C ASN A 95 -26.81 38.38 -6.29
N LEU A 96 -27.23 38.39 -5.02
CA LEU A 96 -28.03 37.28 -4.51
C LEU A 96 -29.42 37.25 -5.13
N THR A 97 -29.94 38.41 -5.58
CA THR A 97 -31.24 38.44 -6.22
C THR A 97 -31.24 37.72 -7.56
N ALA A 98 -30.07 37.49 -8.15
CA ALA A 98 -29.96 36.84 -9.44
C ALA A 98 -29.79 35.32 -9.32
N ASN A 99 -29.87 34.78 -8.11
CA ASN A 99 -29.69 33.35 -7.94
C ASN A 99 -30.86 32.59 -8.55
N ALA A 100 -30.56 31.56 -9.36
CA ALA A 100 -31.58 30.85 -10.11
C ALA A 100 -32.43 29.95 -9.23
N LYS A 101 -31.86 29.45 -8.12
CA LYS A 101 -32.53 28.45 -7.31
C LYS A 101 -33.01 28.98 -5.96
N ILE A 102 -32.38 30.02 -5.42
CA ILE A 102 -32.67 30.51 -4.08
C ILE A 102 -33.25 31.92 -4.18
N THR A 103 -34.33 32.16 -3.44
CA THR A 103 -34.95 33.49 -3.36
C THR A 103 -34.29 34.24 -2.21
N TYR A 104 -33.40 35.18 -2.53
CA TYR A 104 -32.77 35.99 -1.50
C TYR A 104 -33.82 36.79 -0.74
N ASN A 105 -33.71 36.79 0.58
CA ASN A 105 -34.67 37.46 1.46
C ASN A 105 -33.87 38.22 2.50
N ASP A 106 -33.84 39.56 2.39
CA ASP A 106 -33.00 40.37 3.26
C ASP A 106 -33.46 40.37 4.71
N GLN A 107 -34.57 39.70 5.02
CA GLN A 107 -34.98 39.50 6.41
C GLN A 107 -34.42 38.22 7.00
N LEU A 108 -33.83 37.33 6.19
CA LEU A 108 -33.27 36.09 6.69
C LEU A 108 -31.84 36.29 7.15
N ALA A 109 -31.41 35.45 8.10
CA ALA A 109 -30.03 35.48 8.56
C ALA A 109 -29.09 35.07 7.42
N GLN A 110 -28.00 35.82 7.27
CA GLN A 110 -27.04 35.59 6.20
C GLN A 110 -25.72 35.07 6.78
N ARG A 111 -24.94 34.43 5.92
CA ARG A 111 -23.65 33.88 6.34
C ARG A 111 -22.65 33.97 5.19
N VAL A 112 -21.42 34.37 5.52
CA VAL A 112 -20.30 34.35 4.58
C VAL A 112 -19.20 33.51 5.20
N LEU A 113 -18.65 32.59 4.42
CA LEU A 113 -17.58 31.71 4.88
C LEU A 113 -16.33 31.96 4.06
N ILE A 114 -15.18 31.71 4.69
CA ILE A 114 -13.87 31.96 4.09
C ILE A 114 -13.02 30.71 4.25
N ARG A 115 -12.40 30.26 3.17
CA ARG A 115 -11.31 29.30 3.24
C ARG A 115 -10.04 30.01 2.77
N ALA A 116 -9.09 30.21 3.69
CA ALA A 116 -7.80 30.79 3.36
C ALA A 116 -6.85 29.66 2.95
N TYR A 117 -6.44 29.67 1.68
CA TYR A 117 -5.54 28.64 1.17
C TYR A 117 -4.13 28.80 1.75
N ASN A 118 -3.34 27.73 1.64
CA ASN A 118 -1.98 27.72 2.16
C ASN A 118 -0.98 28.29 1.17
N THR A 119 -1.33 29.36 0.48
CA THR A 119 -0.40 30.03 -0.41
C THR A 119 0.48 30.98 0.39
N PRO A 120 1.80 30.95 0.23
CA PRO A 120 2.66 31.79 1.05
C PRO A 120 2.52 33.27 0.72
N LEU A 121 2.84 34.10 1.72
CA LEU A 121 2.89 35.54 1.54
C LEU A 121 3.99 35.89 0.54
N PRO A 122 3.94 37.09 -0.05
CA PRO A 122 4.96 37.43 -1.05
C PRO A 122 6.38 37.38 -0.51
N ASP A 123 6.60 37.74 0.76
CA ASP A 123 7.94 37.67 1.33
C ASP A 123 8.39 36.24 1.60
N GLY A 124 7.49 35.27 1.54
CA GLY A 124 7.82 33.87 1.74
C GLY A 124 7.19 33.24 2.96
N THR A 125 6.57 34.03 3.84
CA THR A 125 5.99 33.49 5.07
C THR A 125 4.93 32.45 4.75
N GLN A 126 4.99 31.31 5.42
CA GLN A 126 4.05 30.23 5.18
C GLN A 126 2.71 30.51 5.83
N VAL A 127 1.65 30.08 5.16
CA VAL A 127 0.27 30.33 5.58
C VAL A 127 -0.42 28.99 5.75
N PRO A 128 -1.11 28.74 6.87
CA PRO A 128 -1.87 27.50 7.01
C PRO A 128 -3.27 27.60 6.43
N ASN A 129 -3.76 26.46 5.95
CA ASN A 129 -5.16 26.37 5.53
C ASN A 129 -6.06 26.72 6.71
N SER A 130 -7.05 27.59 6.45
CA SER A 130 -7.87 28.11 7.54
C SER A 130 -9.31 28.27 7.08
N ASN A 131 -10.23 28.22 8.05
CA ASN A 131 -11.65 28.45 7.83
C ASN A 131 -12.13 29.55 8.77
N ALA A 132 -13.04 30.39 8.27
CA ALA A 132 -13.71 31.37 9.10
C ALA A 132 -15.10 31.61 8.52
N PHE A 133 -16.01 32.08 9.37
CA PHE A 133 -17.36 32.39 8.91
C PHE A 133 -17.94 33.48 9.79
N VAL A 134 -18.93 34.18 9.24
CA VAL A 134 -19.61 35.26 9.95
C VAL A 134 -21.11 35.15 9.69
N ASP A 135 -21.91 35.42 10.71
CA ASP A 135 -23.36 35.42 10.64
C ASP A 135 -23.87 36.84 10.90
N PHE A 136 -24.80 37.31 10.06
CA PHE A 136 -25.19 38.71 10.12
C PHE A 136 -26.56 38.90 9.50
N THR A 137 -27.24 39.96 9.94
CA THR A 137 -28.45 40.43 9.27
C THR A 137 -28.07 41.30 8.08
N ALA A 138 -28.86 41.20 7.01
CA ALA A 138 -28.43 41.73 5.72
C ALA A 138 -28.19 43.23 5.75
N ASP A 139 -29.04 43.97 6.46
CA ASP A 139 -29.04 45.41 6.33
C ASP A 139 -28.14 46.09 7.36
N THR A 140 -28.20 45.67 8.62
CA THR A 140 -27.40 46.31 9.67
C THR A 140 -26.08 45.60 9.95
N GLY A 141 -25.91 44.36 9.50
CA GLY A 141 -24.69 43.64 9.81
C GLY A 141 -24.57 43.17 11.24
N ALA A 142 -25.62 43.28 12.04
CA ALA A 142 -25.58 42.83 13.42
C ALA A 142 -25.83 41.32 13.51
N ALA A 143 -25.69 40.79 14.72
CA ALA A 143 -25.87 39.36 14.95
C ALA A 143 -27.34 38.97 14.70
N PRO A 144 -27.58 37.87 14.00
CA PRO A 144 -28.96 37.44 13.74
C PRO A 144 -29.66 36.94 15.00
N THR A 145 -30.99 36.91 14.94
CA THR A 145 -31.79 36.45 16.07
C THR A 145 -31.99 34.94 16.09
N TYR A 146 -31.56 34.24 15.05
CA TYR A 146 -31.64 32.79 14.99
C TYR A 146 -30.41 32.26 14.28
N SER A 147 -30.08 31.00 14.56
CA SER A 147 -28.88 30.38 14.02
C SER A 147 -29.10 28.88 13.89
N ARG A 148 -28.09 28.19 13.34
CA ARG A 148 -28.07 26.74 13.26
C ARG A 148 -26.65 26.27 13.65
N LYS A 149 -26.32 26.43 14.92
CA LYS A 149 -25.05 25.96 15.47
C LYS A 149 -25.39 24.84 16.46
N ILE A 150 -25.44 23.61 15.97
CA ILE A 150 -25.90 22.46 16.74
C ILE A 150 -24.73 21.65 17.30
N VAL A 151 -23.79 21.28 16.44
CA VAL A 151 -22.64 20.47 16.84
C VAL A 151 -21.39 21.35 16.78
N ALA A 152 -20.39 20.97 17.59
CA ALA A 152 -19.16 21.74 17.70
C ALA A 152 -17.99 20.91 17.18
N THR A 153 -17.09 21.58 16.45
CA THR A 153 -15.90 20.91 15.90
C THR A 153 -15.14 20.15 16.98
N GLU A 154 -15.14 20.68 18.20
CA GLU A 154 -14.45 20.03 19.32
C GLU A 154 -14.94 18.61 19.55
N SER A 155 -16.25 18.37 19.40
CA SER A 155 -16.78 17.03 19.61
C SER A 155 -16.27 16.05 18.57
N CYS A 156 -16.26 16.45 17.31
CA CYS A 156 -15.71 15.58 16.27
C CYS A 156 -14.22 15.37 16.47
N ASN A 157 -13.52 16.37 16.98
CA ASN A 157 -12.07 16.28 17.15
C ASN A 157 -11.69 15.32 18.26
N THR A 158 -12.63 14.97 19.14
CA THR A 158 -12.36 13.96 20.16
C THR A 158 -11.91 12.65 19.53
N CYS A 159 -12.43 12.32 18.35
CA CYS A 159 -12.06 11.10 17.66
C CYS A 159 -11.19 11.33 16.44
N HIS A 160 -11.37 12.45 15.73
CA HIS A 160 -10.66 12.70 14.48
C HIS A 160 -9.49 13.66 14.61
N GLN A 161 -9.33 14.33 15.75
CA GLN A 161 -8.26 15.28 15.98
C GLN A 161 -8.39 16.52 15.09
N ASP A 162 -8.56 16.32 13.78
CA ASP A 162 -8.74 17.43 12.85
C ASP A 162 -9.71 16.97 11.76
N LEU A 163 -10.82 17.71 11.62
CA LEU A 163 -11.82 17.36 10.61
C LEU A 163 -11.26 17.44 9.20
N ALA A 164 -10.11 18.10 9.01
CA ALA A 164 -9.46 18.07 7.71
C ALA A 164 -9.18 16.65 7.24
N ASN A 165 -9.08 15.69 8.17
CA ASN A 165 -8.70 14.32 7.81
C ASN A 165 -9.83 13.54 7.15
N VAL A 166 -11.08 13.96 7.29
CA VAL A 166 -12.19 13.06 6.96
C VAL A 166 -12.64 13.14 5.49
N LYS A 167 -12.53 14.30 4.84
CA LYS A 167 -13.00 14.43 3.46
C LYS A 167 -12.35 15.63 2.80
N HIS A 168 -12.30 15.59 1.46
CA HIS A 168 -11.98 16.75 0.62
C HIS A 168 -10.57 17.27 0.85
N GLY A 169 -9.61 16.35 1.02
CA GLY A 169 -8.21 16.70 1.05
C GLY A 169 -7.82 17.77 2.05
N GLY A 170 -8.50 17.82 3.20
CA GLY A 170 -8.10 18.73 4.25
C GLY A 170 -8.53 20.17 4.06
N ALA A 171 -9.48 20.41 3.15
CA ALA A 171 -9.89 21.79 2.86
C ALA A 171 -10.64 22.44 4.01
N TYR A 172 -11.43 21.66 4.76
CA TYR A 172 -12.33 22.20 5.77
C TYR A 172 -12.03 21.58 7.12
N SER A 173 -11.75 22.42 8.12
CA SER A 173 -11.50 21.99 9.48
C SER A 173 -12.56 22.45 10.48
N ASP A 174 -13.54 23.25 10.05
CA ASP A 174 -14.62 23.72 10.91
C ASP A 174 -15.91 23.02 10.52
N VAL A 175 -16.56 22.37 11.50
CA VAL A 175 -17.76 21.60 11.20
C VAL A 175 -18.87 22.50 10.68
N ASN A 176 -18.90 23.77 11.11
CA ASN A 176 -19.88 24.70 10.59
C ASN A 176 -19.77 24.87 9.08
N TYR A 177 -18.55 24.79 8.55
CA TYR A 177 -18.37 24.85 7.10
C TYR A 177 -19.02 23.65 6.42
N CYS A 178 -18.88 22.46 7.00
CA CYS A 178 -19.51 21.27 6.43
C CYS A 178 -21.03 21.42 6.44
N ALA A 179 -21.58 21.87 7.57
CA ALA A 179 -23.02 21.90 7.74
C ALA A 179 -23.70 22.93 6.84
N THR A 180 -22.97 23.98 6.44
CA THR A 180 -23.56 25.00 5.56
C THR A 180 -23.68 24.47 4.14
N CYS A 181 -22.61 23.85 3.62
CA CYS A 181 -22.63 23.36 2.25
C CYS A 181 -23.50 22.10 2.11
N HIS A 182 -23.48 21.24 3.13
CA HIS A 182 -24.22 19.97 3.10
C HIS A 182 -25.68 20.24 3.45
N THR A 183 -26.42 20.73 2.46
CA THR A 183 -27.79 21.14 2.66
C THR A 183 -28.57 20.86 1.38
N ALA A 184 -29.89 20.84 1.50
CA ALA A 184 -30.75 20.58 0.35
C ALA A 184 -30.53 21.62 -0.74
N GLY A 185 -30.52 21.16 -1.99
CA GLY A 185 -30.29 22.00 -3.13
C GLY A 185 -28.84 22.12 -3.56
N LYS A 186 -27.89 21.81 -2.68
CA LYS A 186 -26.47 21.87 -3.00
C LYS A 186 -25.85 20.49 -3.14
N VAL A 187 -26.14 19.60 -2.20
CA VAL A 187 -25.75 18.20 -2.29
C VAL A 187 -27.01 17.37 -2.56
N GLY A 188 -26.80 16.13 -2.95
CA GLY A 188 -27.91 15.25 -3.25
C GLY A 188 -28.74 14.92 -2.01
N VAL A 189 -29.92 14.35 -2.26
CA VAL A 189 -30.76 13.89 -1.16
C VAL A 189 -30.04 12.75 -0.46
N GLY A 190 -30.02 12.82 0.88
CA GLY A 190 -29.24 11.90 1.67
C GLY A 190 -27.87 12.40 2.06
N LYS A 191 -27.37 13.47 1.43
CA LYS A 191 -26.09 14.05 1.81
C LYS A 191 -26.23 15.26 2.71
N GLU A 192 -27.45 15.74 2.96
CA GLU A 192 -27.62 16.84 3.90
C GLU A 192 -27.11 16.42 5.28
N PHE A 193 -26.53 17.38 6.00
CA PHE A 193 -25.72 17.05 7.16
C PHE A 193 -26.53 16.40 8.28
N ASN A 194 -27.80 16.79 8.44
CA ASN A 194 -28.65 16.17 9.45
C ASN A 194 -28.97 14.71 9.14
N VAL A 195 -28.54 14.21 7.99
CA VAL A 195 -28.76 12.82 7.60
C VAL A 195 -27.44 12.07 7.41
N LEU A 196 -26.43 12.73 6.83
CA LEU A 196 -25.23 12.04 6.40
C LEU A 196 -24.38 11.57 7.57
N VAL A 197 -24.22 12.40 8.60
CA VAL A 197 -23.32 12.03 9.69
C VAL A 197 -23.93 10.91 10.53
N HIS A 198 -25.26 10.92 10.70
CA HIS A 198 -25.92 9.79 11.35
C HIS A 198 -25.64 8.51 10.58
N ALA A 199 -25.81 8.54 9.26
CA ALA A 199 -25.66 7.34 8.46
C ALA A 199 -24.24 6.81 8.47
N LYS A 200 -23.25 7.69 8.64
CA LYS A 200 -21.85 7.28 8.66
C LYS A 200 -21.41 6.69 9.99
N HIS A 201 -22.24 6.76 11.03
CA HIS A 201 -21.83 6.27 12.34
C HIS A 201 -22.77 5.24 12.93
N LYS A 202 -24.05 5.27 12.54
CA LYS A 202 -25.04 4.40 13.16
C LYS A 202 -24.66 2.92 13.06
N ASP A 203 -23.83 2.55 12.07
CA ASP A 203 -23.45 1.16 11.85
C ASP A 203 -21.98 0.91 12.20
N LEU A 204 -21.46 1.62 13.19
CA LEU A 204 -20.08 1.45 13.63
C LEU A 204 -20.07 0.87 15.04
N THR A 205 -19.04 0.09 15.33
CA THR A 205 -18.93 -0.61 16.61
C THR A 205 -18.34 0.26 17.72
N LEU A 206 -17.69 1.36 17.39
CA LEU A 206 -16.98 2.15 18.39
C LEU A 206 -17.92 2.60 19.51
N GLY A 207 -17.44 2.44 20.75
CA GLY A 207 -18.33 2.52 21.91
C GLY A 207 -18.98 3.87 22.12
N SER A 208 -18.21 4.96 22.02
CA SER A 208 -18.77 6.27 22.30
C SER A 208 -19.88 6.65 21.32
N LEU A 209 -19.88 6.07 20.12
CA LEU A 209 -20.92 6.36 19.13
C LEU A 209 -22.28 5.85 19.56
N GLU A 210 -22.35 4.95 20.53
CA GLU A 210 -23.62 4.46 21.06
C GLU A 210 -24.35 5.50 21.91
N SER A 211 -23.80 6.70 22.04
CA SER A 211 -24.40 7.77 22.84
C SER A 211 -24.50 9.04 21.99
N CYS A 212 -25.68 9.67 22.01
CA CYS A 212 -25.85 10.92 21.28
C CYS A 212 -24.91 12.01 21.80
N GLN A 213 -24.52 11.92 23.07
CA GLN A 213 -23.69 12.96 23.68
CA GLN A 213 -23.69 12.96 23.69
C GLN A 213 -22.30 13.04 23.08
N SER A 214 -21.87 12.01 22.34
CA SER A 214 -20.55 12.08 21.70
C SER A 214 -20.49 13.19 20.66
N CYS A 215 -21.61 13.55 20.06
CA CYS A 215 -21.68 14.69 19.17
C CYS A 215 -22.57 15.82 19.66
N HIS A 216 -23.48 15.53 20.60
CA HIS A 216 -24.49 16.48 21.06
C HIS A 216 -24.29 16.76 22.53
N ALA A 217 -23.59 17.85 22.83
CA ALA A 217 -23.39 18.26 24.21
C ALA A 217 -23.37 19.78 24.25
N ALA A 218 -23.51 20.32 25.46
CA ALA A 218 -23.41 21.76 25.62
C ALA A 218 -22.04 22.25 25.20
N ASN A 219 -22.02 23.34 24.43
CA ASN A 219 -20.77 23.95 24.01
C ASN A 219 -21.05 25.41 23.67
N ASP A 220 -20.15 26.29 24.11
CA ASP A 220 -20.36 27.72 23.90
C ASP A 220 -20.33 28.10 22.43
N ALA A 221 -19.71 27.28 21.57
CA ALA A 221 -19.75 27.51 20.13
C ALA A 221 -21.00 26.93 19.48
N ALA A 222 -21.90 26.30 20.24
CA ALA A 222 -23.09 25.66 19.70
C ALA A 222 -24.32 26.05 20.51
N PRO A 223 -24.82 27.27 20.33
CA PRO A 223 -25.99 27.71 21.12
C PRO A 223 -27.24 26.89 20.86
N ASP A 224 -27.38 26.29 19.68
CA ASP A 224 -28.55 25.50 19.32
C ASP A 224 -28.36 24.02 19.58
N TRP A 225 -27.45 23.65 20.50
CA TRP A 225 -27.09 22.25 20.68
C TRP A 225 -28.27 21.41 21.17
N GLY A 226 -29.24 22.03 21.85
CA GLY A 226 -30.40 21.28 22.33
C GLY A 226 -31.34 20.81 21.25
N ASN A 227 -31.13 21.21 20.00
CA ASN A 227 -32.01 20.79 18.92
C ASN A 227 -32.01 19.28 18.74
N TRP A 228 -31.04 18.56 19.31
CA TRP A 228 -30.93 17.12 19.06
C TRP A 228 -32.13 16.36 19.60
N SER A 229 -32.80 16.89 20.62
CA SER A 229 -34.02 16.28 21.13
C SER A 229 -35.28 17.12 20.90
N ARG A 230 -35.12 18.37 20.44
CA ARG A 230 -36.26 19.29 20.34
CA ARG A 230 -36.26 19.28 20.34
C ARG A 230 -36.76 19.48 18.91
N ILE A 231 -36.03 19.01 17.90
CA ILE A 231 -36.45 19.20 16.52
C ILE A 231 -36.60 17.85 15.83
N PRO A 232 -37.60 17.03 16.18
CA PRO A 232 -37.79 15.76 15.47
C PRO A 232 -38.36 15.98 14.08
N THR A 233 -37.84 15.22 13.12
CA THR A 233 -38.15 15.41 11.72
C THR A 233 -38.10 14.07 11.02
N ALA A 234 -38.94 13.88 10.00
CA ALA A 234 -38.98 12.63 9.25
C ALA A 234 -37.60 12.30 8.68
N ALA A 235 -36.95 13.26 8.05
CA ALA A 235 -35.65 12.98 7.41
C ALA A 235 -34.57 12.72 8.44
N THR A 236 -34.51 13.57 9.47
CA THR A 236 -33.43 13.44 10.45
C THR A 236 -33.60 12.18 11.30
N CYS A 237 -34.77 11.99 11.91
CA CYS A 237 -34.99 10.79 12.72
C CYS A 237 -34.94 9.53 11.86
N GLY A 238 -35.42 9.60 10.62
CA GLY A 238 -35.36 8.49 9.70
C GLY A 238 -33.97 8.16 9.18
N SER A 239 -32.99 9.05 9.40
CA SER A 239 -31.63 8.75 8.95
C SER A 239 -31.06 7.53 9.67
N CYS A 240 -31.41 7.34 10.94
CA CYS A 240 -31.12 6.10 11.63
C CYS A 240 -32.27 5.11 11.50
N HIS A 241 -33.50 5.58 11.70
CA HIS A 241 -34.69 4.75 11.54
C HIS A 241 -35.07 4.63 10.06
N SER A 242 -34.17 3.99 9.31
CA SER A 242 -34.21 4.03 7.86
C SER A 242 -35.30 3.15 7.26
N THR A 243 -35.82 2.19 8.00
CA THR A 243 -36.88 1.33 7.48
C THR A 243 -38.28 1.89 7.69
N VAL A 244 -38.40 3.06 8.31
CA VAL A 244 -39.70 3.71 8.50
C VAL A 244 -40.00 4.58 7.30
N ASP A 245 -41.26 4.55 6.86
CA ASP A 245 -41.74 5.39 5.76
C ASP A 245 -42.93 6.18 6.28
N PHE A 246 -42.67 7.41 6.75
CA PHE A 246 -43.71 8.20 7.40
C PHE A 246 -44.81 8.59 6.41
N ALA A 247 -44.44 8.87 5.16
CA ALA A 247 -45.45 9.27 4.17
C ALA A 247 -46.39 8.11 3.86
N ALA A 248 -45.88 6.88 3.85
CA ALA A 248 -46.67 5.71 3.54
C ALA A 248 -47.24 5.02 4.78
N GLY A 249 -46.88 5.47 5.96
CA GLY A 249 -47.38 4.85 7.18
C GLY A 249 -46.93 3.42 7.41
N LYS A 250 -45.70 3.09 7.02
CA LYS A 250 -45.15 1.75 7.19
C LYS A 250 -44.15 1.77 8.34
N GLY A 251 -44.35 0.89 9.32
CA GLY A 251 -43.54 0.91 10.52
C GLY A 251 -43.85 2.04 11.46
N HIS A 252 -44.95 2.76 11.23
CA HIS A 252 -45.31 3.96 11.97
C HIS A 252 -46.63 4.50 11.45
N SER A 253 -47.40 5.20 12.29
CA SER A 253 -48.59 5.88 11.80
C SER A 253 -48.20 6.87 10.72
N GLN A 254 -49.11 7.11 9.77
CA GLN A 254 -48.80 7.96 8.64
C GLN A 254 -48.63 9.40 9.09
N GLN A 255 -47.54 10.03 8.64
CA GLN A 255 -47.31 11.46 8.83
C GLN A 255 -46.91 12.05 7.49
N LEU A 256 -47.76 12.92 6.93
CA LEU A 256 -47.51 13.54 5.65
C LEU A 256 -46.58 14.74 5.75
N ASP A 257 -46.34 15.25 6.96
CA ASP A 257 -45.42 16.37 7.16
C ASP A 257 -44.86 16.28 8.58
N ASN A 258 -44.13 17.30 8.99
CA ASN A 258 -43.47 17.30 10.30
C ASN A 258 -44.24 18.07 11.36
N SER A 259 -45.49 18.44 11.10
CA SER A 259 -46.20 19.37 11.97
C SER A 259 -46.54 18.77 13.33
N ASN A 260 -46.56 17.45 13.47
CA ASN A 260 -47.02 16.83 14.69
C ASN A 260 -45.94 16.11 15.50
N CYS A 261 -44.74 15.94 14.95
CA CYS A 261 -43.73 15.09 15.60
C CYS A 261 -43.48 15.50 17.05
N ILE A 262 -43.33 16.80 17.28
CA ILE A 262 -42.95 17.27 18.61
C ILE A 262 -44.12 17.17 19.60
N ALA A 263 -45.36 17.14 19.12
CA ALA A 263 -46.50 16.97 20.03
C ALA A 263 -46.47 15.62 20.73
N CYS A 264 -46.00 14.58 20.06
CA CYS A 264 -45.86 13.28 20.67
C CYS A 264 -44.45 13.05 21.21
N HIS A 265 -43.43 13.47 20.45
CA HIS A 265 -42.03 13.23 20.80
C HIS A 265 -41.44 14.45 21.49
N ASN A 266 -41.85 14.64 22.75
CA ASN A 266 -41.27 15.71 23.55
C ASN A 266 -39.80 15.43 23.81
N SER A 267 -39.03 16.50 24.01
CA SER A 267 -37.58 16.36 24.10
C SER A 267 -37.17 15.54 25.31
N ASP A 268 -37.91 15.62 26.41
CA ASP A 268 -37.61 14.80 27.58
C ASP A 268 -37.66 13.31 27.24
N TRP A 269 -38.69 12.89 26.50
CA TRP A 269 -38.81 11.48 26.15
C TRP A 269 -37.76 11.06 25.12
N THR A 270 -37.53 11.89 24.11
CA THR A 270 -36.51 11.59 23.11
C THR A 270 -35.13 11.49 23.75
N ALA A 271 -34.82 12.40 24.68
CA ALA A 271 -33.50 12.38 25.31
C ALA A 271 -33.34 11.12 26.16
N GLU A 272 -34.33 10.82 27.00
CA GLU A 272 -34.15 9.74 27.96
C GLU A 272 -34.12 8.37 27.29
N LEU A 273 -34.87 8.17 26.21
CA LEU A 273 -34.90 6.85 25.60
C LEU A 273 -33.65 6.55 24.77
N HIS A 274 -32.92 7.59 24.33
CA HIS A 274 -31.67 7.37 23.63
C HIS A 274 -30.47 7.33 24.56
N THR A 275 -30.63 7.80 25.79
CA THR A 275 -29.59 7.74 26.81
C THR A 275 -29.84 6.66 27.85
N GLY A 276 -30.93 5.90 27.71
CA GLY A 276 -31.37 4.97 28.72
C GLY A 276 -30.50 3.73 28.89
N LYS A 277 -30.08 3.13 27.77
CA LYS A 277 -29.26 1.92 27.86
C LYS A 277 -27.91 2.20 28.51
N THR A 278 -27.26 3.29 28.13
CA THR A 278 -26.00 3.67 28.79
C THR A 278 -26.25 3.97 30.27
N ALA A 279 -27.31 4.71 30.57
CA ALA A 279 -27.64 5.00 31.96
C ALA A 279 -28.01 3.73 32.71
N ASP A 280 -28.66 2.78 32.05
CA ASP A 280 -28.94 1.48 32.67
C ASP A 280 -27.64 0.77 33.03
N LYS A 281 -26.71 0.70 32.06
CA LYS A 281 -25.44 0.01 32.29
C LYS A 281 -24.66 0.65 33.43
N LYS A 282 -24.68 1.98 33.53
CA LYS A 282 -23.94 2.65 34.59
C LYS A 282 -24.55 2.36 35.95
N ALA A 283 -25.88 2.27 36.03
CA ALA A 283 -26.54 1.98 37.29
C ALA A 283 -26.30 0.55 37.75
N VAL A 284 -26.13 -0.38 36.80
CA VAL A 284 -25.81 -1.76 37.17
C VAL A 284 -24.38 -1.87 37.66
N ILE A 285 -23.44 -1.29 36.90
CA ILE A 285 -22.02 -1.35 37.24
C ILE A 285 -21.74 -0.74 38.60
N ALA A 286 -22.49 0.31 38.96
CA ALA A 286 -22.27 0.99 40.25
C ALA A 286 -22.68 0.16 41.46
N GLN A 287 -23.29 -1.01 41.26
CA GLN A 287 -23.94 -1.69 42.37
C GLN A 287 -23.02 -2.63 43.15
N LEU A 288 -21.89 -3.07 42.58
CA LEU A 288 -20.97 -3.91 43.34
C LEU A 288 -19.53 -3.60 42.98
N GLY A 289 -18.64 -3.86 43.93
CA GLY A 289 -17.21 -3.79 43.69
C GLY A 289 -16.53 -5.10 44.07
N MET A 290 -15.20 -5.14 44.00
CA MET A 290 -14.47 -6.34 44.37
C MET A 290 -13.16 -5.96 45.05
N GLN A 291 -12.84 -6.67 46.13
CA GLN A 291 -11.53 -6.62 46.75
C GLN A 291 -10.97 -8.03 46.79
N ALA A 292 -9.74 -8.20 46.32
CA ALA A 292 -9.13 -9.52 46.28
C ALA A 292 -7.78 -9.49 46.98
N THR A 293 -7.40 -10.63 47.54
CA THR A 293 -6.10 -10.81 48.17
C THR A 293 -5.44 -12.06 47.61
N LEU A 294 -4.12 -12.01 47.55
CA LEU A 294 -3.31 -13.10 47.01
C LEU A 294 -2.15 -13.34 47.95
N VAL A 295 -2.02 -14.56 48.47
CA VAL A 295 -0.97 -14.90 49.42
C VAL A 295 -0.25 -16.14 48.93
N GLY A 296 1.06 -16.03 48.71
CA GLY A 296 1.85 -17.18 48.29
C GLY A 296 2.19 -18.09 49.46
N GLN A 297 2.27 -19.38 49.16
CA GLN A 297 2.45 -20.42 50.17
C GLN A 297 3.83 -21.07 50.01
N THR A 298 4.21 -21.83 51.03
CA THR A 298 5.53 -22.47 51.04
C THR A 298 5.68 -23.44 49.86
N ASP A 299 4.60 -24.16 49.52
CA ASP A 299 4.62 -25.09 48.40
C ASP A 299 4.40 -24.42 47.04
N ASP A 300 4.59 -23.10 46.96
CA ASP A 300 4.50 -22.27 45.74
C ASP A 300 3.08 -22.11 45.21
N THR A 301 2.07 -22.67 45.87
CA THR A 301 0.70 -22.32 45.53
C THR A 301 0.38 -20.92 46.02
N ALA A 302 -0.77 -20.40 45.60
CA ALA A 302 -1.24 -19.08 46.02
C ALA A 302 -2.71 -19.16 46.39
N VAL A 303 -3.05 -18.53 47.51
CA VAL A 303 -4.44 -18.49 47.98
C VAL A 303 -5.08 -17.21 47.46
N LEU A 304 -6.19 -17.35 46.75
CA LEU A 304 -6.93 -16.22 46.18
C LEU A 304 -8.24 -16.06 46.94
N THR A 305 -8.43 -14.89 47.54
CA THR A 305 -9.64 -14.57 48.29
C THR A 305 -10.31 -13.36 47.67
N VAL A 306 -11.55 -13.52 47.24
CA VAL A 306 -12.30 -12.48 46.54
C VAL A 306 -13.53 -12.14 47.37
N SER A 307 -13.62 -10.90 47.85
CA SER A 307 -14.78 -10.43 48.58
C SER A 307 -15.57 -9.49 47.67
N ILE A 308 -16.89 -9.73 47.61
CA ILE A 308 -17.79 -8.81 46.92
C ILE A 308 -18.12 -7.66 47.84
N LEU A 309 -18.17 -6.45 47.27
CA LEU A 309 -18.53 -5.25 48.01
C LEU A 309 -19.83 -4.67 47.46
N ASP A 310 -20.51 -3.88 48.30
CA ASP A 310 -21.72 -3.19 47.88
C ASP A 310 -21.36 -1.80 47.36
N LYS A 311 -22.36 -0.97 47.06
CA LYS A 311 -22.07 0.28 46.37
C LYS A 311 -21.26 1.24 47.23
N ASP A 312 -21.30 1.08 48.54
CA ASP A 312 -20.52 1.92 49.44
C ASP A 312 -19.11 1.40 49.69
N GLY A 313 -18.76 0.25 49.14
CA GLY A 313 -17.47 -0.35 49.39
C GLY A 313 -17.43 -1.29 50.58
N ASN A 314 -18.58 -1.67 51.13
CA ASN A 314 -18.64 -2.57 52.27
C ASN A 314 -18.76 -4.01 51.79
N ALA A 315 -17.95 -4.89 52.37
CA ALA A 315 -18.01 -6.30 52.04
C ALA A 315 -19.40 -6.85 52.32
N ILE A 316 -19.86 -7.76 51.45
CA ILE A 316 -21.13 -8.45 51.63
C ILE A 316 -20.87 -9.95 51.50
N ASP A 317 -21.85 -10.74 51.92
CA ASP A 317 -21.77 -12.18 51.79
C ASP A 317 -22.06 -12.57 50.34
N ALA A 318 -21.05 -13.13 49.66
CA ALA A 318 -21.15 -13.40 48.23
C ALA A 318 -22.31 -14.32 47.88
N ALA A 319 -22.82 -15.08 48.85
CA ALA A 319 -24.02 -15.89 48.61
C ALA A 319 -25.25 -15.02 48.36
N THR A 320 -25.25 -13.77 48.82
CA THR A 320 -26.37 -12.87 48.57
C THR A 320 -26.60 -12.69 47.07
N VAL A 321 -25.52 -12.55 46.30
CA VAL A 321 -25.61 -12.19 44.89
C VAL A 321 -25.20 -13.35 43.98
N GLN A 322 -25.01 -14.55 44.53
CA GLN A 322 -24.40 -15.63 43.76
C GLN A 322 -25.28 -16.07 42.60
N ASP A 323 -26.59 -16.18 42.82
CA ASP A 323 -27.50 -16.63 41.76
C ASP A 323 -27.58 -15.64 40.60
N LYS A 324 -27.00 -14.44 40.75
CA LYS A 324 -27.01 -13.44 39.70
C LYS A 324 -25.68 -13.36 38.95
N ILE A 325 -24.69 -14.17 39.33
CA ILE A 325 -23.36 -14.13 38.73
C ILE A 325 -23.34 -15.05 37.51
N LYS A 326 -23.16 -14.47 36.32
CA LYS A 326 -23.03 -15.27 35.12
C LYS A 326 -21.65 -15.90 35.04
N ARG A 327 -20.60 -15.12 35.30
CA ARG A 327 -19.24 -15.63 35.24
C ARG A 327 -18.35 -14.73 36.06
N LEU A 328 -17.65 -15.30 37.04
CA LEU A 328 -16.55 -14.63 37.73
C LEU A 328 -15.25 -15.25 37.23
N GLU A 329 -14.51 -14.50 36.43
CA GLU A 329 -13.35 -15.00 35.70
C GLU A 329 -12.07 -14.45 36.32
N THR A 330 -11.12 -15.34 36.61
CA THR A 330 -9.84 -14.95 37.17
C THR A 330 -8.70 -15.50 36.32
N VAL A 331 -7.60 -14.75 36.28
CA VAL A 331 -6.39 -15.15 35.58
C VAL A 331 -5.19 -14.76 36.44
N THR A 332 -4.38 -15.75 36.84
CA THR A 332 -3.25 -15.54 37.72
C THR A 332 -1.94 -15.79 36.98
N ASN A 333 -0.99 -14.87 37.14
CA ASN A 333 0.33 -14.94 36.52
C ASN A 333 1.37 -14.50 37.53
N VAL A 334 2.65 -14.61 37.17
CA VAL A 334 3.76 -14.23 38.03
C VAL A 334 4.69 -13.31 37.24
N GLY A 335 5.03 -12.17 37.83
CA GLY A 335 5.93 -11.23 37.21
C GLY A 335 5.19 -10.11 36.51
N PRO A 336 4.70 -9.14 37.27
CA PRO A 336 3.86 -8.08 36.67
C PRO A 336 4.58 -7.26 35.62
N ASN A 337 5.89 -7.06 35.76
CA ASN A 337 6.64 -6.26 34.80
C ASN A 337 7.10 -7.06 33.59
N PHE A 338 6.97 -8.37 33.62
CA PHE A 338 7.29 -9.26 32.50
C PHE A 338 6.84 -10.66 32.87
N PRO A 339 5.61 -11.04 32.53
CA PRO A 339 5.06 -12.32 33.02
C PRO A 339 5.83 -13.52 32.50
N ILE A 340 6.08 -14.48 33.41
CA ILE A 340 6.88 -15.65 33.08
C ILE A 340 6.05 -16.91 32.90
N MET A 341 4.74 -16.85 33.15
CA MET A 341 3.81 -17.88 32.70
C MET A 341 3.18 -17.41 31.40
N GLY A 342 3.38 -18.19 30.33
CA GLY A 342 2.75 -17.86 29.08
C GLY A 342 1.25 -18.09 29.12
N TYR A 343 0.58 -17.71 28.04
CA TYR A 343 -0.79 -18.14 27.83
C TYR A 343 -0.86 -19.66 27.76
N ASN A 344 0.00 -20.25 26.93
CA ASN A 344 0.31 -21.67 26.99
C ASN A 344 1.53 -21.84 27.89
N LYS A 345 2.17 -23.01 27.87
CA LYS A 345 3.36 -23.21 28.68
C LYS A 345 4.51 -22.38 28.14
N SER A 346 5.16 -21.64 29.02
CA SER A 346 6.26 -20.80 28.58
C SER A 346 7.48 -21.66 28.25
N PRO A 347 8.24 -21.31 27.21
CA PRO A 347 9.52 -22.02 26.99
C PRO A 347 10.52 -21.81 28.11
N GLY A 348 10.37 -20.78 28.92
CA GLY A 348 11.26 -20.56 30.05
C GLY A 348 10.84 -21.34 31.28
N SER A 349 9.76 -20.90 31.94
CA SER A 349 9.27 -21.55 33.15
C SER A 349 8.58 -22.88 32.91
N GLY A 350 8.16 -23.16 31.67
CA GLY A 350 7.34 -24.32 31.45
C GLY A 350 5.94 -24.23 32.01
N ALA A 351 5.53 -23.06 32.50
CA ALA A 351 4.25 -22.89 33.17
C ALA A 351 3.32 -22.01 32.34
N ALA A 352 2.03 -22.33 32.42
CA ALA A 352 0.97 -21.54 31.79
C ALA A 352 0.14 -20.84 32.86
N LYS A 353 -0.45 -19.71 32.46
CA LYS A 353 -1.26 -18.89 33.36
C LYS A 353 -2.41 -19.71 33.94
N ILE A 354 -2.83 -19.32 35.15
CA ILE A 354 -3.92 -20.01 35.84
C ILE A 354 -5.22 -19.29 35.50
N ALA A 355 -5.99 -19.87 34.57
CA ALA A 355 -7.31 -19.36 34.19
C ALA A 355 -8.37 -20.19 34.91
N LYS A 356 -9.05 -19.59 35.89
CA LYS A 356 -10.03 -20.28 36.70
C LYS A 356 -11.26 -19.41 36.85
N ASP A 357 -12.42 -19.93 36.43
CA ASP A 357 -13.70 -19.35 36.80
C ASP A 357 -14.02 -19.73 38.24
N LEU A 358 -14.36 -18.74 39.07
CA LEU A 358 -14.79 -19.05 40.43
C LEU A 358 -16.26 -19.41 40.48
N VAL A 359 -17.10 -18.66 39.74
CA VAL A 359 -18.53 -18.91 39.67
C VAL A 359 -18.94 -18.86 38.21
N LYS A 360 -19.81 -19.79 37.81
CA LYS A 360 -20.31 -19.85 36.44
C LYS A 360 -21.78 -20.24 36.50
N ASP A 361 -22.65 -19.39 35.96
CA ASP A 361 -24.10 -19.62 35.96
C ASP A 361 -24.64 -19.81 37.38
N GLY A 362 -24.09 -19.06 38.33
CA GLY A 362 -24.54 -19.11 39.70
C GLY A 362 -24.02 -20.26 40.53
N ALA A 363 -23.21 -21.15 39.96
CA ALA A 363 -22.69 -22.31 40.67
C ALA A 363 -21.21 -22.11 40.98
N LEU A 364 -20.83 -22.43 42.21
CA LEU A 364 -19.42 -22.50 42.55
C LEU A 364 -18.73 -23.57 41.74
N GLN A 365 -17.48 -23.30 41.38
CA GLN A 365 -16.69 -24.27 40.64
C GLN A 365 -15.82 -25.08 41.60
N ALA A 366 -15.21 -26.13 41.05
CA ALA A 366 -14.39 -27.04 41.85
C ALA A 366 -13.26 -26.30 42.54
N GLY A 367 -13.01 -26.65 43.81
CA GLY A 367 -11.96 -26.01 44.56
C GLY A 367 -12.28 -24.62 45.05
N VAL A 368 -13.49 -24.12 44.82
CA VAL A 368 -13.91 -22.79 45.24
C VAL A 368 -14.88 -22.95 46.40
N THR A 369 -14.63 -22.21 47.50
CA THR A 369 -15.43 -22.33 48.71
C THR A 369 -15.82 -20.96 49.24
N LEU A 370 -16.92 -20.92 49.99
CA LEU A 370 -17.31 -19.72 50.74
C LEU A 370 -16.71 -19.79 52.14
N VAL A 371 -15.95 -18.76 52.50
CA VAL A 371 -15.39 -18.64 53.84
C VAL A 371 -15.59 -17.19 54.28
N ASP A 372 -16.40 -16.99 55.32
CA ASP A 372 -16.73 -15.65 55.82
C ASP A 372 -17.38 -14.81 54.72
N GLY A 373 -18.26 -15.44 53.93
CA GLY A 373 -18.89 -14.77 52.82
C GLY A 373 -17.97 -14.41 51.66
N LYS A 374 -16.69 -14.76 51.73
CA LYS A 374 -15.73 -14.49 50.67
C LYS A 374 -15.50 -15.73 49.83
N LEU A 375 -15.00 -15.52 48.61
CA LEU A 375 -14.69 -16.59 47.68
C LEU A 375 -13.21 -16.90 47.75
N VAL A 376 -12.88 -18.19 47.90
CA VAL A 376 -11.49 -18.61 48.12
C VAL A 376 -11.15 -19.76 47.18
N PHE A 377 -9.97 -19.69 46.59
CA PHE A 377 -9.47 -20.71 45.66
C PHE A 377 -7.96 -20.77 45.80
N THR A 378 -7.42 -21.99 45.81
CA THR A 378 -5.98 -22.21 45.87
C THR A 378 -5.50 -22.63 44.48
N THR A 379 -4.56 -21.87 43.93
CA THR A 379 -4.04 -22.14 42.59
C THR A 379 -3.09 -23.33 42.61
N PRO A 380 -2.84 -23.93 41.45
CA PRO A 380 -1.69 -24.84 41.32
C PRO A 380 -0.40 -24.12 41.67
N ALA A 381 0.67 -24.90 41.81
CA ALA A 381 1.97 -24.33 42.15
C ALA A 381 2.40 -23.32 41.08
N LEU A 382 2.93 -22.19 41.53
CA LEU A 382 3.36 -21.14 40.64
C LEU A 382 4.89 -21.07 40.60
N PRO A 383 5.48 -20.67 39.47
CA PRO A 383 6.95 -20.54 39.40
C PRO A 383 7.46 -19.29 40.11
N PHE A 384 7.25 -19.22 41.42
CA PHE A 384 7.77 -18.12 42.21
C PHE A 384 9.29 -18.08 42.13
N GLY A 385 9.85 -16.87 42.09
CA GLY A 385 11.28 -16.68 42.02
C GLY A 385 11.74 -15.40 42.70
N THR A 386 12.91 -14.91 42.33
CA THR A 386 13.45 -13.68 42.90
C THR A 386 12.95 -12.45 42.14
N GLY A 387 13.17 -11.28 42.74
CA GLY A 387 12.88 -10.02 42.06
C GLY A 387 11.41 -9.89 41.71
N ASP A 388 11.14 -9.48 40.47
CA ASP A 388 9.77 -9.33 40.00
C ASP A 388 8.99 -10.63 40.10
N THR A 389 9.65 -11.77 39.98
CA THR A 389 8.95 -13.05 39.99
C THR A 389 8.58 -13.52 41.40
N ASP A 390 8.90 -12.74 42.43
CA ASP A 390 8.33 -12.98 43.75
C ASP A 390 6.86 -12.60 43.83
N THR A 391 6.34 -11.85 42.86
CA THR A 391 4.99 -11.31 42.91
C THR A 391 4.09 -12.09 41.97
N ALA A 392 3.00 -12.64 42.52
CA ALA A 392 1.91 -13.16 41.71
C ALA A 392 0.81 -12.12 41.65
N PHE A 393 0.12 -12.04 40.50
CA PHE A 393 -0.98 -11.10 40.35
C PHE A 393 -2.15 -11.80 39.68
N THR A 394 -3.35 -11.30 39.97
CA THR A 394 -4.58 -11.87 39.43
C THR A 394 -5.44 -10.77 38.83
N PHE A 395 -5.82 -10.95 37.57
CA PHE A 395 -6.78 -10.07 36.90
C PHE A 395 -8.14 -10.75 36.95
N ILE A 396 -9.16 -10.01 37.34
CA ILE A 396 -10.46 -10.56 37.69
C ILE A 396 -11.54 -9.81 36.94
N GLY A 397 -12.41 -10.56 36.26
CA GLY A 397 -13.59 -9.99 35.63
C GLY A 397 -14.86 -10.59 36.23
N LEU A 398 -15.93 -9.80 36.22
CA LEU A 398 -17.19 -10.22 36.81
C LEU A 398 -18.34 -9.84 35.88
N GLU A 399 -19.16 -10.82 35.51
CA GLU A 399 -20.30 -10.63 34.63
C GLU A 399 -21.57 -11.04 35.36
N MET A 400 -22.48 -10.10 35.56
CA MET A 400 -23.75 -10.36 36.23
C MET A 400 -24.90 -10.37 35.23
N CYS A 401 -25.93 -11.16 35.52
CA CYS A 401 -27.17 -11.07 34.77
C CYS A 401 -27.97 -9.87 35.27
N SER A 402 -28.58 -9.14 34.33
CA SER A 402 -29.17 -7.86 34.68
C SER A 402 -30.43 -7.62 33.87
N THR A 403 -31.26 -6.71 34.38
CA THR A 403 -32.46 -6.24 33.68
C THR A 403 -32.68 -4.80 34.09
N GLY A 404 -32.72 -3.90 33.12
CA GLY A 404 -32.86 -2.49 33.44
C GLY A 404 -31.70 -2.02 34.29
N THR A 405 -32.01 -1.41 35.44
CA THR A 405 -30.99 -0.91 36.37
C THR A 405 -30.75 -1.86 37.53
N SER A 406 -31.17 -3.12 37.43
CA SER A 406 -31.11 -4.03 38.55
C SER A 406 -30.42 -5.34 38.18
N LEU A 407 -29.77 -5.93 39.17
CA LEU A 407 -29.23 -7.27 39.04
C LEU A 407 -30.34 -8.29 39.25
N THR A 408 -30.47 -9.24 38.35
CA THR A 408 -31.46 -10.30 38.44
C THR A 408 -30.78 -11.66 38.38
N ALA A 409 -31.49 -12.67 38.86
CA ALA A 409 -30.98 -14.04 38.82
C ALA A 409 -30.79 -14.48 37.36
N CYS A 410 -29.81 -15.35 37.15
CA CYS A 410 -29.41 -15.72 35.80
C CYS A 410 -30.38 -16.74 35.22
N THR A 411 -30.85 -16.48 34.00
CA THR A 411 -31.68 -17.43 33.27
C THR A 411 -31.08 -17.72 31.90
N VAL A 412 -31.82 -18.45 31.07
CA VAL A 412 -31.28 -18.95 29.81
C VAL A 412 -31.00 -17.82 28.83
N ASP A 413 -31.92 -16.85 28.75
CA ASP A 413 -31.81 -15.75 27.80
C ASP A 413 -31.61 -14.41 28.49
N SER A 414 -31.01 -14.42 29.68
CA SER A 414 -30.84 -13.21 30.46
C SER A 414 -29.81 -12.28 29.80
N ALA A 415 -30.06 -10.98 29.91
CA ALA A 415 -29.05 -10.00 29.56
C ALA A 415 -27.99 -9.93 30.65
N THR A 416 -26.78 -9.53 30.27
CA THR A 416 -25.66 -9.50 31.20
C THR A 416 -24.92 -8.17 31.11
N THR A 417 -24.19 -7.87 32.17
CA THR A 417 -23.44 -6.62 32.29
C THR A 417 -22.07 -6.93 32.87
N SER A 418 -21.01 -6.43 32.23
CA SER A 418 -19.67 -6.54 32.78
C SER A 418 -19.49 -5.51 33.90
N MET A 419 -18.96 -5.95 35.02
CA MET A 419 -18.77 -5.08 36.17
C MET A 419 -17.34 -4.54 36.19
N LYS A 420 -17.00 -3.84 37.27
CA LYS A 420 -15.64 -3.31 37.43
C LYS A 420 -14.66 -4.46 37.60
N ALA A 421 -13.61 -4.46 36.78
CA ALA A 421 -12.57 -5.46 36.93
C ALA A 421 -11.77 -5.19 38.19
N GLU A 422 -11.06 -6.21 38.66
CA GLU A 422 -10.24 -6.11 39.86
C GLU A 422 -8.85 -6.65 39.57
N LEU A 423 -7.85 -6.07 40.23
CA LEU A 423 -6.45 -6.46 40.09
C LEU A 423 -5.84 -6.58 41.47
N ALA A 424 -5.22 -7.73 41.74
CA ALA A 424 -4.63 -8.00 43.05
C ALA A 424 -3.20 -8.51 42.89
N PHE A 425 -2.38 -8.24 43.92
CA PHE A 425 -0.99 -8.68 43.93
C PHE A 425 -0.70 -9.43 45.23
N GLY A 426 0.25 -10.35 45.16
CA GLY A 426 0.72 -11.07 46.33
C GLY A 426 2.11 -11.62 46.10
N THR A 427 2.76 -12.01 47.20
CA THR A 427 4.11 -12.55 47.12
C THR A 427 4.22 -13.84 47.92
N LYS A 428 5.27 -14.60 47.60
CA LYS A 428 5.68 -15.74 48.40
C LYS A 428 6.57 -15.34 49.56
N SER A 429 7.42 -14.34 49.36
CA SER A 429 8.34 -13.91 50.42
C SER A 429 7.60 -13.22 51.56
N GLY A 430 6.53 -12.49 51.26
CA GLY A 430 5.86 -11.65 52.23
C GLY A 430 6.30 -10.20 52.18
N ASN A 431 7.29 -9.88 51.36
CA ASN A 431 7.67 -8.50 51.13
C ASN A 431 6.58 -7.80 50.32
N ALA A 432 6.76 -6.49 50.14
CA ALA A 432 5.85 -5.71 49.32
C ALA A 432 5.87 -6.21 47.89
N PRO A 433 4.73 -6.31 47.23
CA PRO A 433 4.69 -6.82 45.85
C PRO A 433 5.21 -5.80 44.86
N SER A 434 5.80 -6.32 43.77
CA SER A 434 6.08 -5.50 42.62
C SER A 434 4.80 -5.22 41.84
N MET A 435 4.83 -4.17 41.03
CA MET A 435 3.69 -3.80 40.19
C MET A 435 4.21 -3.23 38.89
N ARG A 436 3.46 -3.45 37.82
CA ARG A 436 3.84 -2.95 36.51
C ARG A 436 3.74 -1.43 36.48
N HIS A 437 4.59 -0.81 35.66
CA HIS A 437 4.49 0.63 35.44
C HIS A 437 3.17 0.97 34.77
N VAL A 438 2.63 2.14 35.12
CA VAL A 438 1.38 2.63 34.55
C VAL A 438 1.54 4.09 34.18
N ASN A 439 2.78 4.59 34.22
CA ASN A 439 3.06 6.01 34.05
C ASN A 439 3.12 6.45 32.58
N SER A 440 2.77 5.59 31.62
CA SER A 440 2.85 5.95 30.22
C SER A 440 1.56 5.77 29.44
N VAL A 441 0.62 4.95 29.92
CA VAL A 441 -0.68 4.73 29.30
C VAL A 441 -1.74 4.86 30.37
N ASN A 442 -2.54 5.93 30.29
CA ASN A 442 -3.62 6.21 31.23
C ASN A 442 -4.94 5.90 30.54
N PHE A 443 -5.77 5.06 31.16
CA PHE A 443 -7.00 4.60 30.52
C PHE A 443 -7.96 5.73 30.22
N SER A 444 -7.81 6.89 30.87
CA SER A 444 -8.66 8.04 30.56
C SER A 444 -8.58 8.41 29.08
N THR A 445 -7.41 8.22 28.45
CA THR A 445 -7.26 8.53 27.03
C THR A 445 -8.06 7.60 26.14
N CYS A 446 -8.49 6.45 26.65
CA CYS A 446 -9.29 5.51 25.87
C CYS A 446 -10.77 5.87 25.82
N GLN A 447 -11.25 6.68 26.78
CA GLN A 447 -12.68 6.81 26.98
C GLN A 447 -13.35 7.74 25.97
N GLY A 448 -12.62 8.69 25.39
CA GLY A 448 -13.21 9.53 24.36
C GLY A 448 -13.72 8.72 23.18
N CYS A 449 -12.96 7.71 22.77
CA CYS A 449 -13.39 6.88 21.65
C CYS A 449 -14.29 5.75 22.12
N HIS A 450 -14.00 5.16 23.28
CA HIS A 450 -14.62 3.92 23.70
C HIS A 450 -15.65 4.07 24.80
N SER A 451 -15.85 5.29 25.33
CA SER A 451 -16.78 5.58 26.43
C SER A 451 -16.27 5.02 27.76
N ASP A 452 -16.93 5.40 28.85
CA ASP A 452 -16.58 4.94 30.19
C ASP A 452 -17.37 3.72 30.61
N THR A 453 -18.05 3.05 29.69
CA THR A 453 -18.64 1.74 29.94
C THR A 453 -18.13 0.74 28.91
N PHE A 454 -16.84 0.83 28.61
CA PHE A 454 -16.18 -0.11 27.71
C PHE A 454 -16.10 -1.48 28.37
N GLU A 455 -16.93 -2.42 27.91
CA GLU A 455 -16.92 -3.79 28.44
C GLU A 455 -15.93 -4.62 27.64
N ILE A 456 -14.65 -4.42 27.92
CA ILE A 456 -13.60 -5.03 27.13
C ILE A 456 -13.71 -6.55 27.22
N HIS A 457 -13.83 -7.19 26.06
CA HIS A 457 -13.90 -8.64 25.90
C HIS A 457 -15.19 -9.23 26.40
N LYS A 458 -16.26 -8.43 26.47
CA LYS A 458 -17.59 -9.00 26.62
C LYS A 458 -17.87 -9.87 25.40
N GLY A 459 -18.54 -11.00 25.63
CA GLY A 459 -18.79 -11.94 24.55
C GLY A 459 -18.24 -13.31 24.86
N HIS A 460 -16.93 -13.47 24.66
CA HIS A 460 -16.27 -14.72 24.99
C HIS A 460 -15.70 -14.74 26.41
N HIS A 461 -15.78 -13.62 27.13
CA HIS A 461 -15.27 -13.54 28.49
C HIS A 461 -16.28 -12.80 29.36
N SER A 462 -16.00 -12.78 30.66
CA SER A 462 -16.85 -12.03 31.58
C SER A 462 -16.96 -10.57 31.18
N GLY A 463 -15.86 -10.00 30.69
CA GLY A 463 -15.84 -8.58 30.38
C GLY A 463 -15.15 -7.80 31.47
N PHE A 464 -14.40 -6.77 31.08
CA PHE A 464 -13.58 -6.00 32.01
C PHE A 464 -13.89 -4.53 31.81
N VAL A 465 -14.35 -3.87 32.86
CA VAL A 465 -14.56 -2.42 32.87
C VAL A 465 -13.49 -1.82 33.77
N MET A 466 -12.68 -0.92 33.21
CA MET A 466 -11.46 -0.45 33.87
C MET A 466 -11.76 0.86 34.60
N THR A 467 -11.72 0.82 35.94
CA THR A 467 -11.99 1.99 36.78
C THR A 467 -10.87 2.19 37.80
N GLU A 468 -11.04 3.10 38.76
CA GLU A 468 -10.08 3.21 39.88
C GLU A 468 -9.98 1.96 40.72
N GLN A 469 -10.91 1.02 40.55
CA GLN A 469 -10.86 -0.20 41.34
C GLN A 469 -9.56 -0.96 41.09
N VAL A 470 -8.94 -0.80 39.92
CA VAL A 470 -7.67 -1.45 39.62
C VAL A 470 -6.48 -0.49 39.77
N SER A 471 -6.71 0.71 40.27
CA SER A 471 -5.65 1.70 40.37
C SER A 471 -4.72 1.42 41.54
N HIS A 472 -3.43 1.68 41.34
CA HIS A 472 -2.44 1.58 42.41
C HIS A 472 -1.38 2.69 42.32
N ALA A 473 -1.70 3.80 41.65
CA ALA A 473 -0.79 4.93 41.54
C ALA A 473 -1.61 6.18 41.27
N LYS A 474 -0.99 7.33 41.52
CA LYS A 474 -1.61 8.62 41.31
C LYS A 474 -0.78 9.45 40.34
N ASP A 475 -1.44 10.32 39.58
CA ASP A 475 -0.74 11.14 38.60
C ASP A 475 -0.19 12.41 39.27
N ALA A 476 0.31 13.33 38.45
CA ALA A 476 0.97 14.52 38.98
C ALA A 476 0.01 15.40 39.78
N ASN A 477 -1.29 15.33 39.50
CA ASN A 477 -2.28 16.12 40.20
C ASN A 477 -2.94 15.34 41.33
N GLY A 478 -2.36 14.23 41.75
CA GLY A 478 -2.92 13.41 42.81
C GLY A 478 -4.10 12.55 42.42
N LYS A 479 -4.46 12.53 41.13
CA LYS A 479 -5.60 11.75 40.67
C LYS A 479 -5.18 10.31 40.39
N ALA A 480 -6.03 9.36 40.78
CA ALA A 480 -5.75 7.95 40.57
C ALA A 480 -5.56 7.65 39.09
N ILE A 481 -4.54 6.86 38.79
CA ILE A 481 -4.29 6.41 37.43
C ILE A 481 -4.97 5.05 37.24
N VAL A 482 -5.84 4.96 36.24
CA VAL A 482 -6.41 3.69 35.83
C VAL A 482 -5.52 3.13 34.72
N GLY A 483 -4.79 2.06 35.01
CA GLY A 483 -3.88 1.46 34.07
C GLY A 483 -4.48 0.25 33.36
N VAL A 484 -3.81 -0.16 32.29
CA VAL A 484 -4.15 -1.39 31.60
C VAL A 484 -3.16 -2.51 31.92
N ASP A 485 -2.48 -2.42 33.08
CA ASP A 485 -1.45 -3.40 33.42
C ASP A 485 -2.02 -4.78 33.74
N GLY A 486 -3.31 -4.86 34.11
CA GLY A 486 -3.89 -6.17 34.36
C GLY A 486 -3.98 -7.04 33.13
N CYS A 487 -4.01 -6.43 31.93
CA CYS A 487 -4.22 -7.19 30.71
C CYS A 487 -3.07 -8.14 30.40
N VAL A 488 -1.86 -7.87 30.90
CA VAL A 488 -0.73 -8.75 30.63
C VAL A 488 -0.87 -10.12 31.29
N ALA A 489 -1.89 -10.32 32.12
CA ALA A 489 -2.14 -11.66 32.67
C ALA A 489 -2.33 -12.69 31.56
N CYS A 490 -2.97 -12.30 30.46
CA CYS A 490 -3.14 -13.15 29.28
C CYS A 490 -2.23 -12.77 28.13
N HIS A 491 -1.98 -11.47 27.95
CA HIS A 491 -1.13 -10.97 26.87
C HIS A 491 0.33 -11.05 27.30
N THR A 492 0.78 -12.28 27.46
CA THR A 492 2.10 -12.60 27.97
C THR A 492 3.15 -12.37 26.90
N PRO A 493 4.43 -12.26 27.28
CA PRO A 493 5.50 -12.22 26.28
C PRO A 493 5.41 -13.37 25.28
N ASP A 494 4.93 -14.54 25.71
CA ASP A 494 4.83 -15.71 24.86
C ASP A 494 3.58 -15.73 24.00
N GLY A 495 2.81 -14.64 23.98
CA GLY A 495 1.62 -14.56 23.14
C GLY A 495 0.37 -14.95 23.90
N THR A 496 -0.72 -15.10 23.14
CA THR A 496 -1.94 -15.69 23.64
C THR A 496 -2.01 -17.15 23.15
N TYR A 497 -3.13 -17.62 22.59
CA TYR A 497 -3.25 -19.06 22.36
C TYR A 497 -2.36 -19.54 21.21
N ALA A 498 -2.06 -18.68 20.25
CA ALA A 498 -1.25 -19.08 19.10
C ALA A 498 0.25 -18.96 19.35
N SER A 499 0.65 -18.65 20.59
CA SER A 499 2.05 -18.71 21.03
C SER A 499 2.97 -17.81 20.21
N GLY A 500 2.43 -16.69 19.72
CA GLY A 500 3.21 -15.70 18.99
C GLY A 500 2.70 -15.41 17.59
N ALA A 501 1.94 -16.33 16.99
CA ALA A 501 1.47 -16.11 15.62
C ALA A 501 0.57 -14.88 15.52
N ASN A 502 -0.08 -14.49 16.62
CA ASN A 502 -0.94 -13.31 16.63
C ASN A 502 -0.34 -12.16 17.42
N LYS A 503 0.96 -12.21 17.72
CA LYS A 503 1.67 -11.16 18.46
C LYS A 503 0.90 -10.76 19.72
N GLY A 504 0.66 -11.77 20.57
CA GLY A 504 -0.23 -11.60 21.71
C GLY A 504 0.27 -10.65 22.78
N ALA A 505 1.59 -10.46 22.88
CA ALA A 505 2.15 -9.64 23.95
C ALA A 505 1.54 -8.24 23.94
N PHE A 506 1.19 -7.75 25.14
CA PHE A 506 0.54 -6.46 25.27
C PHE A 506 1.39 -5.32 24.70
N GLU A 507 2.72 -5.44 24.78
CA GLU A 507 3.62 -4.47 24.18
C GLU A 507 3.37 -4.28 22.68
N MET A 508 2.78 -5.26 22.01
CA MET A 508 2.49 -5.15 20.59
C MET A 508 1.01 -5.07 20.26
N LYS A 509 0.15 -5.64 21.13
CA LYS A 509 -1.22 -5.97 20.75
C LYS A 509 -2.04 -4.73 20.40
N LEU A 510 -1.93 -3.66 21.19
CA LEU A 510 -2.75 -2.49 20.88
C LEU A 510 -2.20 -1.69 19.70
N HIS A 511 -0.88 -1.73 19.48
CA HIS A 511 -0.34 -1.12 18.27
C HIS A 511 -0.84 -1.82 17.02
N VAL A 512 -0.89 -3.15 17.07
CA VAL A 512 -1.30 -3.92 15.90
C VAL A 512 -2.75 -3.59 15.54
N ILE A 513 -3.64 -3.67 16.52
CA ILE A 513 -5.06 -3.51 16.22
C ILE A 513 -5.39 -2.07 15.84
N HIS A 514 -4.63 -1.09 16.35
CA HIS A 514 -4.88 0.32 16.06
C HIS A 514 -4.07 0.86 14.89
N GLY A 515 -2.96 0.21 14.54
CA GLY A 515 -2.18 0.63 13.39
C GLY A 515 -2.96 0.66 12.10
N GLU A 516 -4.11 -0.02 12.05
CA GLU A 516 -4.92 -0.11 10.84
C GLU A 516 -6.17 0.77 10.90
N GLN A 517 -6.30 1.61 11.92
CA GLN A 517 -7.49 2.44 12.12
C GLN A 517 -7.16 3.89 11.82
N GLY A 518 -7.96 4.49 10.93
CA GLY A 518 -7.67 5.84 10.46
C GLY A 518 -7.74 6.91 11.53
N VAL A 519 -8.59 6.73 12.55
CA VAL A 519 -8.70 7.73 13.61
C VAL A 519 -7.48 7.77 14.51
N ILE A 520 -6.62 6.76 14.45
CA ILE A 520 -5.39 6.74 15.24
C ILE A 520 -4.27 7.30 14.38
N LYS A 521 -3.74 8.47 14.76
CA LYS A 521 -2.70 9.13 13.99
C LYS A 521 -1.52 9.63 14.82
N GLU A 522 -1.65 9.75 16.14
CA GLU A 522 -0.57 10.26 16.97
C GLU A 522 -0.43 9.39 18.20
N CYS A 523 0.82 9.27 18.68
CA CYS A 523 1.08 8.46 19.86
C CYS A 523 0.40 9.05 21.10
N THR A 524 0.17 10.36 21.11
CA THR A 524 -0.43 11.03 22.27
C THR A 524 -1.88 10.65 22.47
N GLN A 525 -2.51 9.95 21.53
CA GLN A 525 -3.88 9.51 21.74
C GLN A 525 -3.99 8.40 22.79
N CYS A 526 -2.87 7.81 23.19
CA CYS A 526 -2.83 6.90 24.32
C CYS A 526 -1.69 7.18 25.28
N HIS A 527 -0.64 7.90 24.85
CA HIS A 527 0.58 8.08 25.62
C HIS A 527 0.69 9.49 26.19
N ASN A 528 0.86 9.57 27.50
CA ASN A 528 1.35 10.77 28.17
C ASN A 528 2.86 10.80 28.27
N ASP A 529 3.51 9.67 28.00
CA ASP A 529 4.96 9.50 28.17
C ASP A 529 5.33 8.16 27.53
N PHE A 530 6.64 7.96 27.37
CA PHE A 530 7.20 6.67 26.97
C PHE A 530 8.08 6.18 28.11
N ASN A 531 7.81 4.97 28.61
CA ASN A 531 8.64 4.39 29.67
C ASN A 531 9.69 3.49 29.02
N LEU A 532 10.70 4.14 28.43
CA LEU A 532 11.76 3.40 27.74
C LEU A 532 12.62 2.61 28.72
N ASP A 533 12.65 3.00 29.99
CA ASP A 533 13.36 2.23 31.00
C ASP A 533 12.72 0.86 31.24
N ALA A 534 11.43 0.70 30.94
CA ALA A 534 10.80 -0.59 31.14
C ALA A 534 11.42 -1.68 30.28
N PHE A 535 12.04 -1.31 29.16
CA PHE A 535 12.68 -2.30 28.31
C PHE A 535 13.85 -2.99 29.00
N LYS A 536 14.44 -2.36 30.01
CA LYS A 536 15.54 -2.98 30.75
C LYS A 536 15.12 -4.23 31.50
N VAL A 537 13.83 -4.37 31.84
CA VAL A 537 13.35 -5.52 32.60
C VAL A 537 12.56 -6.48 31.72
N LYS A 538 12.63 -6.33 30.40
CA LYS A 538 11.91 -7.18 29.46
C LYS A 538 12.87 -8.19 28.83
N GLY A 539 12.35 -9.39 28.60
CA GLY A 539 12.98 -10.35 27.72
C GLY A 539 12.42 -10.27 26.33
N ALA A 540 12.68 -11.30 25.54
CA ALA A 540 12.19 -11.32 24.16
C ALA A 540 10.70 -11.57 24.12
N LEU A 541 10.07 -11.12 23.03
CA LEU A 541 8.65 -11.31 22.79
C LEU A 541 8.44 -12.24 21.61
N ALA A 542 7.40 -13.08 21.71
CA ALA A 542 7.06 -14.00 20.63
C ALA A 542 6.34 -13.24 19.52
N THR A 543 6.96 -13.19 18.34
CA THR A 543 6.39 -12.50 17.19
C THR A 543 5.85 -13.45 16.12
N SER A 544 6.13 -14.74 16.21
CA SER A 544 5.47 -15.77 15.41
C SER A 544 5.42 -17.02 16.26
N ALA A 545 4.76 -18.07 15.74
CA ALA A 545 4.57 -19.30 16.50
C ALA A 545 5.90 -19.88 16.98
N GLY A 546 6.20 -19.71 18.26
CA GLY A 546 7.41 -20.27 18.83
C GLY A 546 8.69 -19.50 18.57
N LYS A 547 8.63 -18.39 17.84
CA LYS A 547 9.81 -17.61 17.49
C LYS A 547 9.78 -16.24 18.17
N TYR A 548 10.97 -15.73 18.49
CA TYR A 548 11.08 -14.63 19.43
C TYR A 548 11.94 -13.50 18.86
N THR A 549 11.69 -12.30 19.38
CA THR A 549 12.30 -11.07 18.91
C THR A 549 12.67 -10.20 20.10
N THR A 550 13.84 -9.56 20.03
CA THR A 550 14.27 -8.67 21.10
C THR A 550 13.25 -7.55 21.30
N PRO A 551 13.09 -7.05 22.54
CA PRO A 551 11.83 -6.37 22.89
C PRO A 551 11.59 -5.04 22.21
N ILE A 552 12.61 -4.18 22.09
CA ILE A 552 12.40 -2.90 21.40
C ILE A 552 11.99 -3.15 19.96
N THR A 553 12.71 -4.05 19.29
CA THR A 553 12.39 -4.38 17.90
C THR A 553 10.99 -4.96 17.77
N ALA A 554 10.59 -5.83 18.71
CA ALA A 554 9.26 -6.41 18.64
C ALA A 554 8.18 -5.34 18.76
N THR A 555 8.43 -4.31 19.57
CA THR A 555 7.44 -3.25 19.76
C THR A 555 7.33 -2.37 18.51
N CYS A 556 8.47 -1.86 18.02
CA CYS A 556 8.45 -1.01 16.84
C CYS A 556 7.94 -1.75 15.61
N THR A 557 8.21 -3.05 15.51
CA THR A 557 7.75 -3.79 14.34
C THR A 557 6.28 -4.22 14.47
N SER A 558 5.57 -3.79 15.52
CA SER A 558 4.12 -3.90 15.49
C SER A 558 3.54 -3.20 14.28
N CYS A 559 4.09 -2.05 13.93
CA CYS A 559 3.64 -1.27 12.79
C CYS A 559 4.62 -1.27 11.62
N HIS A 560 5.92 -1.30 11.90
CA HIS A 560 6.96 -1.27 10.87
C HIS A 560 7.37 -2.68 10.48
N ALA A 561 7.19 -3.03 9.21
CA ALA A 561 7.75 -4.27 8.71
C ALA A 561 9.25 -4.28 8.96
N PRO A 562 9.81 -5.39 9.46
CA PRO A 562 11.25 -5.40 9.78
C PRO A 562 12.13 -5.09 8.58
N GLU A 563 11.76 -5.57 7.39
CA GLU A 563 12.59 -5.33 6.22
C GLU A 563 12.56 -3.87 5.78
N SER A 564 11.62 -3.08 6.29
CA SER A 564 11.54 -1.67 5.92
C SER A 564 12.52 -0.79 6.69
N ILE A 565 13.22 -1.35 7.68
CA ILE A 565 14.18 -0.62 8.49
C ILE A 565 15.52 -0.66 7.75
N GLY A 566 15.84 0.44 7.05
CA GLY A 566 16.94 0.42 6.10
C GLY A 566 18.28 0.03 6.70
N HIS A 567 18.59 0.54 7.89
CA HIS A 567 19.89 0.26 8.50
C HIS A 567 20.01 -1.17 9.03
N GLY A 568 18.95 -1.97 8.93
CA GLY A 568 19.00 -3.35 9.36
C GLY A 568 18.98 -3.50 10.87
N LEU A 569 18.93 -4.76 11.31
CA LEU A 569 18.84 -5.07 12.73
C LEU A 569 20.04 -5.84 13.28
N GLU A 570 20.82 -6.52 12.42
CA GLU A 570 21.95 -7.30 12.91
C GLU A 570 23.01 -6.41 13.56
N ASN A 571 23.31 -5.26 12.95
CA ASN A 571 24.31 -4.36 13.51
C ASN A 571 23.86 -3.72 14.82
N MET A 572 22.56 -3.70 15.10
CA MET A 572 22.00 -3.03 16.26
C MET A 572 21.80 -3.97 17.44
N GLY A 573 22.23 -5.21 17.35
CA GLY A 573 22.14 -6.15 18.44
C GLY A 573 20.84 -6.90 18.56
N ALA A 574 19.93 -6.78 17.59
CA ALA A 574 18.61 -7.36 17.70
C ALA A 574 18.55 -8.74 17.04
N ILE A 575 17.51 -9.49 17.42
CA ILE A 575 17.21 -10.80 16.86
C ILE A 575 15.74 -10.81 16.44
N VAL A 576 15.47 -11.29 15.24
CA VAL A 576 14.12 -11.25 14.66
C VAL A 576 13.69 -12.68 14.38
N ASN A 577 12.70 -13.17 15.14
CA ASN A 577 12.13 -14.51 14.97
C ASN A 577 13.21 -15.58 15.05
N GLY A 578 13.98 -15.54 16.14
CA GLY A 578 14.99 -16.53 16.43
C GLY A 578 14.55 -17.49 17.53
N ASP A 579 15.54 -18.19 18.09
CA ASP A 579 15.28 -19.11 19.18
C ASP A 579 14.98 -18.33 20.47
N TYR A 580 14.26 -19.00 21.38
CA TYR A 580 13.93 -18.40 22.67
C TYR A 580 15.18 -17.93 23.39
N VAL A 581 16.12 -18.85 23.64
CA VAL A 581 17.33 -18.49 24.37
C VAL A 581 18.12 -17.44 23.61
N GLN A 582 18.29 -17.63 22.30
CA GLN A 582 19.09 -16.71 21.49
C GLN A 582 18.53 -15.29 21.56
N ALA A 583 17.23 -15.14 21.32
CA ALA A 583 16.63 -13.81 21.38
C ALA A 583 16.71 -13.23 22.77
N ASN A 584 16.47 -14.04 23.80
CA ASN A 584 16.54 -13.55 25.17
C ASN A 584 17.97 -13.18 25.57
N GLN A 585 18.97 -13.85 24.99
CA GLN A 585 20.35 -13.49 25.26
C GLN A 585 20.70 -12.10 24.73
N ALA A 586 20.06 -11.70 23.63
CA ALA A 586 20.31 -10.41 23.01
C ALA A 586 19.33 -9.33 23.46
N ALA A 587 18.49 -9.63 24.47
CA ALA A 587 17.39 -8.72 24.80
C ALA A 587 17.90 -7.37 25.29
N GLN A 588 19.01 -7.36 26.04
CA GLN A 588 19.60 -6.12 26.52
C GLN A 588 20.77 -5.67 25.65
N SER A 589 20.85 -6.14 24.41
CA SER A 589 21.91 -5.73 23.49
C SER A 589 21.43 -4.76 22.41
N GLU A 590 20.16 -4.34 22.46
CA GLU A 590 19.63 -3.43 21.45
C GLU A 590 20.16 -2.02 21.69
N THR A 591 20.70 -1.41 20.64
CA THR A 591 21.30 -0.08 20.72
C THR A 591 20.36 1.02 20.25
N CYS A 592 19.06 0.70 20.10
CA CYS A 592 18.15 1.58 19.37
C CYS A 592 18.09 2.98 19.98
N PHE A 593 18.17 3.08 21.31
CA PHE A 593 17.94 4.37 21.95
C PHE A 593 19.19 5.22 22.02
N TYR A 594 20.34 4.73 21.55
CA TYR A 594 21.48 5.61 21.34
C TYR A 594 21.17 6.67 20.30
N CYS A 595 20.37 6.33 19.29
CA CYS A 595 19.98 7.26 18.24
C CYS A 595 18.53 7.72 18.36
N HIS A 596 17.61 6.81 18.71
CA HIS A 596 16.21 7.17 18.79
C HIS A 596 15.88 7.85 20.11
N LYS A 597 15.29 9.03 20.03
CA LYS A 597 14.81 9.76 21.21
C LYS A 597 13.33 10.06 21.03
N PRO A 598 12.47 9.05 21.08
CA PRO A 598 11.05 9.29 20.84
C PRO A 598 10.37 10.01 22.00
N THR A 599 9.51 10.96 21.66
CA THR A 599 8.49 11.49 22.55
C THR A 599 7.13 11.15 21.97
N PRO A 600 6.10 11.03 22.82
CA PRO A 600 4.75 10.79 22.28
C PRO A 600 4.33 11.81 21.23
N THR A 601 4.83 13.05 21.32
CA THR A 601 4.48 14.07 20.35
C THR A 601 5.15 13.84 19.00
N ASP A 602 6.42 13.45 19.02
CA ASP A 602 7.14 13.09 17.80
C ASP A 602 8.07 11.94 18.15
N HIS A 603 7.64 10.72 17.87
CA HIS A 603 8.44 9.53 18.19
C HIS A 603 9.52 9.24 17.16
N THR A 604 9.56 9.99 16.06
CA THR A 604 10.56 9.79 15.01
C THR A 604 11.85 10.54 15.26
N GLN A 605 11.98 11.20 16.40
CA GLN A 605 13.15 12.03 16.67
C GLN A 605 14.39 11.13 16.80
N VAL A 606 15.46 11.52 16.11
CA VAL A 606 16.72 10.79 16.16
C VAL A 606 17.84 11.76 16.47
N LYS A 607 18.83 11.27 17.21
CA LYS A 607 20.03 12.04 17.54
C LYS A 607 21.09 11.71 16.49
N MET A 608 21.41 12.68 15.64
CA MET A 608 22.42 12.52 14.59
C MET A 608 23.74 13.09 15.08
N ALA B 1 -36.54 11.15 -4.24
CA ALA B 1 -35.98 9.88 -3.77
C ALA B 1 -35.65 8.89 -4.91
N PRO B 2 -36.57 8.69 -5.89
CA PRO B 2 -36.23 7.79 -7.00
C PRO B 2 -35.06 8.32 -7.83
N ALA B 3 -33.85 8.20 -7.28
CA ALA B 3 -32.65 8.70 -7.95
C ALA B 3 -32.56 8.16 -9.36
N ILE B 4 -32.25 9.05 -10.31
CA ILE B 4 -32.24 8.67 -11.71
C ILE B 4 -31.21 7.57 -11.95
N GLN B 5 -31.66 6.47 -12.53
CA GLN B 5 -30.76 5.35 -12.81
C GLN B 5 -29.98 5.60 -14.09
N ILE B 6 -30.67 5.83 -15.20
CA ILE B 6 -30.06 5.96 -16.52
C ILE B 6 -30.49 7.27 -17.14
N LEU B 7 -29.55 7.95 -17.79
CA LEU B 7 -29.84 9.12 -18.62
C LEU B 7 -29.77 8.69 -20.08
N ASN B 8 -30.87 8.84 -20.80
CA ASN B 8 -30.94 8.53 -22.23
C ASN B 8 -30.97 9.83 -23.02
N PHE B 9 -30.08 9.92 -24.01
CA PHE B 9 -29.97 11.11 -24.85
C PHE B 9 -30.50 10.80 -26.24
N THR B 10 -31.35 11.70 -26.76
CA THR B 10 -31.78 11.65 -28.16
C THR B 10 -31.39 12.97 -28.82
N PHE B 11 -30.59 12.90 -29.87
CA PHE B 11 -30.11 14.10 -30.55
C PHE B 11 -31.08 14.47 -31.67
N ASP B 12 -31.59 15.69 -31.62
CA ASP B 12 -32.60 16.15 -32.57
C ASP B 12 -32.03 17.04 -33.66
N LYS B 13 -31.04 17.87 -33.34
CA LYS B 13 -30.36 18.68 -34.34
C LYS B 13 -28.92 18.89 -33.90
N SER B 14 -27.98 18.59 -34.79
CA SER B 14 -26.55 18.79 -34.53
C SER B 14 -25.91 19.31 -35.80
N VAL B 15 -25.34 20.52 -35.75
CA VAL B 15 -24.82 21.20 -36.92
C VAL B 15 -23.62 22.06 -36.53
N ILE B 16 -22.88 22.47 -37.55
CA ILE B 16 -21.89 23.55 -37.43
C ILE B 16 -22.40 24.69 -38.30
N THR B 17 -22.67 25.83 -37.67
CA THR B 17 -23.16 27.01 -38.38
C THR B 17 -22.04 28.04 -38.36
N ASN B 18 -21.39 28.24 -39.51
CA ASN B 18 -20.30 29.20 -39.67
C ASN B 18 -19.23 28.97 -38.59
N GLY B 19 -18.82 27.71 -38.44
CA GLY B 19 -17.72 27.36 -37.56
C GLY B 19 -18.08 27.09 -36.12
N VAL B 20 -19.33 27.22 -35.73
CA VAL B 20 -19.77 27.09 -34.34
C VAL B 20 -20.64 25.84 -34.22
N PRO B 21 -20.29 24.88 -33.37
CA PRO B 21 -21.15 23.72 -33.15
C PRO B 21 -22.33 24.04 -32.23
N SER B 22 -23.42 23.31 -32.45
CA SER B 22 -24.59 23.40 -31.59
C SER B 22 -25.35 22.07 -31.65
N VAL B 23 -25.86 21.63 -30.51
CA VAL B 23 -26.66 20.42 -30.41
C VAL B 23 -27.98 20.74 -29.72
N GLU B 24 -29.07 20.13 -30.21
CA GLU B 24 -30.36 20.16 -29.56
C GLU B 24 -30.77 18.73 -29.27
N PHE B 25 -31.11 18.45 -28.01
CA PHE B 25 -31.28 17.06 -27.60
C PHE B 25 -32.35 16.94 -26.51
N THR B 26 -32.83 15.71 -26.34
CA THR B 26 -33.78 15.35 -25.31
C THR B 26 -33.14 14.34 -24.35
N VAL B 27 -33.39 14.52 -23.06
CA VAL B 27 -32.87 13.65 -22.01
C VAL B 27 -34.03 13.04 -21.25
N THR B 28 -34.06 11.72 -21.17
CA THR B 28 -35.09 10.98 -20.46
C THR B 28 -34.42 9.97 -19.52
N ASN B 29 -35.18 9.53 -18.52
CA ASN B 29 -34.66 8.60 -17.53
C ASN B 29 -34.98 7.17 -17.95
N GLU B 30 -34.80 6.22 -17.02
CA GLU B 30 -35.00 4.80 -17.30
C GLU B 30 -36.45 4.45 -17.60
N ASN B 31 -37.41 5.35 -17.32
CA ASN B 31 -38.82 5.09 -17.56
C ASN B 31 -39.39 5.98 -18.66
N ASP B 32 -38.53 6.49 -19.55
CA ASP B 32 -38.92 7.36 -20.66
C ASP B 32 -39.51 8.69 -20.19
N LEU B 33 -39.25 9.08 -18.93
CA LEU B 33 -39.78 10.34 -18.43
C LEU B 33 -38.76 11.47 -18.62
N PRO B 34 -39.22 12.67 -18.97
CA PRO B 34 -38.30 13.79 -19.16
C PRO B 34 -37.47 14.07 -17.92
N VAL B 35 -36.27 14.59 -18.14
CA VAL B 35 -35.33 14.95 -17.08
C VAL B 35 -35.17 16.47 -17.12
N VAL B 36 -35.63 17.14 -16.06
CA VAL B 36 -35.70 18.60 -16.02
C VAL B 36 -34.71 19.13 -15.00
N GLY B 37 -34.00 20.19 -15.38
CA GLY B 37 -33.16 20.91 -14.45
C GLY B 37 -31.71 20.48 -14.38
N LEU B 38 -31.19 19.79 -15.40
CA LEU B 38 -29.81 19.33 -15.37
C LEU B 38 -28.85 20.51 -15.24
N GLN B 39 -27.81 20.31 -14.43
CA GLN B 39 -26.99 21.42 -13.94
C GLN B 39 -25.62 21.54 -14.58
N LYS B 40 -24.88 20.43 -14.74
CA LYS B 40 -23.52 20.51 -15.27
C LYS B 40 -23.31 19.49 -16.37
N MET B 41 -22.71 19.93 -17.47
CA MET B 41 -22.39 19.08 -18.61
C MET B 41 -21.12 19.60 -19.27
N ARG B 42 -20.32 18.68 -19.78
CA ARG B 42 -19.15 19.01 -20.60
C ARG B 42 -19.44 18.64 -22.04
N PHE B 43 -19.17 19.57 -22.95
CA PHE B 43 -19.42 19.39 -24.37
C PHE B 43 -18.08 19.41 -25.10
N ALA B 44 -17.87 18.43 -25.99
CA ALA B 44 -16.64 18.31 -26.74
C ALA B 44 -16.98 18.19 -28.22
N ALA B 45 -16.07 18.68 -29.07
CA ALA B 45 -16.24 18.64 -30.51
C ALA B 45 -14.99 18.03 -31.14
N ALA B 46 -15.20 17.27 -32.21
CA ALA B 46 -14.10 16.60 -32.88
C ALA B 46 -14.44 16.38 -34.34
N GLN B 47 -13.40 16.06 -35.11
CA GLN B 47 -13.43 15.91 -36.56
C GLN B 47 -12.80 14.58 -36.94
N LEU B 48 -13.34 13.91 -37.96
CA LEU B 48 -12.83 12.60 -38.38
C LEU B 48 -12.21 12.67 -39.77
N ILE B 49 -10.89 12.49 -39.84
CA ILE B 49 -10.23 12.30 -41.14
C ILE B 49 -10.55 10.91 -41.66
N PRO B 50 -10.98 10.77 -42.91
CA PRO B 50 -11.32 9.44 -43.44
C PRO B 50 -10.07 8.60 -43.73
N GLN B 51 -10.29 7.32 -44.00
CA GLN B 51 -9.20 6.41 -44.30
C GLN B 51 -8.49 6.85 -45.58
N GLY B 52 -7.16 6.92 -45.51
CA GLY B 52 -6.34 7.22 -46.65
C GLY B 52 -6.11 8.69 -46.94
N ALA B 53 -6.83 9.59 -46.26
CA ALA B 53 -6.77 11.00 -46.61
C ALA B 53 -5.41 11.61 -46.27
N THR B 54 -4.80 11.18 -45.17
CA THR B 54 -3.49 11.67 -44.79
C THR B 54 -2.34 10.94 -45.46
N GLY B 55 -2.63 9.93 -46.27
CA GLY B 55 -1.60 9.12 -46.91
C GLY B 55 -2.14 7.72 -47.20
N ALA B 56 -1.60 7.11 -48.25
CA ALA B 56 -2.08 5.80 -48.70
C ALA B 56 -1.90 4.77 -47.59
N GLY B 57 -2.96 4.00 -47.32
CA GLY B 57 -2.94 3.01 -46.27
C GLY B 57 -3.15 3.52 -44.86
N ASN B 58 -3.23 4.83 -44.64
CA ASN B 58 -3.38 5.34 -43.29
C ASN B 58 -4.81 5.12 -42.77
N ALA B 59 -4.94 5.04 -41.45
CA ALA B 59 -6.22 4.81 -40.84
C ALA B 59 -7.03 6.10 -40.75
N SER B 60 -8.33 5.95 -40.53
CA SER B 60 -9.14 7.10 -40.15
C SER B 60 -8.68 7.62 -38.79
N GLN B 61 -8.87 8.91 -38.56
CA GLN B 61 -8.20 9.55 -37.43
C GLN B 61 -9.02 10.73 -36.93
N TRP B 62 -9.25 10.78 -35.62
CA TRP B 62 -9.95 11.92 -35.02
C TRP B 62 -9.00 13.10 -34.83
N GLN B 63 -9.56 14.30 -34.95
CA GLN B 63 -8.93 15.52 -34.44
C GLN B 63 -9.85 16.11 -33.39
N TYR B 64 -9.30 16.35 -32.20
CA TYR B 64 -10.06 16.78 -31.03
C TYR B 64 -9.95 18.30 -30.88
N PHE B 65 -11.04 19.01 -31.21
CA PHE B 65 -11.01 20.47 -31.17
C PHE B 65 -10.87 20.99 -29.74
N GLY B 66 -11.55 20.36 -28.78
CA GLY B 66 -11.56 20.82 -27.41
C GLY B 66 -12.91 20.64 -26.76
N ASP B 67 -13.03 21.03 -25.49
CA ASP B 67 -14.27 20.86 -24.76
C ASP B 67 -14.60 22.12 -23.97
N GLU B 68 -15.85 22.19 -23.51
CA GLU B 68 -16.34 23.28 -22.69
C GLU B 68 -17.21 22.70 -21.58
N THR B 69 -17.01 23.19 -20.36
CA THR B 69 -17.76 22.72 -19.19
C THR B 69 -18.77 23.78 -18.78
N CYS B 70 -20.05 23.42 -18.81
CA CYS B 70 -21.14 24.37 -18.52
C CYS B 70 -21.78 24.00 -17.18
N ASP B 71 -21.74 24.94 -16.24
CA ASP B 71 -22.44 24.84 -14.97
C ASP B 71 -23.54 25.89 -14.95
N VAL B 72 -24.79 25.46 -14.77
CA VAL B 72 -25.89 26.42 -14.66
C VAL B 72 -25.69 27.33 -13.45
N ALA B 73 -25.18 26.77 -12.36
CA ALA B 73 -24.93 27.55 -11.15
C ALA B 73 -23.63 28.34 -11.20
N ALA B 74 -22.73 28.02 -12.14
CA ALA B 74 -21.46 28.72 -12.21
C ALA B 74 -21.15 29.19 -13.63
N THR B 75 -19.91 29.04 -14.05
CA THR B 75 -19.49 29.52 -15.37
C THR B 75 -20.02 28.63 -16.47
N CYS B 76 -20.37 29.24 -17.61
CA CYS B 76 -20.78 28.52 -18.81
C CYS B 76 -20.29 29.27 -20.04
N PRO B 77 -19.27 28.74 -20.73
CA PRO B 77 -18.71 29.47 -21.89
C PRO B 77 -19.70 29.68 -23.00
N GLY B 78 -20.55 28.70 -23.30
CA GLY B 78 -21.51 28.78 -24.38
C GLY B 78 -22.88 29.21 -23.91
N THR B 79 -23.88 28.87 -24.73
CA THR B 79 -25.28 29.19 -24.45
C THR B 79 -26.02 27.88 -24.17
N PHE B 80 -26.29 27.62 -22.89
CA PHE B 80 -27.05 26.45 -22.47
C PHE B 80 -28.49 26.86 -22.20
N VAL B 81 -29.43 26.12 -22.76
CA VAL B 81 -30.86 26.41 -22.62
C VAL B 81 -31.57 25.15 -22.16
N ASP B 82 -32.23 25.23 -21.01
CA ASP B 82 -33.09 24.16 -20.51
C ASP B 82 -34.54 24.58 -20.75
N GLN B 83 -35.23 23.85 -21.63
CA GLN B 83 -36.59 24.18 -22.00
C GLN B 83 -37.64 23.61 -21.05
N LYS B 84 -37.20 23.05 -19.92
CA LYS B 84 -38.11 22.67 -18.83
C LYS B 84 -39.14 21.63 -19.29
N ASN B 85 -38.77 20.81 -20.27
CA ASN B 85 -39.65 19.74 -20.73
C ASN B 85 -38.87 18.50 -21.16
N GLY B 86 -37.61 18.38 -20.76
CA GLY B 86 -36.73 17.36 -21.28
C GLY B 86 -35.84 17.81 -22.42
N HIS B 87 -36.26 18.82 -23.17
CA HIS B 87 -35.48 19.30 -24.31
C HIS B 87 -34.43 20.29 -23.85
N TYR B 88 -33.24 20.21 -24.45
CA TYR B 88 -32.13 21.08 -24.15
C TYR B 88 -31.49 21.57 -25.45
N SER B 89 -30.60 22.53 -25.31
CA SER B 89 -29.82 23.02 -26.44
C SER B 89 -28.54 23.63 -25.91
N TYR B 90 -27.43 23.37 -26.60
CA TYR B 90 -26.16 23.97 -26.27
C TYR B 90 -25.51 24.51 -27.53
N THR B 91 -24.99 25.73 -27.44
CA THR B 91 -24.22 26.34 -28.51
C THR B 91 -22.84 26.64 -27.98
N PHE B 92 -21.82 26.11 -28.66
CA PHE B 92 -20.44 26.27 -28.21
C PHE B 92 -20.01 27.73 -28.27
N ASN B 93 -19.10 28.09 -27.37
CA ASN B 93 -18.37 29.35 -27.52
C ASN B 93 -17.31 29.23 -28.60
N MET B 94 -16.59 28.11 -28.63
CA MET B 94 -15.61 27.78 -29.66
C MET B 94 -16.11 28.11 -31.06
N ASN B 95 -15.22 28.68 -31.87
CA ASN B 95 -15.38 28.66 -33.32
C ASN B 95 -14.28 27.79 -33.88
N LEU B 96 -14.67 26.76 -34.64
CA LEU B 96 -13.72 25.77 -35.11
C LEU B 96 -12.68 26.36 -36.06
N THR B 97 -13.06 27.38 -36.84
CA THR B 97 -12.12 27.99 -37.76
C THR B 97 -11.00 28.76 -37.05
N ALA B 98 -11.10 28.95 -35.73
CA ALA B 98 -10.10 29.67 -34.96
C ALA B 98 -9.21 28.73 -34.15
N ASN B 99 -9.22 27.44 -34.46
CA ASN B 99 -8.33 26.49 -33.80
C ASN B 99 -6.92 26.62 -34.38
N ALA B 100 -5.93 26.54 -33.50
CA ALA B 100 -4.54 26.76 -33.93
C ALA B 100 -3.94 25.51 -34.56
N LYS B 101 -4.22 24.34 -33.98
CA LYS B 101 -3.57 23.11 -34.40
C LYS B 101 -4.38 22.30 -35.41
N ILE B 102 -5.67 22.58 -35.58
CA ILE B 102 -6.54 21.82 -36.47
C ILE B 102 -7.25 22.77 -37.41
N THR B 103 -7.25 22.45 -38.69
CA THR B 103 -8.00 23.22 -39.68
C THR B 103 -9.37 22.59 -39.86
N TYR B 104 -10.42 23.30 -39.45
CA TYR B 104 -11.77 22.79 -39.55
C TYR B 104 -12.18 22.63 -41.02
N ASN B 105 -12.84 21.51 -41.32
CA ASN B 105 -13.19 21.12 -42.69
C ASN B 105 -14.65 20.67 -42.72
N ASP B 106 -15.53 21.51 -43.28
CA ASP B 106 -16.95 21.19 -43.27
C ASP B 106 -17.31 20.05 -44.22
N GLN B 107 -16.34 19.41 -44.86
CA GLN B 107 -16.62 18.22 -45.64
C GLN B 107 -16.25 16.93 -44.90
N LEU B 108 -15.61 17.05 -43.73
CA LEU B 108 -15.34 15.90 -42.89
C LEU B 108 -16.50 15.66 -41.92
N ALA B 109 -16.65 14.40 -41.50
CA ALA B 109 -17.66 14.06 -40.51
C ALA B 109 -17.32 14.68 -39.16
N GLN B 110 -18.33 15.20 -38.47
CA GLN B 110 -18.15 15.88 -37.19
C GLN B 110 -18.76 15.07 -36.06
N ARG B 111 -18.31 15.35 -34.86
CA ARG B 111 -18.79 14.65 -33.67
C ARG B 111 -18.86 15.62 -32.49
N VAL B 112 -19.93 15.52 -31.72
CA VAL B 112 -20.06 16.20 -30.44
C VAL B 112 -20.33 15.16 -29.37
N LEU B 113 -19.55 15.21 -28.29
CA LEU B 113 -19.72 14.33 -27.14
C LEU B 113 -20.20 15.13 -25.94
N ILE B 114 -20.89 14.45 -25.03
CA ILE B 114 -21.44 15.07 -23.83
C ILE B 114 -21.12 14.17 -22.64
N ARG B 115 -20.59 14.77 -21.58
CA ARG B 115 -20.49 14.14 -20.27
C ARG B 115 -21.40 14.91 -19.32
N ALA B 116 -22.44 14.25 -18.81
CA ALA B 116 -23.31 14.83 -17.79
C ALA B 116 -22.74 14.48 -16.41
N TYR B 117 -22.37 15.50 -15.65
CA TYR B 117 -21.82 15.29 -14.32
C TYR B 117 -22.91 14.82 -13.36
N ASN B 118 -22.48 14.18 -12.28
CA ASN B 118 -23.42 13.72 -11.25
C ASN B 118 -23.81 14.84 -10.27
N THR B 119 -24.02 16.04 -10.78
CA THR B 119 -24.56 17.13 -9.97
C THR B 119 -26.07 16.96 -9.84
N PRO B 120 -26.64 17.04 -8.65
CA PRO B 120 -28.07 16.77 -8.47
C PRO B 120 -28.94 17.83 -9.11
N LEU B 121 -30.17 17.43 -9.44
CA LEU B 121 -31.18 18.37 -9.89
C LEU B 121 -31.48 19.37 -8.76
N PRO B 122 -32.06 20.53 -9.10
CA PRO B 122 -32.37 21.52 -8.05
C PRO B 122 -33.22 20.96 -6.91
N ASP B 123 -34.15 20.05 -7.19
CA ASP B 123 -34.94 19.46 -6.13
C ASP B 123 -34.22 18.30 -5.40
N GLY B 124 -32.90 18.15 -5.60
CA GLY B 124 -32.13 17.18 -4.87
C GLY B 124 -32.00 15.80 -5.50
N THR B 125 -32.72 15.53 -6.60
CA THR B 125 -32.64 14.22 -7.23
C THR B 125 -31.22 13.92 -7.71
N GLN B 126 -30.77 12.69 -7.49
CA GLN B 126 -29.44 12.30 -7.89
C GLN B 126 -29.37 12.02 -9.39
N VAL B 127 -28.27 12.43 -10.01
CA VAL B 127 -28.08 12.30 -11.46
C VAL B 127 -26.85 11.42 -11.68
N PRO B 128 -26.94 10.38 -12.51
CA PRO B 128 -25.77 9.54 -12.76
C PRO B 128 -24.84 10.13 -13.81
N ASN B 129 -23.54 9.98 -13.59
CA ASN B 129 -22.56 10.35 -14.61
C ASN B 129 -22.86 9.59 -15.89
N SER B 130 -22.99 10.33 -16.99
CA SER B 130 -23.42 9.73 -18.24
C SER B 130 -22.58 10.27 -19.39
N ASN B 131 -22.55 9.50 -20.48
CA ASN B 131 -21.85 9.85 -21.70
C ASN B 131 -22.81 9.73 -22.87
N ALA B 132 -22.68 10.64 -23.84
CA ALA B 132 -23.43 10.57 -25.07
C ALA B 132 -22.62 11.24 -26.17
N PHE B 133 -22.89 10.86 -27.41
CA PHE B 133 -22.20 11.46 -28.54
C PHE B 133 -23.07 11.36 -29.78
N VAL B 134 -22.75 12.18 -30.77
CA VAL B 134 -23.51 12.21 -32.01
C VAL B 134 -22.55 12.49 -33.17
N ASP B 135 -22.74 11.77 -34.27
CA ASP B 135 -21.97 11.97 -35.49
C ASP B 135 -22.87 12.56 -36.55
N PHE B 136 -22.43 13.64 -37.18
CA PHE B 136 -23.29 14.38 -38.09
C PHE B 136 -22.47 15.01 -39.21
N THR B 137 -23.13 15.18 -40.35
CA THR B 137 -22.61 16.06 -41.39
C THR B 137 -22.80 17.52 -40.98
N ALA B 138 -21.78 18.34 -41.26
CA ALA B 138 -21.68 19.66 -40.64
C ALA B 138 -22.87 20.55 -40.97
N ASP B 139 -23.32 20.56 -42.22
CA ASP B 139 -24.36 21.51 -42.60
C ASP B 139 -25.77 20.92 -42.48
N THR B 140 -25.98 19.68 -42.94
CA THR B 140 -27.31 19.10 -42.90
C THR B 140 -27.61 18.40 -41.57
N GLY B 141 -26.60 18.12 -40.76
CA GLY B 141 -26.83 17.38 -39.54
C GLY B 141 -27.17 15.92 -39.72
N ALA B 142 -27.11 15.39 -40.94
CA ALA B 142 -27.46 14.01 -41.20
C ALA B 142 -26.31 13.08 -40.83
N ALA B 143 -26.60 11.77 -40.86
CA ALA B 143 -25.60 10.76 -40.54
C ALA B 143 -24.48 10.78 -41.58
N PRO B 144 -23.22 10.71 -41.15
CA PRO B 144 -22.10 10.82 -42.10
C PRO B 144 -21.98 9.60 -43.00
N THR B 145 -21.15 9.76 -44.03
CA THR B 145 -20.90 8.68 -44.99
C THR B 145 -19.95 7.63 -44.43
N TYR B 146 -19.05 8.04 -43.53
CA TYR B 146 -18.02 7.16 -42.98
C TYR B 146 -17.92 7.42 -41.49
N SER B 147 -17.35 6.45 -40.76
CA SER B 147 -17.24 6.54 -39.32
C SER B 147 -15.97 5.81 -38.87
N ARG B 148 -15.70 5.88 -37.56
CA ARG B 148 -14.66 5.10 -36.93
C ARG B 148 -15.24 4.50 -35.65
N LYS B 149 -16.08 3.49 -35.80
CA LYS B 149 -16.69 2.78 -34.68
C LYS B 149 -16.25 1.32 -34.79
N ILE B 150 -15.12 1.02 -34.17
CA ILE B 150 -14.48 -0.28 -34.31
C ILE B 150 -14.83 -1.21 -33.17
N VAL B 151 -14.61 -0.76 -31.93
CA VAL B 151 -14.88 -1.56 -30.74
C VAL B 151 -16.12 -1.01 -30.04
N ALA B 152 -16.79 -1.88 -29.28
CA ALA B 152 -17.98 -1.52 -28.53
C ALA B 152 -17.70 -1.69 -27.05
N THR B 153 -18.26 -0.78 -26.23
CA THR B 153 -18.03 -0.82 -24.79
C THR B 153 -18.40 -2.17 -24.19
N GLU B 154 -19.37 -2.85 -24.80
CA GLU B 154 -19.83 -4.13 -24.26
C GLU B 154 -18.69 -5.14 -24.18
N SER B 155 -17.76 -5.11 -25.15
CA SER B 155 -16.65 -6.05 -25.13
C SER B 155 -15.71 -5.76 -23.96
N CYS B 156 -15.40 -4.49 -23.72
CA CYS B 156 -14.56 -4.14 -22.58
C CYS B 156 -15.24 -4.51 -21.26
N ASN B 157 -16.57 -4.37 -21.20
CA ASN B 157 -17.27 -4.59 -19.94
C ASN B 157 -17.39 -6.06 -19.58
N THR B 158 -17.18 -6.96 -20.54
CA THR B 158 -17.11 -8.39 -20.23
C THR B 158 -16.10 -8.68 -19.12
N CYS B 159 -14.95 -8.03 -19.17
CA CYS B 159 -13.95 -8.20 -18.12
C CYS B 159 -13.96 -7.07 -17.11
N HIS B 160 -14.30 -5.85 -17.54
CA HIS B 160 -14.14 -4.67 -16.70
C HIS B 160 -15.41 -4.28 -15.95
N GLN B 161 -16.57 -4.81 -16.34
CA GLN B 161 -17.87 -4.47 -15.77
C GLN B 161 -18.30 -3.06 -16.15
N ASP B 162 -17.47 -2.07 -15.86
CA ASP B 162 -17.73 -0.68 -16.25
C ASP B 162 -16.40 -0.04 -16.63
N LEU B 163 -16.29 0.41 -17.89
CA LEU B 163 -15.06 1.05 -18.35
C LEU B 163 -14.67 2.24 -17.52
N ALA B 164 -15.60 2.85 -16.78
CA ALA B 164 -15.25 3.93 -15.88
C ALA B 164 -14.32 3.47 -14.76
N ASN B 165 -14.30 2.17 -14.48
CA ASN B 165 -13.35 1.57 -13.54
C ASN B 165 -11.92 2.04 -13.77
N VAL B 166 -11.56 2.30 -15.02
CA VAL B 166 -10.19 2.10 -15.47
C VAL B 166 -9.35 3.35 -15.34
N LYS B 167 -9.91 4.54 -15.60
CA LYS B 167 -9.06 5.73 -15.65
C LYS B 167 -9.93 6.97 -15.46
N HIS B 168 -9.30 8.03 -14.97
CA HIS B 168 -9.89 9.37 -14.90
C HIS B 168 -11.07 9.45 -13.94
N GLY B 169 -11.07 8.60 -12.92
CA GLY B 169 -12.05 8.72 -11.84
C GLY B 169 -13.49 8.58 -12.28
N GLY B 170 -13.76 7.66 -13.20
CA GLY B 170 -15.13 7.37 -13.57
C GLY B 170 -15.79 8.37 -14.47
N ALA B 171 -15.02 9.25 -15.11
CA ALA B 171 -15.62 10.30 -15.93
C ALA B 171 -16.22 9.74 -17.22
N TYR B 172 -15.59 8.70 -17.79
CA TYR B 172 -15.94 8.22 -19.12
C TYR B 172 -16.28 6.74 -19.07
N SER B 173 -17.49 6.40 -19.53
CA SER B 173 -17.95 5.03 -19.53
C SER B 173 -18.21 4.47 -20.92
N ASP B 174 -18.12 5.29 -21.97
CA ASP B 174 -18.31 4.87 -23.36
C ASP B 174 -16.95 4.81 -24.04
N VAL B 175 -16.62 3.65 -24.63
CA VAL B 175 -15.29 3.50 -25.22
C VAL B 175 -15.10 4.45 -26.39
N ASN B 176 -16.20 4.85 -27.05
CA ASN B 176 -16.10 5.84 -28.11
C ASN B 176 -15.61 7.19 -27.60
N TYR B 177 -15.88 7.49 -26.33
CA TYR B 177 -15.35 8.71 -25.75
C TYR B 177 -13.83 8.64 -25.59
N CYS B 178 -13.32 7.50 -25.11
CA CYS B 178 -11.86 7.34 -25.02
C CYS B 178 -11.21 7.43 -26.40
N ALA B 179 -11.81 6.78 -27.40
CA ALA B 179 -11.19 6.71 -28.73
C ALA B 179 -11.17 8.07 -29.41
N THR B 180 -12.12 8.94 -29.10
CA THR B 180 -12.15 10.27 -29.71
C THR B 180 -11.06 11.17 -29.14
N CYS B 181 -10.84 11.11 -27.83
CA CYS B 181 -9.83 11.98 -27.21
C CYS B 181 -8.42 11.44 -27.41
N HIS B 182 -8.25 10.13 -27.48
CA HIS B 182 -6.93 9.52 -27.62
C HIS B 182 -6.53 9.46 -29.09
N THR B 183 -6.16 10.61 -29.63
CA THR B 183 -5.69 10.71 -31.01
C THR B 183 -4.49 11.64 -31.07
N ALA B 184 -3.80 11.59 -32.21
CA ALA B 184 -2.63 12.42 -32.42
C ALA B 184 -3.00 13.90 -32.27
N GLY B 185 -2.15 14.64 -31.56
CA GLY B 185 -2.35 16.04 -31.30
C GLY B 185 -2.94 16.34 -29.94
N LYS B 186 -3.80 15.45 -29.43
CA LYS B 186 -4.43 15.62 -28.13
C LYS B 186 -3.71 14.88 -27.01
N VAL B 187 -3.21 13.68 -27.30
CA VAL B 187 -2.41 12.93 -26.33
C VAL B 187 -1.03 12.68 -26.94
N GLY B 188 -0.10 12.29 -26.09
CA GLY B 188 1.28 12.12 -26.51
C GLY B 188 1.47 10.90 -27.40
N VAL B 189 2.62 10.88 -28.06
CA VAL B 189 2.99 9.75 -28.91
C VAL B 189 2.96 8.47 -28.11
N GLY B 190 2.31 7.44 -28.65
CA GLY B 190 2.13 6.19 -27.96
C GLY B 190 0.86 6.06 -27.15
N LYS B 191 0.04 7.12 -27.08
CA LYS B 191 -1.16 7.10 -26.27
C LYS B 191 -2.44 7.18 -27.08
N GLU B 192 -2.37 7.32 -28.40
CA GLU B 192 -3.57 7.21 -29.20
C GLU B 192 -4.14 5.80 -29.10
N PHE B 193 -5.47 5.70 -29.25
CA PHE B 193 -6.18 4.51 -28.78
C PHE B 193 -5.80 3.26 -29.57
N ASN B 194 -5.50 3.40 -30.87
CA ASN B 194 -5.08 2.25 -31.67
C ASN B 194 -3.74 1.69 -31.24
N VAL B 195 -3.02 2.39 -30.36
CA VAL B 195 -1.76 1.91 -29.81
C VAL B 195 -1.88 1.59 -28.33
N LEU B 196 -2.61 2.42 -27.58
CA LEU B 196 -2.60 2.33 -26.12
C LEU B 196 -3.26 1.05 -25.62
N VAL B 197 -4.41 0.68 -26.20
CA VAL B 197 -5.16 -0.45 -25.69
C VAL B 197 -4.44 -1.76 -25.99
N HIS B 198 -3.82 -1.87 -27.16
CA HIS B 198 -2.96 -3.02 -27.44
C HIS B 198 -1.80 -3.09 -26.44
N ALA B 199 -1.11 -1.97 -26.23
CA ALA B 199 0.05 -1.97 -25.36
C ALA B 199 -0.31 -2.42 -23.95
N LYS B 200 -1.50 -2.07 -23.48
CA LYS B 200 -1.90 -2.42 -22.11
C LYS B 200 -2.33 -3.88 -21.96
N HIS B 201 -2.56 -4.60 -23.07
CA HIS B 201 -3.02 -5.99 -22.99
C HIS B 201 -2.09 -7.01 -23.63
N LYS B 202 -1.12 -6.60 -24.46
CA LYS B 202 -0.29 -7.56 -25.16
C LYS B 202 0.51 -8.43 -24.20
N ASP B 203 0.88 -7.90 -23.04
CA ASP B 203 1.74 -8.60 -22.08
C ASP B 203 0.95 -9.11 -20.88
N LEU B 204 -0.28 -9.54 -21.10
CA LEU B 204 -1.09 -10.17 -20.07
C LEU B 204 -1.29 -11.65 -20.42
N THR B 205 -1.42 -12.47 -19.38
CA THR B 205 -1.60 -13.90 -19.57
C THR B 205 -3.07 -14.33 -19.58
N LEU B 206 -4.01 -13.42 -19.33
CA LEU B 206 -5.43 -13.75 -19.33
C LEU B 206 -5.84 -14.38 -20.66
N GLY B 207 -6.56 -15.51 -20.57
CA GLY B 207 -6.70 -16.39 -21.74
C GLY B 207 -7.54 -15.80 -22.86
N SER B 208 -8.59 -15.04 -22.53
CA SER B 208 -9.44 -14.49 -23.58
C SER B 208 -8.69 -13.50 -24.46
N LEU B 209 -7.65 -12.85 -23.93
CA LEU B 209 -6.87 -11.90 -24.71
C LEU B 209 -6.00 -12.58 -25.77
N GLU B 210 -5.93 -13.91 -25.77
CA GLU B 210 -5.14 -14.60 -26.78
C GLU B 210 -5.80 -14.57 -28.15
N SER B 211 -7.02 -14.05 -28.25
CA SER B 211 -7.69 -13.90 -29.53
C SER B 211 -8.18 -12.46 -29.64
N CYS B 212 -8.09 -11.91 -30.85
CA CYS B 212 -8.59 -10.56 -31.10
C CYS B 212 -10.10 -10.47 -30.89
N GLN B 213 -10.81 -11.59 -30.99
CA GLN B 213 -12.25 -11.67 -30.79
C GLN B 213 -12.71 -11.14 -29.43
N SER B 214 -11.82 -11.02 -28.44
CA SER B 214 -12.25 -10.50 -27.15
C SER B 214 -12.62 -9.03 -27.24
N CYS B 215 -12.02 -8.28 -28.18
CA CYS B 215 -12.37 -6.89 -28.42
C CYS B 215 -12.87 -6.63 -29.83
N HIS B 216 -12.68 -7.56 -30.75
CA HIS B 216 -13.02 -7.35 -32.15
C HIS B 216 -14.05 -8.39 -32.57
N ALA B 217 -15.32 -8.06 -32.40
CA ALA B 217 -16.41 -8.93 -32.82
C ALA B 217 -17.50 -8.06 -33.43
N ALA B 218 -18.40 -8.72 -34.16
CA ALA B 218 -19.56 -8.02 -34.71
C ALA B 218 -20.40 -7.42 -33.58
N ASN B 219 -20.81 -6.18 -33.78
CA ASN B 219 -21.67 -5.48 -32.82
C ASN B 219 -22.35 -4.35 -33.58
N ASP B 220 -23.66 -4.20 -33.36
CA ASP B 220 -24.42 -3.19 -34.09
C ASP B 220 -23.95 -1.78 -33.77
N ALA B 221 -23.36 -1.56 -32.60
CA ALA B 221 -22.80 -0.26 -32.27
C ALA B 221 -21.39 -0.05 -32.83
N ALA B 222 -20.87 -0.99 -33.64
CA ALA B 222 -19.53 -0.87 -34.21
C ALA B 222 -19.54 -1.33 -35.67
N PRO B 223 -20.05 -0.49 -36.59
CA PRO B 223 -20.11 -0.89 -38.00
C PRO B 223 -18.74 -0.94 -38.68
N ASP B 224 -17.68 -0.44 -38.05
CA ASP B 224 -16.34 -0.53 -38.60
C ASP B 224 -15.53 -1.63 -37.92
N TRP B 225 -16.19 -2.59 -37.27
CA TRP B 225 -15.49 -3.58 -36.46
C TRP B 225 -14.55 -4.43 -37.32
N GLY B 226 -14.83 -4.57 -38.61
CA GLY B 226 -13.96 -5.33 -39.48
C GLY B 226 -12.62 -4.69 -39.78
N ASN B 227 -12.36 -3.49 -39.26
CA ASN B 227 -11.10 -2.80 -39.50
C ASN B 227 -9.92 -3.52 -38.86
N TRP B 228 -10.16 -4.40 -37.89
CA TRP B 228 -9.07 -5.02 -37.14
C TRP B 228 -8.14 -5.86 -38.02
N SER B 229 -8.61 -6.36 -39.16
CA SER B 229 -7.76 -7.13 -40.05
C SER B 229 -7.57 -6.48 -41.41
N ARG B 230 -8.20 -5.33 -41.65
CA ARG B 230 -8.18 -4.68 -42.95
C ARG B 230 -7.39 -3.39 -42.99
N ILE B 231 -6.97 -2.86 -41.84
CA ILE B 231 -6.24 -1.60 -41.79
C ILE B 231 -4.90 -1.80 -41.09
N PRO B 232 -3.94 -2.48 -41.71
CA PRO B 232 -2.62 -2.62 -41.09
C PRO B 232 -1.81 -1.35 -41.27
N THR B 233 -1.21 -0.88 -40.18
CA THR B 233 -0.32 0.28 -40.19
C THR B 233 0.86 0.00 -39.27
N ALA B 234 1.92 0.80 -39.44
CA ALA B 234 3.11 0.62 -38.61
C ALA B 234 2.80 0.86 -37.14
N ALA B 235 2.03 1.89 -36.82
CA ALA B 235 1.78 2.22 -35.43
C ALA B 235 0.86 1.21 -34.76
N THR B 236 -0.22 0.81 -35.43
CA THR B 236 -1.17 -0.10 -34.81
C THR B 236 -0.59 -1.51 -34.69
N CYS B 237 -0.08 -2.07 -35.80
CA CYS B 237 0.51 -3.40 -35.72
C CYS B 237 1.75 -3.39 -34.85
N GLY B 238 2.54 -2.32 -34.92
CA GLY B 238 3.73 -2.20 -34.09
C GLY B 238 3.43 -2.05 -32.61
N SER B 239 2.20 -1.68 -32.25
CA SER B 239 1.88 -1.51 -30.83
C SER B 239 2.04 -2.81 -30.05
N CYS B 240 1.78 -3.96 -30.69
CA CYS B 240 2.07 -5.25 -30.09
C CYS B 240 3.44 -5.77 -30.51
N HIS B 241 3.84 -5.53 -31.75
CA HIS B 241 5.16 -5.90 -32.25
C HIS B 241 6.16 -4.76 -32.01
N SER B 242 6.31 -4.42 -30.72
CA SER B 242 7.05 -3.22 -30.33
C SER B 242 8.55 -3.36 -30.52
N THR B 243 9.06 -4.54 -30.86
CA THR B 243 10.47 -4.71 -31.19
C THR B 243 10.77 -4.43 -32.65
N VAL B 244 9.75 -4.23 -33.48
CA VAL B 244 9.94 -3.92 -34.89
C VAL B 244 10.03 -2.42 -35.07
N ASP B 245 10.97 -1.98 -35.90
CA ASP B 245 11.13 -0.57 -36.29
C ASP B 245 11.00 -0.50 -37.80
N PHE B 246 9.76 -0.27 -38.28
CA PHE B 246 9.52 -0.25 -39.71
C PHE B 246 10.29 0.86 -40.40
N ALA B 247 10.47 2.00 -39.72
CA ALA B 247 11.21 3.11 -40.31
C ALA B 247 12.66 2.74 -40.56
N ALA B 248 13.28 2.04 -39.61
CA ALA B 248 14.70 1.69 -39.72
C ALA B 248 14.94 0.35 -40.38
N GLY B 249 13.92 -0.51 -40.48
CA GLY B 249 14.13 -1.85 -40.99
C GLY B 249 14.66 -2.82 -39.96
N LYS B 250 14.32 -2.62 -38.70
CA LYS B 250 14.77 -3.48 -37.61
C LYS B 250 13.66 -4.50 -37.31
N GLY B 251 13.93 -5.77 -37.63
CA GLY B 251 12.97 -6.83 -37.43
C GLY B 251 11.98 -7.01 -38.56
N HIS B 252 12.18 -6.32 -39.66
CA HIS B 252 11.23 -6.28 -40.77
C HIS B 252 11.89 -5.46 -41.88
N SER B 253 11.46 -5.71 -43.10
CA SER B 253 11.89 -4.84 -44.20
C SER B 253 11.52 -3.40 -43.90
N GLN B 254 12.30 -2.48 -44.45
CA GLN B 254 12.07 -1.07 -44.17
C GLN B 254 10.80 -0.58 -44.86
N GLN B 255 9.93 0.08 -44.09
CA GLN B 255 8.69 0.66 -44.62
C GLN B 255 8.57 2.07 -44.08
N LEU B 256 8.71 3.07 -44.97
CA LEU B 256 8.67 4.46 -44.54
C LEU B 256 7.25 5.01 -44.44
N ASP B 257 6.27 4.32 -45.00
CA ASP B 257 4.87 4.70 -44.84
C ASP B 257 4.03 3.43 -44.83
N ASN B 258 2.70 3.60 -44.80
CA ASN B 258 1.76 2.50 -44.73
C ASN B 258 1.13 2.17 -46.08
N SER B 259 1.71 2.66 -47.18
CA SER B 259 1.07 2.50 -48.48
C SER B 259 1.09 1.06 -48.99
N ASN B 260 1.93 0.19 -48.43
CA ASN B 260 2.06 -1.16 -48.96
C ASN B 260 1.65 -2.29 -48.01
N CYS B 261 1.35 -2.00 -46.74
CA CYS B 261 1.06 -3.05 -45.79
C CYS B 261 -0.06 -3.97 -46.27
N ILE B 262 -1.15 -3.39 -46.81
CA ILE B 262 -2.32 -4.18 -47.15
C ILE B 262 -2.08 -5.05 -48.38
N ALA B 263 -1.11 -4.68 -49.23
CA ALA B 263 -0.80 -5.50 -50.39
C ALA B 263 -0.25 -6.85 -49.99
N CYS B 264 0.59 -6.89 -48.96
CA CYS B 264 1.11 -8.18 -48.49
C CYS B 264 0.19 -8.78 -47.43
N HIS B 265 -0.23 -7.98 -46.44
CA HIS B 265 -1.06 -8.46 -45.34
C HIS B 265 -2.54 -8.30 -45.68
N ASN B 266 -3.02 -9.18 -46.55
CA ASN B 266 -4.45 -9.24 -46.83
C ASN B 266 -5.22 -9.63 -45.57
N SER B 267 -6.52 -9.32 -45.57
CA SER B 267 -7.35 -9.50 -44.39
C SER B 267 -7.42 -10.98 -43.98
N ASP B 268 -7.47 -11.90 -44.95
CA ASP B 268 -7.61 -13.32 -44.62
C ASP B 268 -6.39 -13.82 -43.83
N TRP B 269 -5.19 -13.44 -44.28
CA TRP B 269 -3.98 -13.86 -43.60
C TRP B 269 -3.88 -13.29 -42.19
N THR B 270 -4.16 -11.98 -42.05
CA THR B 270 -4.09 -11.36 -40.73
C THR B 270 -5.09 -12.00 -39.77
N ALA B 271 -6.31 -12.27 -40.25
CA ALA B 271 -7.33 -12.79 -39.35
C ALA B 271 -7.04 -14.23 -38.94
N GLU B 272 -6.63 -15.08 -39.90
CA GLU B 272 -6.43 -16.49 -39.59
C GLU B 272 -5.26 -16.70 -38.64
N LEU B 273 -4.13 -16.03 -38.90
CA LEU B 273 -2.93 -16.29 -38.09
C LEU B 273 -3.10 -15.83 -36.65
N HIS B 274 -3.94 -14.83 -36.39
CA HIS B 274 -4.10 -14.34 -35.02
C HIS B 274 -5.15 -15.11 -34.22
N THR B 275 -6.08 -15.78 -34.91
CA THR B 275 -7.14 -16.54 -34.26
C THR B 275 -7.01 -18.04 -34.48
N GLY B 276 -6.00 -18.50 -35.23
CA GLY B 276 -5.94 -19.90 -35.60
C GLY B 276 -5.62 -20.82 -34.44
N LYS B 277 -4.72 -20.38 -33.54
CA LYS B 277 -4.32 -21.25 -32.43
C LYS B 277 -5.43 -21.43 -31.41
N THR B 278 -6.28 -20.41 -31.24
CA THR B 278 -7.46 -20.62 -30.41
C THR B 278 -8.46 -21.55 -31.08
N ALA B 279 -8.65 -21.40 -32.38
CA ALA B 279 -9.58 -22.28 -33.10
C ALA B 279 -9.08 -23.71 -33.15
N ASP B 280 -7.76 -23.90 -33.21
CA ASP B 280 -7.19 -25.25 -33.15
C ASP B 280 -7.43 -25.88 -31.79
N LYS B 281 -7.32 -25.08 -30.72
CA LYS B 281 -7.62 -25.59 -29.38
C LYS B 281 -9.06 -26.06 -29.28
N LYS B 282 -9.99 -25.32 -29.89
CA LYS B 282 -11.41 -25.70 -29.86
C LYS B 282 -11.64 -27.01 -30.60
N ALA B 283 -11.03 -27.17 -31.78
CA ALA B 283 -11.24 -28.37 -32.58
C ALA B 283 -10.68 -29.61 -31.90
N VAL B 284 -9.57 -29.47 -31.17
CA VAL B 284 -8.98 -30.63 -30.51
C VAL B 284 -9.80 -31.03 -29.28
N ILE B 285 -10.21 -30.05 -28.48
CA ILE B 285 -10.97 -30.33 -27.26
C ILE B 285 -12.29 -31.01 -27.57
N ALA B 286 -12.89 -30.69 -28.72
CA ALA B 286 -14.21 -31.19 -29.09
C ALA B 286 -14.21 -32.66 -29.51
N GLN B 287 -13.07 -33.33 -29.55
CA GLN B 287 -12.98 -34.66 -30.15
C GLN B 287 -13.10 -35.80 -29.17
N LEU B 288 -12.96 -35.55 -27.86
CA LEU B 288 -13.05 -36.63 -26.88
C LEU B 288 -13.89 -36.19 -25.69
N GLY B 289 -14.49 -37.18 -25.04
CA GLY B 289 -15.19 -36.97 -23.78
C GLY B 289 -14.77 -38.04 -22.78
N MET B 290 -15.38 -37.95 -21.60
CA MET B 290 -15.10 -38.94 -20.57
C MET B 290 -16.36 -39.18 -19.75
N GLN B 291 -16.51 -40.41 -19.29
CA GLN B 291 -17.55 -40.78 -18.34
C GLN B 291 -16.94 -41.76 -17.35
N ALA B 292 -17.19 -41.54 -16.07
CA ALA B 292 -16.54 -42.31 -15.02
C ALA B 292 -17.57 -42.76 -13.98
N THR B 293 -17.26 -43.87 -13.33
CA THR B 293 -18.04 -44.34 -12.19
C THR B 293 -17.09 -44.63 -11.04
N LEU B 294 -17.63 -44.59 -9.83
CA LEU B 294 -16.85 -44.82 -8.62
C LEU B 294 -17.74 -45.58 -7.64
N VAL B 295 -17.25 -46.72 -7.15
CA VAL B 295 -18.04 -47.64 -6.36
C VAL B 295 -17.27 -47.99 -5.09
N GLY B 296 -17.86 -47.68 -3.93
CA GLY B 296 -17.23 -48.03 -2.67
C GLY B 296 -17.47 -49.48 -2.30
N GLN B 297 -16.46 -50.08 -1.66
CA GLN B 297 -16.45 -51.48 -1.30
C GLN B 297 -16.60 -51.64 0.21
N THR B 298 -16.86 -52.89 0.62
CA THR B 298 -17.01 -53.18 2.04
C THR B 298 -15.69 -53.11 2.80
N ASP B 299 -14.56 -53.23 2.10
CA ASP B 299 -13.26 -53.09 2.73
C ASP B 299 -12.76 -51.64 2.73
N ASP B 300 -13.62 -50.69 2.34
CA ASP B 300 -13.38 -49.24 2.32
C ASP B 300 -12.54 -48.78 1.12
N THR B 301 -12.28 -49.65 0.14
CA THR B 301 -11.66 -49.22 -1.10
C THR B 301 -12.74 -48.73 -2.06
N ALA B 302 -12.31 -48.20 -3.20
CA ALA B 302 -13.24 -47.70 -4.20
C ALA B 302 -12.74 -48.08 -5.59
N VAL B 303 -13.62 -48.67 -6.40
CA VAL B 303 -13.29 -49.07 -7.75
C VAL B 303 -13.65 -47.94 -8.70
N LEU B 304 -12.63 -47.37 -9.36
CA LEU B 304 -12.81 -46.29 -10.31
C LEU B 304 -12.78 -46.83 -11.73
N THR B 305 -13.79 -46.48 -12.52
CA THR B 305 -13.94 -46.96 -13.89
C THR B 305 -14.11 -45.76 -14.80
N VAL B 306 -13.19 -45.61 -15.76
CA VAL B 306 -13.20 -44.47 -16.68
C VAL B 306 -13.46 -44.98 -18.09
N SER B 307 -14.39 -44.34 -18.78
CA SER B 307 -14.74 -44.69 -20.15
C SER B 307 -14.58 -43.45 -21.03
N ILE B 308 -13.89 -43.61 -22.16
CA ILE B 308 -13.61 -42.52 -23.08
C ILE B 308 -14.69 -42.46 -24.14
N LEU B 309 -15.09 -41.23 -24.51
CA LEU B 309 -16.13 -40.98 -25.50
C LEU B 309 -15.53 -40.27 -26.71
N ASP B 310 -16.18 -40.46 -27.86
CA ASP B 310 -15.69 -39.88 -29.11
C ASP B 310 -16.34 -38.51 -29.34
N LYS B 311 -16.26 -38.00 -30.58
CA LYS B 311 -16.76 -36.67 -30.88
C LYS B 311 -18.28 -36.58 -30.67
N ASP B 312 -19.00 -37.66 -30.96
CA ASP B 312 -20.45 -37.67 -30.84
C ASP B 312 -20.93 -38.05 -29.45
N GLY B 313 -20.01 -38.23 -28.49
CA GLY B 313 -20.38 -38.63 -27.15
C GLY B 313 -20.54 -40.13 -26.95
N ASN B 314 -20.22 -40.93 -27.96
CA ASN B 314 -20.37 -42.38 -27.88
C ASN B 314 -19.10 -43.02 -27.34
N ALA B 315 -19.27 -44.02 -26.47
CA ALA B 315 -18.12 -44.68 -25.87
C ALA B 315 -17.27 -45.37 -26.93
N ILE B 316 -15.95 -45.39 -26.70
CA ILE B 316 -14.99 -46.03 -27.59
C ILE B 316 -14.03 -46.87 -26.76
N ASP B 317 -13.38 -47.82 -27.44
CA ASP B 317 -12.33 -48.61 -26.80
C ASP B 317 -11.16 -47.71 -26.46
N ALA B 318 -10.80 -47.65 -25.18
CA ALA B 318 -9.73 -46.77 -24.74
C ALA B 318 -8.40 -47.12 -25.42
N ALA B 319 -8.22 -48.39 -25.80
CA ALA B 319 -6.97 -48.79 -26.44
C ALA B 319 -6.76 -48.11 -27.79
N THR B 320 -7.82 -47.60 -28.41
CA THR B 320 -7.72 -47.01 -29.73
C THR B 320 -7.09 -45.61 -29.73
N VAL B 321 -7.10 -44.92 -28.58
CA VAL B 321 -6.45 -43.62 -28.47
C VAL B 321 -5.35 -43.63 -27.40
N GLN B 322 -5.06 -44.80 -26.81
CA GLN B 322 -4.15 -44.86 -25.67
C GLN B 322 -2.78 -44.28 -26.00
N ASP B 323 -2.28 -44.53 -27.21
CA ASP B 323 -0.95 -44.06 -27.57
C ASP B 323 -0.87 -42.54 -27.65
N LYS B 324 -2.01 -41.86 -27.71
CA LYS B 324 -2.05 -40.40 -27.80
C LYS B 324 -2.35 -39.75 -26.45
N ILE B 325 -2.38 -40.51 -25.36
CA ILE B 325 -2.69 -39.98 -24.04
C ILE B 325 -1.39 -39.62 -23.34
N LYS B 326 -1.13 -38.31 -23.20
CA LYS B 326 0.02 -37.88 -22.42
C LYS B 326 -0.19 -38.16 -20.94
N ARG B 327 -1.35 -37.81 -20.41
CA ARG B 327 -1.61 -37.99 -18.98
C ARG B 327 -3.11 -38.05 -18.74
N LEU B 328 -3.55 -39.11 -18.08
CA LEU B 328 -4.89 -39.22 -17.52
C LEU B 328 -4.73 -39.17 -16.01
N GLU B 329 -5.10 -38.05 -15.40
CA GLU B 329 -4.81 -37.76 -14.00
C GLU B 329 -6.10 -37.80 -13.19
N THR B 330 -6.05 -38.47 -12.03
CA THR B 330 -7.22 -38.59 -11.17
C THR B 330 -6.83 -38.24 -9.74
N VAL B 331 -7.75 -37.60 -9.02
CA VAL B 331 -7.60 -37.33 -7.59
C VAL B 331 -8.90 -37.73 -6.92
N THR B 332 -8.82 -38.62 -5.94
CA THR B 332 -9.99 -39.13 -5.22
C THR B 332 -9.95 -38.62 -3.79
N ASN B 333 -11.09 -38.10 -3.31
CA ASN B 333 -11.22 -37.62 -1.94
C ASN B 333 -12.55 -38.10 -1.38
N VAL B 334 -12.76 -37.84 -0.09
CA VAL B 334 -13.97 -38.24 0.62
C VAL B 334 -14.60 -37.00 1.25
N GLY B 335 -15.89 -36.79 1.01
CA GLY B 335 -16.60 -35.69 1.61
C GLY B 335 -16.62 -34.46 0.72
N PRO B 336 -17.52 -34.46 -0.27
CA PRO B 336 -17.50 -33.36 -1.26
C PRO B 336 -17.78 -31.99 -0.68
N ASN B 337 -18.54 -31.90 0.41
CA ASN B 337 -18.85 -30.61 1.02
C ASN B 337 -17.79 -30.14 2.01
N PHE B 338 -16.89 -31.03 2.42
CA PHE B 338 -15.74 -30.66 3.26
C PHE B 338 -14.78 -31.84 3.26
N PRO B 339 -13.83 -31.88 2.33
CA PRO B 339 -12.98 -33.07 2.16
C PRO B 339 -12.19 -33.38 3.43
N ILE B 340 -12.23 -34.65 3.83
CA ILE B 340 -11.57 -35.09 5.05
C ILE B 340 -10.24 -35.79 4.78
N MET B 341 -9.89 -36.01 3.51
CA MET B 341 -8.53 -36.37 3.13
C MET B 341 -7.82 -35.09 2.73
N GLY B 342 -6.71 -34.78 3.38
CA GLY B 342 -5.93 -33.61 3.03
C GLY B 342 -5.13 -33.84 1.77
N TYR B 343 -4.46 -32.77 1.33
CA TYR B 343 -3.44 -32.93 0.30
C TYR B 343 -2.32 -33.83 0.81
N ASN B 344 -1.81 -33.53 2.00
CA ASN B 344 -1.01 -34.48 2.76
C ASN B 344 -1.94 -35.21 3.72
N LYS B 345 -1.39 -35.88 4.74
CA LYS B 345 -2.22 -36.55 5.72
C LYS B 345 -2.98 -35.50 6.55
N SER B 346 -4.27 -35.70 6.69
CA SER B 346 -5.08 -34.77 7.46
C SER B 346 -4.86 -34.99 8.96
N PRO B 347 -4.80 -33.92 9.75
CA PRO B 347 -4.77 -34.09 11.21
C PRO B 347 -5.96 -34.87 11.74
N GLY B 348 -7.13 -34.72 11.13
CA GLY B 348 -8.29 -35.49 11.54
C GLY B 348 -8.23 -36.94 11.11
N SER B 349 -8.52 -37.20 9.83
CA SER B 349 -8.61 -38.56 9.33
C SER B 349 -7.27 -39.29 9.38
N GLY B 350 -6.17 -38.55 9.23
CA GLY B 350 -4.87 -39.16 9.04
C GLY B 350 -4.60 -39.61 7.63
N ALA B 351 -5.52 -39.35 6.69
CA ALA B 351 -5.40 -39.81 5.32
C ALA B 351 -5.11 -38.64 4.38
N ALA B 352 -4.39 -38.95 3.30
CA ALA B 352 -4.17 -38.02 2.21
C ALA B 352 -4.98 -38.44 0.99
N LYS B 353 -5.21 -37.49 0.10
CA LYS B 353 -5.95 -37.75 -1.13
C LYS B 353 -5.26 -38.85 -1.95
N ILE B 354 -6.03 -39.48 -2.83
CA ILE B 354 -5.52 -40.54 -3.69
C ILE B 354 -5.22 -39.91 -5.05
N ALA B 355 -3.95 -39.67 -5.32
CA ALA B 355 -3.51 -39.15 -6.62
C ALA B 355 -2.96 -40.30 -7.44
N LYS B 356 -3.59 -40.58 -8.58
CA LYS B 356 -3.21 -41.72 -9.42
C LYS B 356 -3.32 -41.33 -10.88
N ASP B 357 -2.21 -41.47 -11.61
CA ASP B 357 -2.27 -41.38 -13.07
C ASP B 357 -2.65 -42.74 -13.63
N LEU B 358 -3.68 -42.75 -14.50
CA LEU B 358 -4.10 -44.01 -15.10
C LEU B 358 -3.25 -44.33 -16.33
N VAL B 359 -2.88 -43.32 -17.11
CA VAL B 359 -2.06 -43.48 -18.30
C VAL B 359 -1.07 -42.32 -18.34
N LYS B 360 0.22 -42.64 -18.53
CA LYS B 360 1.25 -41.63 -18.73
C LYS B 360 2.07 -42.00 -19.96
N ASP B 361 2.20 -41.05 -20.88
CA ASP B 361 2.99 -41.22 -22.10
C ASP B 361 2.55 -42.44 -22.89
N GLY B 362 1.25 -42.73 -22.89
CA GLY B 362 0.70 -43.87 -23.60
C GLY B 362 0.73 -45.18 -22.85
N ALA B 363 1.37 -45.23 -21.68
CA ALA B 363 1.54 -46.48 -20.93
C ALA B 363 0.56 -46.55 -19.77
N LEU B 364 -0.15 -47.67 -19.66
CA LEU B 364 -0.99 -47.91 -18.50
C LEU B 364 -0.14 -48.14 -17.26
N GLN B 365 -0.55 -47.52 -16.15
CA GLN B 365 0.26 -47.53 -14.95
C GLN B 365 -0.05 -48.74 -14.07
N ALA B 366 0.74 -48.88 -13.00
CA ALA B 366 0.60 -50.03 -12.11
C ALA B 366 -0.76 -50.00 -11.42
N GLY B 367 -1.44 -51.15 -11.44
CA GLY B 367 -2.76 -51.25 -10.86
C GLY B 367 -3.88 -50.82 -11.76
N VAL B 368 -3.61 -50.51 -13.02
CA VAL B 368 -4.62 -50.09 -13.99
C VAL B 368 -4.83 -51.21 -14.98
N THR B 369 -6.08 -51.44 -15.37
CA THR B 369 -6.42 -52.52 -16.28
C THR B 369 -7.45 -52.04 -17.29
N LEU B 370 -7.51 -52.76 -18.41
CA LEU B 370 -8.53 -52.54 -19.44
C LEU B 370 -9.55 -53.67 -19.37
N VAL B 371 -10.81 -53.31 -19.13
CA VAL B 371 -11.90 -54.27 -19.21
C VAL B 371 -12.98 -53.68 -20.11
N ASP B 372 -13.34 -54.41 -21.17
CA ASP B 372 -14.31 -53.97 -22.17
C ASP B 372 -14.02 -52.55 -22.66
N GLY B 373 -12.75 -52.24 -22.85
CA GLY B 373 -12.34 -50.95 -23.35
C GLY B 373 -12.42 -49.81 -22.36
N LYS B 374 -12.61 -50.10 -21.08
CA LYS B 374 -12.66 -49.08 -20.04
C LYS B 374 -11.48 -49.26 -19.10
N LEU B 375 -11.08 -48.16 -18.46
CA LEU B 375 -9.95 -48.15 -17.56
C LEU B 375 -10.42 -48.36 -16.13
N VAL B 376 -9.77 -49.26 -15.41
CA VAL B 376 -10.19 -49.65 -14.07
C VAL B 376 -9.02 -49.49 -13.11
N PHE B 377 -9.30 -48.97 -11.91
CA PHE B 377 -8.30 -48.82 -10.87
C PHE B 377 -9.01 -48.93 -9.53
N THR B 378 -8.36 -49.62 -8.58
CA THR B 378 -8.88 -49.73 -7.23
C THR B 378 -7.99 -48.93 -6.29
N THR B 379 -8.60 -48.07 -5.50
CA THR B 379 -7.87 -47.19 -4.60
C THR B 379 -7.46 -47.92 -3.34
N PRO B 380 -6.50 -47.37 -2.58
CA PRO B 380 -6.36 -47.78 -1.18
C PRO B 380 -7.65 -47.53 -0.42
N ALA B 381 -7.71 -48.06 0.81
CA ALA B 381 -8.91 -47.89 1.62
C ALA B 381 -9.12 -46.41 1.95
N LEU B 382 -10.38 -45.95 1.79
CA LEU B 382 -10.75 -44.57 2.06
C LEU B 382 -11.45 -44.44 3.40
N PRO B 383 -11.34 -43.31 4.08
CA PRO B 383 -12.00 -43.14 5.37
C PRO B 383 -13.48 -42.84 5.25
N PHE B 384 -14.22 -43.75 4.62
CA PHE B 384 -15.67 -43.62 4.53
C PHE B 384 -16.27 -43.51 5.92
N GLY B 385 -17.33 -42.71 6.02
CA GLY B 385 -18.05 -42.55 7.28
C GLY B 385 -19.52 -42.22 7.10
N THR B 386 -20.11 -41.59 8.10
CA THR B 386 -21.51 -41.23 8.03
C THR B 386 -21.69 -39.89 7.30
N GLY B 387 -22.91 -39.65 6.86
CA GLY B 387 -23.24 -38.35 6.27
C GLY B 387 -22.45 -38.07 5.02
N ASP B 388 -21.90 -36.85 4.94
CA ASP B 388 -21.15 -36.43 3.76
C ASP B 388 -19.97 -37.35 3.48
N THR B 389 -19.34 -37.89 4.52
CA THR B 389 -18.18 -38.75 4.33
C THR B 389 -18.52 -40.16 3.89
N ASP B 390 -19.80 -40.46 3.63
CA ASP B 390 -20.15 -41.68 2.91
C ASP B 390 -19.87 -41.56 1.42
N THR B 391 -19.64 -40.34 0.93
CA THR B 391 -19.45 -40.10 -0.49
C THR B 391 -17.97 -39.86 -0.77
N ALA B 392 -17.39 -40.71 -1.61
CA ALA B 392 -16.11 -40.44 -2.23
C ALA B 392 -16.35 -39.83 -3.61
N PHE B 393 -15.41 -39.01 -4.07
CA PHE B 393 -15.54 -38.35 -5.36
C PHE B 393 -14.17 -38.27 -6.02
N THR B 394 -14.17 -38.19 -7.35
CA THR B 394 -12.94 -38.24 -8.13
C THR B 394 -12.96 -37.16 -9.19
N PHE B 395 -11.92 -36.33 -9.21
CA PHE B 395 -11.72 -35.32 -10.24
C PHE B 395 -10.70 -35.85 -11.25
N ILE B 396 -11.02 -35.73 -12.54
CA ILE B 396 -10.30 -36.43 -13.59
C ILE B 396 -9.89 -35.44 -14.67
N GLY B 397 -8.62 -35.48 -15.04
CA GLY B 397 -8.13 -34.67 -16.15
C GLY B 397 -7.45 -35.51 -17.20
N LEU B 398 -7.67 -35.14 -18.46
CA LEU B 398 -7.11 -35.87 -19.60
C LEU B 398 -6.30 -34.92 -20.47
N GLU B 399 -5.06 -35.30 -20.75
CA GLU B 399 -4.14 -34.49 -21.55
C GLU B 399 -3.67 -35.31 -22.75
N MET B 400 -3.99 -34.85 -23.95
CA MET B 400 -3.70 -35.56 -25.19
C MET B 400 -2.60 -34.87 -25.98
N CYS B 401 -1.72 -35.66 -26.60
CA CYS B 401 -0.76 -35.10 -27.54
C CYS B 401 -1.47 -34.68 -28.81
N SER B 402 -1.04 -33.56 -29.39
CA SER B 402 -1.80 -32.97 -30.48
C SER B 402 -0.87 -32.29 -31.48
N THR B 403 -1.39 -32.10 -32.69
CA THR B 403 -0.69 -31.38 -33.75
C THR B 403 -1.76 -30.65 -34.56
N GLY B 404 -1.80 -29.33 -34.46
CA GLY B 404 -2.83 -28.57 -35.16
C GLY B 404 -4.21 -28.96 -34.66
N THR B 405 -5.04 -29.49 -35.56
CA THR B 405 -6.39 -29.92 -35.24
C THR B 405 -6.49 -31.44 -35.10
N SER B 406 -5.37 -32.12 -34.83
CA SER B 406 -5.32 -33.57 -34.84
C SER B 406 -4.69 -34.10 -33.57
N LEU B 407 -5.26 -35.18 -33.04
CA LEU B 407 -4.61 -35.96 -31.99
C LEU B 407 -3.57 -36.86 -32.61
N THR B 408 -2.40 -36.94 -31.97
CA THR B 408 -1.26 -37.67 -32.53
C THR B 408 -0.60 -38.50 -31.44
N ALA B 409 0.13 -39.52 -31.87
CA ALA B 409 0.88 -40.36 -30.94
C ALA B 409 1.91 -39.54 -30.19
N CYS B 410 2.11 -39.88 -28.91
CA CYS B 410 2.89 -39.06 -28.01
C CYS B 410 4.39 -39.28 -28.21
N THR B 411 5.14 -38.18 -28.25
CA THR B 411 6.59 -38.21 -28.20
C THR B 411 7.05 -37.31 -27.06
N VAL B 412 8.37 -37.27 -26.82
CA VAL B 412 8.89 -36.50 -25.72
C VAL B 412 8.65 -35.00 -25.91
N ASP B 413 8.67 -34.53 -27.16
CA ASP B 413 8.53 -33.11 -27.47
C ASP B 413 7.21 -32.79 -28.13
N SER B 414 6.21 -33.65 -27.97
CA SER B 414 4.91 -33.40 -28.59
C SER B 414 4.18 -32.27 -27.87
N ALA B 415 3.48 -31.45 -28.64
CA ALA B 415 2.52 -30.51 -28.06
C ALA B 415 1.35 -31.28 -27.46
N THR B 416 0.71 -30.67 -26.46
CA THR B 416 -0.40 -31.32 -25.77
C THR B 416 -1.59 -30.37 -25.68
N THR B 417 -2.75 -30.96 -25.39
CA THR B 417 -3.99 -30.23 -25.20
C THR B 417 -4.72 -30.82 -24.00
N SER B 418 -5.22 -29.94 -23.14
CA SER B 418 -6.05 -30.39 -22.02
C SER B 418 -7.49 -30.57 -22.49
N MET B 419 -8.10 -31.68 -22.13
CA MET B 419 -9.44 -32.01 -22.57
C MET B 419 -10.46 -31.67 -21.48
N LYS B 420 -11.73 -31.94 -21.78
CA LYS B 420 -12.80 -31.71 -20.82
C LYS B 420 -12.57 -32.57 -19.58
N ALA B 421 -12.59 -31.93 -18.41
CA ALA B 421 -12.41 -32.66 -17.17
C ALA B 421 -13.69 -33.45 -16.86
N GLU B 422 -13.56 -34.37 -15.90
CA GLU B 422 -14.69 -35.19 -15.49
C GLU B 422 -14.72 -35.29 -13.96
N LEU B 423 -15.93 -35.39 -13.43
CA LEU B 423 -16.17 -35.48 -11.98
C LEU B 423 -17.15 -36.62 -11.74
N ALA B 424 -16.83 -37.51 -10.79
CA ALA B 424 -17.62 -38.70 -10.53
C ALA B 424 -17.80 -38.92 -9.04
N PHE B 425 -18.99 -39.38 -8.65
CA PHE B 425 -19.38 -39.56 -7.26
C PHE B 425 -19.75 -41.01 -6.98
N GLY B 426 -19.40 -41.48 -5.78
CA GLY B 426 -19.75 -42.82 -5.34
C GLY B 426 -19.79 -42.91 -3.84
N THR B 427 -20.52 -43.91 -3.34
CA THR B 427 -20.68 -44.12 -1.90
C THR B 427 -20.24 -45.54 -1.52
N LYS B 428 -20.06 -45.74 -0.22
CA LYS B 428 -19.82 -47.06 0.33
C LYS B 428 -21.12 -47.80 0.63
N SER B 429 -22.12 -47.07 1.17
CA SER B 429 -23.41 -47.66 1.48
C SER B 429 -24.17 -48.10 0.23
N GLY B 430 -23.80 -47.61 -0.94
CA GLY B 430 -24.58 -47.80 -2.15
C GLY B 430 -25.69 -46.81 -2.35
N ASN B 431 -25.99 -45.96 -1.35
CA ASN B 431 -27.03 -44.96 -1.48
C ASN B 431 -26.58 -43.83 -2.39
N ALA B 432 -27.51 -42.91 -2.68
CA ALA B 432 -27.21 -41.77 -3.52
C ALA B 432 -26.09 -40.93 -2.90
N PRO B 433 -25.27 -40.31 -3.71
CA PRO B 433 -24.12 -39.57 -3.19
C PRO B 433 -24.45 -38.15 -2.79
N SER B 434 -23.69 -37.65 -1.81
CA SER B 434 -23.69 -36.23 -1.51
C SER B 434 -22.87 -35.48 -2.56
N MET B 435 -23.21 -34.22 -2.77
CA MET B 435 -22.51 -33.38 -3.72
C MET B 435 -22.39 -31.98 -3.15
N ARG B 436 -21.29 -31.31 -3.50
CA ARG B 436 -21.07 -29.94 -3.05
C ARG B 436 -22.09 -29.01 -3.68
N HIS B 437 -22.40 -27.92 -2.97
CA HIS B 437 -23.21 -26.87 -3.55
C HIS B 437 -22.49 -26.23 -4.73
N VAL B 438 -23.26 -25.81 -5.74
CA VAL B 438 -22.74 -25.14 -6.93
C VAL B 438 -23.60 -23.92 -7.24
N ASN B 439 -24.42 -23.50 -6.28
CA ASN B 439 -25.41 -22.46 -6.49
C ASN B 439 -24.90 -21.05 -6.20
N SER B 440 -23.62 -20.89 -5.85
CA SER B 440 -23.06 -19.56 -5.63
C SER B 440 -21.98 -19.15 -6.61
N VAL B 441 -21.31 -20.10 -7.27
CA VAL B 441 -20.26 -19.81 -8.24
C VAL B 441 -20.54 -20.65 -9.48
N ASN B 442 -20.90 -19.99 -10.57
CA ASN B 442 -21.17 -20.65 -11.84
C ASN B 442 -19.99 -20.36 -12.78
N PHE B 443 -19.46 -21.41 -13.40
CA PHE B 443 -18.27 -21.26 -14.23
C PHE B 443 -18.50 -20.35 -15.43
N SER B 444 -19.76 -20.10 -15.81
CA SER B 444 -20.02 -19.19 -16.91
C SER B 444 -19.46 -17.80 -16.65
N THR B 445 -19.35 -17.40 -15.38
CA THR B 445 -18.77 -16.10 -15.07
C THR B 445 -17.27 -16.06 -15.34
N CYS B 446 -16.59 -17.22 -15.28
CA CYS B 446 -15.15 -17.27 -15.51
C CYS B 446 -14.78 -17.16 -16.99
N GLN B 447 -15.69 -17.50 -17.90
CA GLN B 447 -15.31 -17.61 -19.30
C GLN B 447 -15.13 -16.26 -19.97
N GLY B 448 -15.83 -15.23 -19.51
CA GLY B 448 -15.61 -13.90 -20.06
C GLY B 448 -14.15 -13.49 -20.00
N CYS B 449 -13.52 -13.68 -18.84
CA CYS B 449 -12.12 -13.31 -18.69
C CYS B 449 -11.19 -14.38 -19.26
N HIS B 450 -11.53 -15.67 -19.07
CA HIS B 450 -10.59 -16.75 -19.30
C HIS B 450 -10.82 -17.54 -20.58
N SER B 451 -11.94 -17.32 -21.28
CA SER B 451 -12.33 -18.02 -22.50
C SER B 451 -12.91 -19.40 -22.19
N ASP B 452 -13.62 -19.98 -23.16
CA ASP B 452 -14.23 -21.30 -23.02
C ASP B 452 -13.27 -22.43 -23.34
N THR B 453 -11.97 -22.14 -23.50
CA THR B 453 -10.93 -23.15 -23.62
C THR B 453 -9.86 -22.92 -22.56
N PHE B 454 -10.30 -22.63 -21.34
CA PHE B 454 -9.43 -22.37 -20.19
C PHE B 454 -8.82 -23.68 -19.70
N GLU B 455 -7.55 -23.92 -20.03
CA GLU B 455 -6.88 -25.17 -19.66
C GLU B 455 -6.29 -25.02 -18.26
N ILE B 456 -7.17 -25.13 -17.27
CA ILE B 456 -6.77 -24.85 -15.89
C ILE B 456 -5.72 -25.87 -15.47
N HIS B 457 -4.57 -25.35 -15.02
CA HIS B 457 -3.44 -26.14 -14.55
C HIS B 457 -2.74 -26.94 -15.65
N LYS B 458 -2.90 -26.53 -16.91
CA LYS B 458 -2.02 -27.05 -17.95
C LYS B 458 -0.58 -26.70 -17.60
N GLY B 459 0.33 -27.65 -17.77
CA GLY B 459 1.73 -27.45 -17.48
C GLY B 459 2.32 -28.53 -16.59
N HIS B 460 2.07 -28.42 -15.28
CA HIS B 460 2.51 -29.43 -14.33
C HIS B 460 1.44 -30.48 -14.05
N HIS B 461 0.23 -30.30 -14.57
CA HIS B 461 -0.85 -31.28 -14.48
C HIS B 461 -1.39 -31.53 -15.88
N SER B 462 -2.35 -32.46 -15.97
CA SER B 462 -2.99 -32.71 -17.26
C SER B 462 -3.75 -31.48 -17.75
N GLY B 463 -4.24 -30.66 -16.84
CA GLY B 463 -5.12 -29.57 -17.23
C GLY B 463 -6.57 -29.98 -17.21
N PHE B 464 -7.43 -29.01 -16.90
CA PHE B 464 -8.87 -29.27 -16.77
C PHE B 464 -9.64 -28.18 -17.48
N VAL B 465 -10.37 -28.55 -18.52
CA VAL B 465 -11.34 -27.65 -19.17
C VAL B 465 -12.70 -27.97 -18.58
N MET B 466 -13.34 -26.97 -17.99
CA MET B 466 -14.60 -27.17 -17.28
C MET B 466 -15.77 -26.96 -18.25
N THR B 467 -16.63 -27.98 -18.36
CA THR B 467 -17.77 -27.95 -19.27
C THR B 467 -18.96 -28.58 -18.57
N GLU B 468 -20.03 -28.82 -19.33
CA GLU B 468 -21.18 -29.54 -18.79
C GLU B 468 -20.86 -31.00 -18.45
N GLN B 469 -19.68 -31.50 -18.84
CA GLN B 469 -19.29 -32.85 -18.48
C GLN B 469 -19.24 -33.03 -16.97
N VAL B 470 -18.95 -31.96 -16.23
CA VAL B 470 -18.89 -32.03 -14.77
C VAL B 470 -20.17 -31.52 -14.12
N SER B 471 -21.21 -31.27 -14.91
CA SER B 471 -22.45 -30.69 -14.38
C SER B 471 -23.30 -31.76 -13.69
N HIS B 472 -23.88 -31.38 -12.55
CA HIS B 472 -24.79 -32.22 -11.79
C HIS B 472 -25.91 -31.41 -11.15
N ALA B 473 -26.28 -30.29 -11.77
CA ALA B 473 -27.34 -29.42 -11.28
C ALA B 473 -27.74 -28.47 -12.39
N LYS B 474 -28.99 -28.01 -12.33
CA LYS B 474 -29.51 -27.03 -13.26
C LYS B 474 -29.94 -25.78 -12.49
N ASP B 475 -30.04 -24.67 -13.21
CA ASP B 475 -30.44 -23.41 -12.59
C ASP B 475 -31.96 -23.25 -12.66
N ALA B 476 -32.46 -22.07 -12.28
CA ALA B 476 -33.89 -21.82 -12.26
C ALA B 476 -34.49 -21.92 -13.67
N ASN B 477 -33.80 -21.37 -14.67
CA ASN B 477 -34.28 -21.46 -16.04
C ASN B 477 -34.17 -22.88 -16.58
N GLY B 478 -33.39 -23.75 -15.94
CA GLY B 478 -33.27 -25.13 -16.35
C GLY B 478 -32.00 -25.48 -17.09
N LYS B 479 -31.02 -24.59 -17.16
CA LYS B 479 -29.78 -24.86 -17.87
C LYS B 479 -28.74 -25.45 -16.92
N ALA B 480 -27.90 -26.32 -17.47
CA ALA B 480 -26.89 -27.03 -16.67
C ALA B 480 -25.94 -26.04 -16.00
N ILE B 481 -25.62 -26.32 -14.74
CA ILE B 481 -24.68 -25.51 -13.97
C ILE B 481 -23.33 -26.19 -14.01
N VAL B 482 -22.34 -25.52 -14.60
CA VAL B 482 -20.96 -25.98 -14.58
C VAL B 482 -20.30 -25.41 -13.32
N GLY B 483 -19.99 -26.28 -12.37
CA GLY B 483 -19.40 -25.85 -11.12
C GLY B 483 -17.89 -26.07 -11.07
N VAL B 484 -17.28 -25.43 -10.06
CA VAL B 484 -15.88 -25.62 -9.76
C VAL B 484 -15.69 -26.51 -8.53
N ASP B 485 -16.69 -27.34 -8.21
CA ASP B 485 -16.65 -28.17 -7.00
C ASP B 485 -15.60 -29.27 -7.07
N GLY B 486 -15.18 -29.67 -8.27
CA GLY B 486 -14.15 -30.69 -8.39
C GLY B 486 -12.81 -30.27 -7.83
N CYS B 487 -12.54 -28.95 -7.76
CA CYS B 487 -11.22 -28.48 -7.41
C CYS B 487 -10.87 -28.75 -5.94
N VAL B 488 -11.86 -28.98 -5.08
CA VAL B 488 -11.57 -29.23 -3.68
C VAL B 488 -10.91 -30.58 -3.45
N ALA B 489 -10.87 -31.45 -4.46
CA ALA B 489 -10.17 -32.73 -4.31
C ALA B 489 -8.70 -32.52 -3.97
N CYS B 490 -8.09 -31.46 -4.47
CA CYS B 490 -6.74 -31.07 -4.06
C CYS B 490 -6.74 -29.88 -3.11
N HIS B 491 -7.65 -28.93 -3.33
CA HIS B 491 -7.76 -27.73 -2.51
C HIS B 491 -8.58 -28.05 -1.26
N THR B 492 -7.99 -28.88 -0.42
CA THR B 492 -8.62 -29.42 0.77
C THR B 492 -8.55 -28.42 1.90
N PRO B 493 -9.43 -28.57 2.90
CA PRO B 493 -9.33 -27.72 4.10
C PRO B 493 -7.94 -27.67 4.71
N ASP B 494 -7.15 -28.74 4.59
CA ASP B 494 -5.79 -28.76 5.10
C ASP B 494 -4.78 -28.16 4.13
N GLY B 495 -5.24 -27.49 3.08
CA GLY B 495 -4.34 -26.84 2.14
C GLY B 495 -3.92 -27.75 1.01
N THR B 496 -2.86 -27.33 0.31
CA THR B 496 -2.22 -28.20 -0.66
C THR B 496 -0.92 -28.73 -0.06
N TYR B 497 0.16 -28.76 -0.84
CA TYR B 497 1.38 -29.42 -0.37
C TYR B 497 2.00 -28.72 0.84
N ALA B 498 1.76 -27.43 1.03
CA ALA B 498 2.35 -26.69 2.14
C ALA B 498 1.54 -26.76 3.42
N SER B 499 0.41 -27.49 3.41
CA SER B 499 -0.37 -27.74 4.62
C SER B 499 -0.84 -26.43 5.27
N GLY B 500 -1.21 -25.45 4.44
CA GLY B 500 -1.78 -24.20 4.89
C GLY B 500 -0.93 -22.99 4.62
N ALA B 501 0.39 -23.14 4.44
CA ALA B 501 1.25 -21.98 4.23
C ALA B 501 0.85 -21.20 2.99
N ASN B 502 0.22 -21.86 2.01
CA ASN B 502 -0.23 -21.19 0.80
C ASN B 502 -1.75 -21.01 0.75
N LYS B 503 -2.44 -21.19 1.88
CA LYS B 503 -3.89 -21.08 1.97
C LYS B 503 -4.56 -21.87 0.84
N GLY B 504 -4.30 -23.19 0.83
CA GLY B 504 -4.71 -24.01 -0.28
C GLY B 504 -6.20 -24.25 -0.37
N ALA B 505 -6.91 -24.16 0.74
CA ALA B 505 -8.34 -24.46 0.75
C ALA B 505 -9.06 -23.64 -0.31
N PHE B 506 -9.98 -24.29 -1.02
CA PHE B 506 -10.64 -23.64 -2.15
C PHE B 506 -11.47 -22.44 -1.71
N GLU B 507 -12.02 -22.46 -0.49
CA GLU B 507 -12.74 -21.30 0.04
C GLU B 507 -11.87 -20.05 0.08
N MET B 508 -10.55 -20.19 -0.01
CA MET B 508 -9.62 -19.06 0.03
C MET B 508 -8.84 -18.86 -1.24
N LYS B 509 -8.60 -19.92 -2.03
CA LYS B 509 -7.58 -19.88 -3.07
C LYS B 509 -7.91 -18.87 -4.15
N LEU B 510 -9.16 -18.87 -4.64
CA LEU B 510 -9.50 -17.93 -5.71
C LEU B 510 -9.59 -16.50 -5.18
N HIS B 511 -9.94 -16.33 -3.90
CA HIS B 511 -9.97 -14.98 -3.33
C HIS B 511 -8.57 -14.39 -3.25
N VAL B 512 -7.60 -15.19 -2.78
CA VAL B 512 -6.25 -14.70 -2.58
C VAL B 512 -5.66 -14.25 -3.91
N ILE B 513 -5.83 -15.06 -4.95
CA ILE B 513 -5.19 -14.76 -6.22
C ILE B 513 -5.90 -13.61 -6.93
N HIS B 514 -7.21 -13.46 -6.74
CA HIS B 514 -7.95 -12.42 -7.45
C HIS B 514 -8.04 -11.12 -6.67
N GLY B 515 -7.94 -11.17 -5.35
CA GLY B 515 -7.83 -9.94 -4.58
C GLY B 515 -6.63 -9.11 -4.94
N GLU B 516 -5.66 -9.70 -5.63
CA GLU B 516 -4.46 -9.01 -6.10
C GLU B 516 -4.53 -8.58 -7.55
N GLN B 517 -5.62 -8.88 -8.25
CA GLN B 517 -5.77 -8.53 -9.66
C GLN B 517 -6.74 -7.36 -9.78
N GLY B 518 -6.23 -6.22 -10.26
CA GLY B 518 -7.02 -5.00 -10.29
C GLY B 518 -8.25 -5.07 -11.17
N VAL B 519 -8.28 -6.00 -12.12
CA VAL B 519 -9.46 -6.16 -12.94
C VAL B 519 -10.63 -6.73 -12.14
N ILE B 520 -10.37 -7.33 -10.99
CA ILE B 520 -11.41 -7.87 -10.12
C ILE B 520 -11.80 -6.81 -9.11
N LYS B 521 -13.06 -6.37 -9.14
CA LYS B 521 -13.49 -5.30 -8.25
C LYS B 521 -14.84 -5.51 -7.59
N GLU B 522 -15.65 -6.48 -8.01
CA GLU B 522 -16.96 -6.73 -7.41
C GLU B 522 -17.17 -8.23 -7.28
N CYS B 523 -17.79 -8.65 -6.16
CA CYS B 523 -18.04 -10.06 -5.93
C CYS B 523 -18.91 -10.66 -7.03
N THR B 524 -19.76 -9.85 -7.67
CA THR B 524 -20.62 -10.31 -8.76
C THR B 524 -19.84 -10.79 -9.97
N GLN B 525 -18.53 -10.52 -10.05
CA GLN B 525 -17.75 -11.02 -11.19
C GLN B 525 -17.56 -12.53 -11.14
N CYS B 526 -17.85 -13.18 -10.01
CA CYS B 526 -17.88 -14.63 -9.96
C CYS B 526 -19.16 -15.15 -9.30
N HIS B 527 -19.79 -14.33 -8.46
CA HIS B 527 -20.87 -14.77 -7.59
C HIS B 527 -22.23 -14.33 -8.10
N ASN B 528 -23.13 -15.29 -8.27
CA ASN B 528 -24.55 -15.01 -8.42
C ASN B 528 -25.29 -15.03 -7.08
N ASP B 529 -24.63 -15.50 -6.01
CA ASP B 529 -25.24 -15.66 -4.70
C ASP B 529 -24.12 -16.02 -3.72
N PHE B 530 -24.43 -15.91 -2.44
CA PHE B 530 -23.59 -16.44 -1.37
C PHE B 530 -24.34 -17.58 -0.70
N ASN B 531 -23.70 -18.73 -0.58
CA ASN B 531 -24.29 -19.86 0.15
C ASN B 531 -23.71 -19.83 1.56
N LEU B 532 -24.25 -18.90 2.37
CA LEU B 532 -23.75 -18.74 3.73
C LEU B 532 -24.04 -19.95 4.61
N ASP B 533 -25.06 -20.75 4.28
CA ASP B 533 -25.35 -21.94 5.04
C ASP B 533 -24.30 -23.03 4.85
N ALA B 534 -23.50 -22.96 3.77
CA ALA B 534 -22.45 -23.94 3.59
C ALA B 534 -21.43 -23.89 4.73
N PHE B 535 -21.31 -22.76 5.42
CA PHE B 535 -20.41 -22.69 6.57
C PHE B 535 -20.87 -23.58 7.72
N LYS B 536 -22.15 -23.95 7.76
CA LYS B 536 -22.65 -24.81 8.82
C LYS B 536 -22.05 -26.21 8.77
N VAL B 537 -21.58 -26.64 7.60
CA VAL B 537 -21.00 -27.97 7.44
C VAL B 537 -19.49 -27.92 7.29
N LYS B 538 -18.87 -26.77 7.53
CA LYS B 538 -17.44 -26.61 7.40
C LYS B 538 -16.76 -26.72 8.75
N GLY B 539 -15.55 -27.28 8.75
CA GLY B 539 -14.63 -27.19 9.85
C GLY B 539 -13.63 -26.07 9.62
N ALA B 540 -12.57 -26.09 10.44
CA ALA B 540 -11.53 -25.07 10.31
C ALA B 540 -10.73 -25.27 9.02
N LEU B 541 -10.09 -24.20 8.58
CA LEU B 541 -9.25 -24.20 7.39
C LEU B 541 -7.81 -23.88 7.78
N ALA B 542 -6.85 -24.52 7.11
CA ALA B 542 -5.44 -24.28 7.40
C ALA B 542 -5.00 -22.99 6.73
N THR B 543 -4.62 -22.00 7.52
CA THR B 543 -4.24 -20.69 7.01
C THR B 543 -2.74 -20.42 7.09
N SER B 544 -2.00 -21.17 7.90
CA SER B 544 -0.54 -21.21 7.82
C SER B 544 -0.14 -22.68 7.97
N ALA B 545 1.17 -22.92 7.94
CA ALA B 545 1.66 -24.30 7.98
C ALA B 545 1.24 -25.00 9.28
N GLY B 546 0.28 -25.92 9.17
CA GLY B 546 -0.16 -26.69 10.31
C GLY B 546 -1.05 -25.96 11.29
N LYS B 547 -1.49 -24.74 10.98
CA LYS B 547 -2.31 -23.95 11.89
C LYS B 547 -3.63 -23.61 11.22
N TYR B 548 -4.69 -23.49 12.02
CA TYR B 548 -6.05 -23.52 11.52
C TYR B 548 -6.86 -22.33 12.03
N THR B 549 -7.82 -21.91 11.20
CA THR B 549 -8.66 -20.76 11.44
C THR B 549 -10.11 -21.14 11.18
N THR B 550 -11.02 -20.62 11.99
CA THR B 550 -12.43 -20.93 11.83
C THR B 550 -12.92 -20.48 10.46
N PRO B 551 -13.92 -21.16 9.87
CA PRO B 551 -14.09 -21.09 8.40
C PRO B 551 -14.55 -19.74 7.89
N ILE B 552 -15.46 -19.03 8.57
CA ILE B 552 -15.88 -17.73 8.07
C ILE B 552 -14.71 -16.75 8.10
N THR B 553 -13.99 -16.71 9.23
CA THR B 553 -12.83 -15.83 9.36
C THR B 553 -11.77 -16.17 8.32
N ALA B 554 -11.57 -17.46 8.04
CA ALA B 554 -10.55 -17.85 7.07
C ALA B 554 -10.93 -17.38 5.67
N THR B 555 -12.22 -17.35 5.36
CA THR B 555 -12.67 -16.92 4.05
C THR B 555 -12.57 -15.39 3.91
N CYS B 556 -13.03 -14.65 4.91
CA CYS B 556 -12.94 -13.19 4.84
C CYS B 556 -11.49 -12.72 4.86
N THR B 557 -10.64 -13.39 5.64
CA THR B 557 -9.24 -12.98 5.73
C THR B 557 -8.42 -13.43 4.53
N SER B 558 -9.05 -14.04 3.52
CA SER B 558 -8.38 -14.22 2.24
C SER B 558 -7.96 -12.88 1.65
N CYS B 559 -8.75 -11.84 1.90
CA CYS B 559 -8.42 -10.50 1.44
C CYS B 559 -8.12 -9.53 2.57
N HIS B 560 -8.77 -9.68 3.73
CA HIS B 560 -8.59 -8.77 4.87
C HIS B 560 -7.52 -9.32 5.82
N ALA B 561 -6.45 -8.56 6.01
CA ALA B 561 -5.50 -8.92 7.04
C ALA B 561 -6.24 -9.01 8.38
N PRO B 562 -6.04 -10.08 9.15
CA PRO B 562 -6.76 -10.21 10.43
C PRO B 562 -6.58 -9.00 11.33
N GLU B 563 -5.42 -8.35 11.28
CA GLU B 563 -5.15 -7.18 12.09
C GLU B 563 -5.90 -5.94 11.62
N SER B 564 -6.45 -5.96 10.41
CA SER B 564 -7.25 -4.84 9.91
C SER B 564 -8.71 -4.92 10.36
N ILE B 565 -9.14 -6.03 10.95
CA ILE B 565 -10.51 -6.17 11.43
C ILE B 565 -10.58 -5.52 12.82
N GLY B 566 -11.00 -4.25 12.84
CA GLY B 566 -10.81 -3.43 14.02
C GLY B 566 -11.51 -3.97 15.26
N HIS B 567 -12.76 -4.43 15.10
CA HIS B 567 -13.50 -4.92 16.26
C HIS B 567 -12.94 -6.22 16.82
N GLY B 568 -11.94 -6.80 16.18
CA GLY B 568 -11.31 -8.01 16.68
C GLY B 568 -12.10 -9.26 16.36
N LEU B 569 -11.49 -10.40 16.71
CA LEU B 569 -12.08 -11.71 16.47
C LEU B 569 -12.32 -12.51 17.74
N GLU B 570 -11.68 -12.15 18.86
CA GLU B 570 -11.84 -12.91 20.10
C GLU B 570 -13.27 -12.82 20.63
N ASN B 571 -13.90 -11.65 20.49
CA ASN B 571 -15.27 -11.48 20.96
C ASN B 571 -16.28 -12.18 20.07
N MET B 572 -15.86 -12.64 18.88
CA MET B 572 -16.78 -13.20 17.90
C MET B 572 -16.65 -14.71 17.78
N GLY B 573 -15.99 -15.36 18.72
CA GLY B 573 -15.89 -16.81 18.73
C GLY B 573 -14.96 -17.40 17.71
N ALA B 574 -14.12 -16.59 17.07
CA ALA B 574 -13.21 -17.08 16.05
C ALA B 574 -11.87 -17.48 16.65
N ILE B 575 -11.17 -18.34 15.92
CA ILE B 575 -9.80 -18.73 16.24
C ILE B 575 -8.95 -18.47 15.00
N VAL B 576 -7.81 -17.81 15.17
CA VAL B 576 -6.95 -17.43 14.07
C VAL B 576 -5.59 -18.12 14.24
N ASN B 577 -5.28 -19.02 13.31
CA ASN B 577 -3.99 -19.73 13.30
C ASN B 577 -3.73 -20.45 14.62
N GLY B 578 -4.74 -21.17 15.10
CA GLY B 578 -4.61 -22.03 16.25
C GLY B 578 -4.32 -23.46 15.85
N ASP B 579 -4.26 -24.33 16.84
CA ASP B 579 -4.05 -25.73 16.49
C ASP B 579 -5.39 -26.38 16.09
N TYR B 580 -5.27 -27.58 15.53
CA TYR B 580 -6.37 -28.20 14.79
C TYR B 580 -7.59 -28.42 15.67
N VAL B 581 -7.40 -29.01 16.84
CA VAL B 581 -8.55 -29.35 17.70
C VAL B 581 -9.23 -28.09 18.21
N GLN B 582 -8.43 -27.09 18.61
CA GLN B 582 -8.98 -25.88 19.20
C GLN B 582 -9.76 -25.08 18.17
N ALA B 583 -9.22 -24.91 16.96
CA ALA B 583 -9.93 -24.18 15.92
C ALA B 583 -11.18 -24.91 15.49
N ASN B 584 -11.13 -26.24 15.41
CA ASN B 584 -12.28 -27.00 14.95
C ASN B 584 -13.40 -27.02 15.98
N GLN B 585 -13.05 -26.94 17.27
CA GLN B 585 -14.10 -26.84 18.30
C GLN B 585 -14.85 -25.52 18.20
N ALA B 586 -14.17 -24.46 17.76
CA ALA B 586 -14.79 -23.15 17.59
C ALA B 586 -15.40 -22.94 16.22
N ALA B 587 -15.39 -23.98 15.37
CA ALA B 587 -15.75 -23.80 13.97
C ALA B 587 -17.21 -23.37 13.80
N GLN B 588 -18.07 -23.71 14.75
CA GLN B 588 -19.47 -23.29 14.71
C GLN B 588 -19.80 -22.30 15.82
N SER B 589 -18.80 -21.52 16.26
CA SER B 589 -19.01 -20.50 17.28
C SER B 589 -18.87 -19.08 16.74
N GLU B 590 -18.64 -18.92 15.44
CA GLU B 590 -18.50 -17.59 14.86
C GLU B 590 -19.85 -16.87 14.80
N THR B 591 -19.89 -15.65 15.32
CA THR B 591 -21.09 -14.84 15.34
C THR B 591 -21.16 -13.84 14.19
N CYS B 592 -20.36 -14.05 13.13
CA CYS B 592 -20.16 -13.03 12.10
C CYS B 592 -21.48 -12.61 11.46
N PHE B 593 -22.28 -13.58 11.03
CA PHE B 593 -23.47 -13.27 10.24
C PHE B 593 -24.64 -12.79 11.09
N TYR B 594 -24.45 -12.63 12.40
CA TYR B 594 -25.44 -11.92 13.20
C TYR B 594 -25.47 -10.44 12.82
N CYS B 595 -24.33 -9.89 12.38
CA CYS B 595 -24.24 -8.50 11.93
C CYS B 595 -24.08 -8.40 10.42
N HIS B 596 -23.24 -9.24 9.82
CA HIS B 596 -22.95 -9.14 8.40
C HIS B 596 -24.06 -9.78 7.59
N LYS B 597 -24.64 -9.00 6.67
CA LYS B 597 -25.66 -9.46 5.73
C LYS B 597 -25.16 -9.24 4.31
N PRO B 598 -24.11 -9.95 3.90
CA PRO B 598 -23.51 -9.68 2.59
C PRO B 598 -24.34 -10.22 1.44
N THR B 599 -24.42 -9.42 0.38
CA THR B 599 -24.91 -9.85 -0.92
C THR B 599 -23.78 -9.68 -1.94
N PRO B 600 -23.79 -10.44 -3.03
CA PRO B 600 -22.74 -10.23 -4.04
C PRO B 600 -22.70 -8.81 -4.58
N THR B 601 -23.83 -8.10 -4.55
CA THR B 601 -23.83 -6.72 -5.01
C THR B 601 -23.11 -5.80 -4.02
N ASP B 602 -23.32 -6.03 -2.72
CA ASP B 602 -22.64 -5.25 -1.68
C ASP B 602 -22.41 -6.19 -0.51
N HIS B 603 -21.18 -6.67 -0.35
CA HIS B 603 -20.87 -7.59 0.73
C HIS B 603 -20.52 -6.88 2.04
N THR B 604 -20.47 -5.56 2.03
CA THR B 604 -20.15 -4.79 3.23
C THR B 604 -21.38 -4.50 4.09
N GLN B 605 -22.56 -4.96 3.68
CA GLN B 605 -23.79 -4.62 4.38
C GLN B 605 -23.79 -5.24 5.77
N VAL B 606 -24.20 -4.45 6.78
CA VAL B 606 -24.30 -4.93 8.15
C VAL B 606 -25.64 -4.49 8.74
N LYS B 607 -26.07 -5.21 9.77
CA LYS B 607 -27.31 -4.96 10.50
C LYS B 607 -26.92 -4.72 11.95
N MET B 608 -26.94 -3.45 12.38
CA MET B 608 -26.50 -3.12 13.75
C MET B 608 -27.66 -2.69 14.64
N GLN C 5 17.46 12.76 -28.71
CA GLN C 5 18.34 11.86 -27.98
C GLN C 5 19.18 12.61 -26.94
N ILE C 6 19.96 13.58 -27.41
CA ILE C 6 20.68 14.52 -26.55
C ILE C 6 20.65 15.88 -27.22
N LEU C 7 20.15 16.89 -26.51
CA LEU C 7 20.19 18.27 -26.96
C LEU C 7 21.34 18.96 -26.25
N ASN C 8 22.42 19.25 -26.98
CA ASN C 8 23.53 20.01 -26.45
C ASN C 8 23.38 21.46 -26.87
N PHE C 9 23.51 22.38 -25.93
CA PHE C 9 23.32 23.80 -26.17
C PHE C 9 24.65 24.53 -26.12
N THR C 10 24.94 25.29 -27.18
CA THR C 10 26.10 26.19 -27.22
C THR C 10 25.58 27.60 -27.36
N PHE C 11 25.89 28.44 -26.37
CA PHE C 11 25.39 29.81 -26.36
C PHE C 11 26.32 30.72 -27.15
N ASP C 12 25.73 31.65 -27.89
CA ASP C 12 26.47 32.58 -28.74
C ASP C 12 26.53 33.98 -28.17
N LYS C 13 25.41 34.54 -27.75
CA LYS C 13 25.35 35.92 -27.31
C LYS C 13 24.18 36.08 -26.35
N SER C 14 24.48 36.41 -25.09
CA SER C 14 23.47 36.60 -24.05
C SER C 14 23.60 38.01 -23.51
N VAL C 15 22.51 38.78 -23.61
CA VAL C 15 22.54 40.21 -23.31
C VAL C 15 21.22 40.57 -22.65
N ILE C 16 21.19 41.71 -21.97
CA ILE C 16 19.95 42.32 -21.50
C ILE C 16 19.96 43.78 -21.99
N THR C 17 19.31 44.03 -23.12
CA THR C 17 19.31 45.35 -23.76
C THR C 17 18.19 46.22 -23.20
N ASN C 18 18.56 47.25 -22.46
CA ASN C 18 17.60 48.22 -21.89
C ASN C 18 16.52 47.49 -21.10
N GLY C 19 16.91 46.38 -20.45
CA GLY C 19 16.03 45.64 -19.57
C GLY C 19 15.29 44.48 -20.19
N VAL C 20 15.54 44.16 -21.45
CA VAL C 20 14.87 43.06 -22.13
C VAL C 20 15.90 41.97 -22.39
N PRO C 21 15.72 40.77 -21.86
CA PRO C 21 16.72 39.71 -22.07
C PRO C 21 16.69 39.20 -23.50
N SER C 22 17.83 38.65 -23.91
CA SER C 22 17.98 38.16 -25.27
C SER C 22 19.08 37.12 -25.30
N VAL C 23 18.82 35.97 -25.92
CA VAL C 23 19.78 34.89 -25.97
C VAL C 23 19.80 34.30 -27.38
N GLU C 24 20.99 33.91 -27.83
CA GLU C 24 21.19 33.31 -29.14
C GLU C 24 22.06 32.07 -28.98
N PHE C 25 21.63 30.96 -29.57
CA PHE C 25 22.30 29.69 -29.33
C PHE C 25 22.16 28.77 -30.54
N THR C 26 23.21 28.00 -30.81
CA THR C 26 23.12 26.84 -31.67
C THR C 26 22.75 25.62 -30.83
N VAL C 27 22.10 24.65 -31.45
CA VAL C 27 21.69 23.44 -30.75
C VAL C 27 22.09 22.25 -31.61
N THR C 28 22.71 21.28 -30.97
CA THR C 28 23.25 20.11 -31.63
C THR C 28 22.62 18.85 -31.05
N ASN C 29 22.91 17.71 -31.69
CA ASN C 29 22.42 16.42 -31.22
C ASN C 29 23.59 15.61 -30.67
N GLU C 30 23.33 14.34 -30.35
CA GLU C 30 24.33 13.53 -29.66
C GLU C 30 25.58 13.29 -30.50
N ASN C 31 25.45 13.32 -31.83
CA ASN C 31 26.59 13.20 -32.74
C ASN C 31 27.08 14.56 -33.23
N ASP C 32 26.84 15.61 -32.45
CA ASP C 32 26.99 17.03 -32.75
C ASP C 32 26.68 17.43 -34.19
N LEU C 33 25.58 16.91 -34.74
CA LEU C 33 24.97 17.53 -35.91
C LEU C 33 23.81 18.43 -35.46
N PRO C 34 23.49 19.47 -36.22
CA PRO C 34 22.46 20.42 -35.75
C PRO C 34 21.06 19.83 -35.85
N VAL C 35 20.15 20.43 -35.09
CA VAL C 35 18.74 20.04 -35.12
C VAL C 35 17.90 21.30 -35.33
N VAL C 36 16.86 21.18 -36.15
CA VAL C 36 16.06 22.31 -36.58
C VAL C 36 14.58 22.00 -36.33
N GLY C 37 13.83 23.04 -35.97
CA GLY C 37 12.39 22.92 -35.83
C GLY C 37 11.88 22.71 -34.43
N LEU C 38 12.68 23.00 -33.41
CA LEU C 38 12.23 22.82 -32.02
C LEU C 38 11.03 23.72 -31.76
N GLN C 39 9.98 23.12 -31.17
CA GLN C 39 8.67 23.73 -31.17
C GLN C 39 8.20 24.24 -29.81
N LYS C 40 8.77 23.76 -28.71
CA LYS C 40 8.37 24.20 -27.38
C LYS C 40 9.57 24.34 -26.46
N MET C 41 9.69 25.52 -25.84
CA MET C 41 10.75 25.80 -24.88
C MET C 41 10.25 26.78 -23.84
N ARG C 42 10.67 26.57 -22.60
CA ARG C 42 10.47 27.57 -21.56
C ARG C 42 11.77 28.35 -21.38
N PHE C 43 11.65 29.65 -21.15
CA PHE C 43 12.81 30.52 -20.94
C PHE C 43 12.66 31.24 -19.61
N ALA C 44 13.70 31.18 -18.79
CA ALA C 44 13.67 31.77 -17.46
C ALA C 44 14.78 32.80 -17.30
N ALA C 45 14.55 33.78 -16.44
CA ALA C 45 15.50 34.85 -16.17
C ALA C 45 15.71 35.01 -14.67
N ALA C 46 16.95 35.28 -14.28
CA ALA C 46 17.28 35.49 -12.87
C ALA C 46 18.59 36.27 -12.76
N GLN C 47 18.79 36.88 -11.60
CA GLN C 47 20.03 37.59 -11.31
C GLN C 47 20.52 37.22 -9.92
N LEU C 48 21.84 37.36 -9.71
CA LEU C 48 22.51 36.85 -8.52
C LEU C 48 22.99 38.00 -7.64
N ILE C 49 22.44 38.08 -6.45
CA ILE C 49 23.00 38.96 -5.41
C ILE C 49 24.33 38.36 -4.93
N PRO C 50 25.38 39.15 -4.76
CA PRO C 50 26.66 38.60 -4.32
C PRO C 50 26.70 38.36 -2.82
N GLN C 51 27.76 37.68 -2.39
CA GLN C 51 27.94 37.39 -0.97
C GLN C 51 28.14 38.68 -0.20
N GLY C 52 27.26 38.91 0.78
CA GLY C 52 27.38 40.04 1.68
C GLY C 52 26.48 41.21 1.35
N ALA C 53 26.01 41.32 0.10
CA ALA C 53 25.24 42.48 -0.30
C ALA C 53 23.95 42.62 0.52
N THR C 54 23.29 41.49 0.81
CA THR C 54 22.11 41.54 1.66
C THR C 54 22.44 41.89 3.10
N GLY C 55 23.67 41.62 3.52
CA GLY C 55 24.09 41.86 4.88
C GLY C 55 25.38 41.16 5.17
N ALA C 56 26.04 41.58 6.26
CA ALA C 56 27.30 40.97 6.66
C ALA C 56 27.11 39.48 6.94
N GLY C 57 27.88 38.65 6.24
CA GLY C 57 27.84 37.22 6.42
C GLY C 57 26.80 36.47 5.60
N ASN C 58 25.89 37.19 4.94
CA ASN C 58 24.87 36.51 4.15
C ASN C 58 25.46 35.96 2.86
N ALA C 59 24.81 34.92 2.34
CA ALA C 59 25.31 34.22 1.16
C ALA C 59 24.82 34.89 -0.12
N SER C 60 25.39 34.46 -1.24
CA SER C 60 24.83 34.83 -2.53
C SER C 60 23.41 34.26 -2.64
N GLN C 61 22.57 34.94 -3.42
CA GLN C 61 21.14 34.64 -3.41
C GLN C 61 20.54 35.00 -4.77
N TRP C 62 20.00 33.99 -5.45
CA TRP C 62 19.33 34.20 -6.72
C TRP C 62 18.07 35.04 -6.52
N GLN C 63 17.66 35.70 -7.60
CA GLN C 63 16.40 36.42 -7.64
C GLN C 63 15.70 36.01 -8.92
N TYR C 64 14.65 35.21 -8.79
CA TYR C 64 13.99 34.60 -9.94
C TYR C 64 13.00 35.58 -10.52
N PHE C 65 13.28 36.07 -11.73
CA PHE C 65 12.40 37.04 -12.37
C PHE C 65 11.11 36.37 -12.85
N GLY C 66 11.25 35.33 -13.65
CA GLY C 66 10.10 34.60 -14.15
C GLY C 66 10.47 33.72 -15.32
N ASP C 67 9.45 33.08 -15.88
CA ASP C 67 9.63 32.21 -17.03
C ASP C 67 8.59 32.53 -18.09
N GLU C 68 8.96 32.30 -19.34
CA GLU C 68 8.06 32.47 -20.47
C GLU C 68 8.08 31.18 -21.29
N THR C 69 6.88 30.66 -21.59
CA THR C 69 6.73 29.41 -22.32
C THR C 69 6.36 29.72 -23.77
N CYS C 70 7.24 29.35 -24.69
CA CYS C 70 7.07 29.65 -26.11
C CYS C 70 6.68 28.36 -26.84
N ASP C 71 5.39 28.24 -27.16
CA ASP C 71 4.90 27.20 -28.05
C ASP C 71 4.86 27.77 -29.46
N VAL C 72 5.63 27.17 -30.37
CA VAL C 72 5.72 27.67 -31.74
C VAL C 72 4.36 27.70 -32.41
N ALA C 73 3.43 26.86 -31.96
CA ALA C 73 2.11 26.80 -32.57
C ALA C 73 1.25 27.97 -32.12
N ALA C 74 1.29 28.31 -30.85
CA ALA C 74 0.47 29.41 -30.32
C ALA C 74 1.03 29.85 -28.97
N THR C 75 0.63 31.07 -28.58
CA THR C 75 0.95 31.65 -27.28
C THR C 75 2.46 31.52 -26.97
N CYS C 76 3.24 32.27 -27.75
CA CYS C 76 4.66 32.47 -27.49
C CYS C 76 4.85 33.93 -27.15
N PRO C 77 4.83 34.30 -25.85
CA PRO C 77 4.79 35.73 -25.50
C PRO C 77 5.94 36.53 -26.08
N GLY C 78 7.16 35.97 -26.07
CA GLY C 78 8.32 36.65 -26.60
C GLY C 78 8.40 36.57 -28.11
N THR C 79 9.64 36.53 -28.62
CA THR C 79 9.92 36.54 -30.05
C THR C 79 10.87 35.39 -30.35
N PHE C 80 10.32 34.20 -30.57
CA PHE C 80 11.13 33.08 -31.02
C PHE C 80 11.49 33.26 -32.49
N VAL C 81 12.72 32.88 -32.84
CA VAL C 81 13.19 32.94 -34.21
C VAL C 81 13.91 31.63 -34.51
N ASP C 82 13.29 30.77 -35.31
CA ASP C 82 13.96 29.59 -35.83
C ASP C 82 14.69 30.01 -37.10
N GLN C 83 16.01 30.09 -37.02
CA GLN C 83 16.83 30.49 -38.15
C GLN C 83 17.15 29.32 -39.08
N LYS C 84 16.52 28.16 -38.86
CA LYS C 84 16.66 26.94 -39.66
C LYS C 84 18.08 26.74 -40.18
N ASN C 85 19.04 26.84 -39.27
CA ASN C 85 20.44 26.62 -39.60
C ASN C 85 21.16 25.85 -38.50
N GLY C 86 20.44 25.38 -37.48
CA GLY C 86 21.04 24.89 -36.26
C GLY C 86 21.10 25.92 -35.16
N HIS C 87 21.08 27.22 -35.51
CA HIS C 87 21.06 28.30 -34.54
C HIS C 87 19.62 28.70 -34.23
N TYR C 88 19.46 29.42 -33.12
CA TYR C 88 18.16 29.92 -32.68
C TYR C 88 18.33 31.28 -32.04
N SER C 89 17.21 31.88 -31.65
CA SER C 89 17.21 33.16 -30.97
C SER C 89 15.87 33.35 -30.27
N TYR C 90 15.89 33.98 -29.10
CA TYR C 90 14.67 34.29 -28.38
C TYR C 90 14.85 35.63 -27.66
N THR C 91 13.78 36.42 -27.63
CA THR C 91 13.79 37.73 -26.97
C THR C 91 12.55 37.82 -26.08
N PHE C 92 12.78 37.89 -24.77
CA PHE C 92 11.67 37.99 -23.83
C PHE C 92 10.86 39.25 -24.11
N ASN C 93 9.55 39.14 -24.03
CA ASN C 93 8.70 40.33 -24.05
C ASN C 93 8.57 40.96 -22.67
N MET C 94 9.09 40.31 -21.64
CA MET C 94 9.14 40.88 -20.30
C MET C 94 10.39 41.76 -20.16
N ASN C 95 10.24 42.86 -19.43
CA ASN C 95 11.36 43.75 -19.16
C ASN C 95 11.52 43.86 -17.65
N LEU C 96 12.75 43.58 -17.17
CA LEU C 96 12.97 43.38 -15.75
C LEU C 96 12.80 44.64 -14.93
N THR C 97 12.81 45.81 -15.56
CA THR C 97 12.49 47.05 -14.86
C THR C 97 11.08 47.04 -14.28
N ALA C 98 10.15 46.31 -14.91
CA ALA C 98 8.74 46.31 -14.51
C ALA C 98 8.42 45.33 -13.40
N ASN C 99 9.35 44.44 -13.05
CA ASN C 99 9.05 43.38 -12.07
C ASN C 99 8.58 43.97 -10.75
N ALA C 100 7.49 43.40 -10.23
CA ALA C 100 6.85 43.93 -9.02
C ALA C 100 7.52 43.46 -7.73
N LYS C 101 8.29 42.36 -7.78
CA LYS C 101 8.93 41.83 -6.60
C LYS C 101 10.44 42.01 -6.59
N ILE C 102 11.08 42.14 -7.75
CA ILE C 102 12.52 42.24 -7.86
C ILE C 102 12.89 43.59 -8.45
N THR C 103 14.02 44.13 -8.02
CA THR C 103 14.60 45.33 -8.62
C THR C 103 15.75 44.89 -9.54
N TYR C 104 15.54 45.04 -10.84
CA TYR C 104 16.59 44.70 -11.78
C TYR C 104 17.82 45.57 -11.54
N ASN C 105 19.00 45.01 -11.81
CA ASN C 105 20.26 45.70 -11.56
C ASN C 105 21.26 45.22 -12.61
N ASP C 106 21.59 46.09 -13.57
CA ASP C 106 22.50 45.72 -14.65
C ASP C 106 23.91 45.44 -14.16
N GLN C 107 24.22 45.69 -12.89
CA GLN C 107 25.54 45.37 -12.37
C GLN C 107 25.63 43.97 -11.81
N LEU C 108 24.51 43.39 -11.36
CA LEU C 108 24.51 42.03 -10.86
C LEU C 108 24.57 41.03 -12.01
N ALA C 109 25.17 39.88 -11.74
CA ALA C 109 25.28 38.84 -12.74
C ALA C 109 23.90 38.33 -13.14
N GLN C 110 23.76 37.96 -14.41
CA GLN C 110 22.48 37.55 -14.97
C GLN C 110 22.53 36.08 -15.38
N ARG C 111 21.38 35.42 -15.30
CA ARG C 111 21.27 34.02 -15.70
C ARG C 111 20.00 33.84 -16.54
N VAL C 112 20.15 33.13 -17.65
CA VAL C 112 19.01 32.71 -18.47
C VAL C 112 19.00 31.19 -18.51
N LEU C 113 17.87 30.60 -18.11
CA LEU C 113 17.68 29.16 -18.11
C LEU C 113 16.60 28.79 -19.09
N ILE C 114 16.72 27.61 -19.70
CA ILE C 114 15.69 27.13 -20.62
C ILE C 114 15.42 25.66 -20.36
N ARG C 115 14.16 25.27 -20.61
CA ARG C 115 13.74 23.87 -20.60
C ARG C 115 13.16 23.55 -21.97
N ALA C 116 13.79 22.62 -22.67
CA ALA C 116 13.29 22.16 -23.97
C ALA C 116 12.31 21.01 -23.72
N TYR C 117 11.04 21.24 -24.07
CA TYR C 117 10.03 20.21 -23.86
C TYR C 117 10.22 19.06 -24.84
N ASN C 118 9.50 17.97 -24.60
CA ASN C 118 9.60 16.77 -25.43
C ASN C 118 8.72 16.83 -26.67
N THR C 119 8.09 17.97 -26.94
CA THR C 119 7.27 18.15 -28.14
C THR C 119 8.11 17.86 -29.38
N PRO C 120 7.68 16.96 -30.25
CA PRO C 120 8.52 16.50 -31.36
C PRO C 120 8.60 17.52 -32.49
N LEU C 121 9.42 17.20 -33.48
CA LEU C 121 9.62 18.04 -34.63
C LEU C 121 8.43 17.94 -35.59
N PRO C 122 8.30 18.87 -36.54
CA PRO C 122 7.37 18.64 -37.64
C PRO C 122 7.69 17.38 -38.42
N ASP C 123 8.98 17.00 -38.44
CA ASP C 123 9.39 15.71 -38.95
C ASP C 123 8.69 14.56 -38.23
N GLY C 124 8.32 14.78 -36.96
CA GLY C 124 7.94 13.69 -36.09
C GLY C 124 9.10 13.05 -35.37
N THR C 125 10.31 13.58 -35.55
CA THR C 125 11.46 13.07 -34.82
C THR C 125 11.33 13.37 -33.34
N GLN C 126 11.76 12.43 -32.51
CA GLN C 126 11.54 12.52 -31.07
C GLN C 126 12.60 13.39 -30.41
N VAL C 127 12.16 14.30 -29.54
CA VAL C 127 13.01 15.28 -28.89
C VAL C 127 13.01 14.97 -27.39
N PRO C 128 14.16 14.90 -26.74
CA PRO C 128 14.18 14.66 -25.29
C PRO C 128 14.06 15.95 -24.49
N ASN C 129 13.30 15.88 -23.39
CA ASN C 129 13.23 17.00 -22.46
C ASN C 129 14.63 17.33 -21.95
N SER C 130 15.06 18.59 -22.13
CA SER C 130 16.43 18.96 -21.87
C SER C 130 16.49 20.27 -21.08
N ASN C 131 17.62 20.47 -20.42
CA ASN C 131 17.87 21.66 -19.61
C ASN C 131 19.17 22.32 -20.07
N ALA C 132 19.19 23.66 -19.96
CA ALA C 132 20.37 24.44 -20.31
C ALA C 132 20.29 25.79 -19.63
N PHE C 133 21.45 26.41 -19.41
CA PHE C 133 21.49 27.72 -18.78
C PHE C 133 22.78 28.43 -19.17
N VAL C 134 22.80 29.73 -18.94
CA VAL C 134 23.94 30.59 -19.29
C VAL C 134 24.03 31.71 -18.26
N ASP C 135 25.27 32.04 -17.87
CA ASP C 135 25.56 33.17 -16.99
C ASP C 135 26.32 34.23 -17.78
N PHE C 136 25.96 35.50 -17.55
CA PHE C 136 26.50 36.58 -18.36
C PHE C 136 26.33 37.90 -17.63
N THR C 137 27.15 38.87 -18.01
CA THR C 137 26.98 40.24 -17.53
C THR C 137 25.98 40.98 -18.41
N ALA C 138 25.37 42.01 -17.83
CA ALA C 138 24.29 42.74 -18.49
C ALA C 138 24.71 43.33 -19.84
N ASP C 139 25.63 44.29 -19.79
CA ASP C 139 26.09 45.00 -20.98
C ASP C 139 26.99 44.14 -21.85
N THR C 140 28.17 43.78 -21.32
CA THR C 140 29.17 43.04 -22.08
C THR C 140 28.59 41.76 -22.65
N GLY C 141 27.89 40.99 -21.82
CA GLY C 141 27.45 39.67 -22.20
C GLY C 141 28.48 38.58 -22.01
N ALA C 142 29.55 38.86 -21.25
CA ALA C 142 30.63 37.91 -21.03
C ALA C 142 30.47 37.24 -19.67
N ALA C 143 31.40 36.35 -19.36
CA ALA C 143 31.36 35.61 -18.11
C ALA C 143 31.54 36.56 -16.93
N PRO C 144 30.60 36.62 -15.99
CA PRO C 144 30.76 37.51 -14.83
C PRO C 144 31.86 37.01 -13.91
N THR C 145 32.21 37.87 -12.95
CA THR C 145 33.35 37.60 -12.06
C THR C 145 32.96 36.88 -10.77
N TYR C 146 31.68 36.76 -10.47
CA TYR C 146 31.22 35.96 -9.34
C TYR C 146 30.10 35.03 -9.81
N SER C 147 29.80 34.02 -8.97
CA SER C 147 28.81 33.02 -9.33
C SER C 147 28.38 32.27 -8.07
N ARG C 148 27.33 31.46 -8.24
CA ARG C 148 26.84 30.57 -7.19
C ARG C 148 26.69 29.16 -7.79
N LYS C 149 27.82 28.52 -8.04
CA LYS C 149 27.87 27.15 -8.56
C LYS C 149 28.60 26.32 -7.50
N ILE C 150 27.84 25.77 -6.56
CA ILE C 150 28.40 25.06 -5.43
C ILE C 150 28.38 23.55 -5.63
N VAL C 151 27.26 23.00 -6.11
CA VAL C 151 27.11 21.56 -6.29
C VAL C 151 26.96 21.26 -7.78
N ALA C 152 27.27 20.01 -8.13
CA ALA C 152 27.15 19.53 -9.50
C ALA C 152 26.13 18.40 -9.57
N THR C 153 25.44 18.32 -10.71
CA THR C 153 24.45 17.28 -10.91
C THR C 153 25.08 15.89 -10.81
N GLU C 154 26.35 15.77 -11.19
CA GLU C 154 27.05 14.49 -11.13
C GLU C 154 26.98 13.88 -9.74
N SER C 155 27.08 14.72 -8.70
CA SER C 155 27.08 14.21 -7.33
C SER C 155 25.74 13.59 -6.97
N CYS C 156 24.64 14.28 -7.30
CA CYS C 156 23.31 13.74 -7.06
C CYS C 156 23.08 12.47 -7.86
N ASN C 157 23.61 12.39 -9.07
CA ASN C 157 23.32 11.28 -9.96
C ASN C 157 24.04 10.00 -9.58
N THR C 158 25.06 10.06 -8.71
CA THR C 158 25.68 8.82 -8.24
C THR C 158 24.68 7.98 -7.46
N CYS C 159 23.82 8.62 -6.67
CA CYS C 159 22.78 7.90 -5.93
C CYS C 159 21.47 7.84 -6.69
N HIS C 160 21.07 8.93 -7.34
CA HIS C 160 19.76 9.06 -7.97
C HIS C 160 19.72 8.68 -9.44
N GLN C 161 20.87 8.43 -10.05
CA GLN C 161 20.99 8.13 -11.48
C GLN C 161 20.61 9.33 -12.34
N ASP C 162 19.40 9.86 -12.15
CA ASP C 162 18.94 11.03 -12.88
C ASP C 162 18.10 11.89 -11.94
N LEU C 163 18.49 13.16 -11.79
CA LEU C 163 17.76 14.08 -10.93
C LEU C 163 16.34 14.29 -11.39
N ALA C 164 16.03 13.98 -12.65
CA ALA C 164 14.68 14.20 -13.18
C ALA C 164 13.63 13.40 -12.40
N ASN C 165 13.98 12.22 -11.90
CA ASN C 165 12.99 11.34 -11.28
C ASN C 165 12.60 11.75 -9.87
N VAL C 166 13.26 12.76 -9.28
CA VAL C 166 12.98 13.07 -7.88
C VAL C 166 11.84 14.08 -7.70
N LYS C 167 11.50 14.86 -8.72
CA LYS C 167 10.39 15.81 -8.56
C LYS C 167 9.93 16.32 -9.91
N HIS C 168 8.68 16.80 -9.94
CA HIS C 168 8.16 17.64 -11.02
C HIS C 168 8.09 16.91 -12.36
N GLY C 169 7.79 15.62 -12.32
CA GLY C 169 7.58 14.86 -13.54
C GLY C 169 8.76 14.86 -14.50
N GLY C 170 9.98 14.96 -13.98
CA GLY C 170 11.14 14.90 -14.84
C GLY C 170 11.43 16.16 -15.63
N ALA C 171 10.81 17.28 -15.26
CA ALA C 171 11.01 18.51 -16.02
C ALA C 171 12.42 19.05 -15.88
N TYR C 172 13.07 18.84 -14.74
CA TYR C 172 14.36 19.45 -14.43
C TYR C 172 15.38 18.36 -14.16
N SER C 173 16.46 18.35 -14.94
CA SER C 173 17.53 17.38 -14.80
C SER C 173 18.86 17.97 -14.33
N ASP C 174 19.02 19.28 -14.42
CA ASP C 174 20.24 19.95 -14.00
C ASP C 174 20.03 20.58 -12.64
N VAL C 175 20.92 20.28 -11.69
CA VAL C 175 20.78 20.80 -10.33
C VAL C 175 20.85 22.32 -10.29
N ASN C 176 21.52 22.95 -11.26
CA ASN C 176 21.60 24.41 -11.26
C ASN C 176 20.25 25.05 -11.52
N TYR C 177 19.41 24.39 -12.32
CA TYR C 177 18.04 24.88 -12.52
C TYR C 177 17.25 24.81 -11.21
N CYS C 178 17.38 23.72 -10.46
CA CYS C 178 16.69 23.61 -9.18
C CYS C 178 17.11 24.72 -8.23
N ALA C 179 18.42 24.98 -8.14
CA ALA C 179 18.93 25.95 -7.17
C ALA C 179 18.51 27.37 -7.52
N THR C 180 18.33 27.66 -8.81
CA THR C 180 17.97 29.02 -9.22
C THR C 180 16.54 29.35 -8.85
N CYS C 181 15.62 28.42 -9.08
CA CYS C 181 14.22 28.66 -8.75
C CYS C 181 14.00 28.68 -7.25
N HIS C 182 14.56 27.70 -6.54
CA HIS C 182 14.39 27.58 -5.10
C HIS C 182 15.12 28.67 -4.33
N THR C 183 14.66 29.91 -4.43
CA THR C 183 15.25 31.02 -3.68
C THR C 183 14.14 31.78 -2.97
N ALA C 184 14.56 32.63 -2.02
CA ALA C 184 13.62 33.40 -1.22
C ALA C 184 12.71 34.22 -2.13
N GLY C 185 11.45 34.37 -1.70
CA GLY C 185 10.48 35.13 -2.48
C GLY C 185 9.81 34.32 -3.57
N LYS C 186 10.54 33.40 -4.19
CA LYS C 186 10.00 32.54 -5.23
C LYS C 186 9.33 31.28 -4.65
N VAL C 187 9.95 30.68 -3.64
CA VAL C 187 9.34 29.57 -2.89
C VAL C 187 9.30 29.94 -1.41
N GLY C 188 8.47 29.22 -0.68
CA GLY C 188 8.23 29.57 0.71
C GLY C 188 9.43 29.33 1.61
N VAL C 189 9.34 29.87 2.83
CA VAL C 189 10.40 29.67 3.82
C VAL C 189 10.57 28.18 4.06
N GLY C 190 11.82 27.73 4.03
CA GLY C 190 12.14 26.34 4.22
C GLY C 190 12.37 25.56 2.94
N LYS C 191 11.98 26.10 1.79
CA LYS C 191 12.13 25.41 0.53
C LYS C 191 13.25 25.98 -0.33
N GLU C 192 13.99 26.97 0.16
CA GLU C 192 15.18 27.43 -0.54
C GLU C 192 16.22 26.31 -0.57
N PHE C 193 16.96 26.24 -1.67
CA PHE C 193 17.79 25.06 -1.93
C PHE C 193 18.89 24.87 -0.89
N ASN C 194 19.35 25.95 -0.25
CA ASN C 194 20.36 25.79 0.80
C ASN C 194 19.77 25.25 2.09
N VAL C 195 18.45 25.06 2.15
CA VAL C 195 17.78 24.49 3.31
C VAL C 195 17.13 23.15 2.96
N LEU C 196 16.49 23.07 1.79
CA LEU C 196 15.64 21.94 1.45
C LEU C 196 16.43 20.66 1.29
N VAL C 197 17.55 20.70 0.57
CA VAL C 197 18.30 19.48 0.29
C VAL C 197 18.90 18.91 1.58
N HIS C 198 19.38 19.77 2.47
CA HIS C 198 19.86 19.29 3.78
C HIS C 198 18.73 18.62 4.54
N ALA C 199 17.57 19.28 4.63
CA ALA C 199 16.45 18.74 5.39
C ALA C 199 16.00 17.39 4.86
N LYS C 200 16.08 17.19 3.54
CA LYS C 200 15.71 15.90 2.97
C LYS C 200 16.71 14.80 3.28
N HIS C 201 17.93 15.14 3.70
CA HIS C 201 18.97 14.15 3.95
C HIS C 201 19.47 14.11 5.38
N LYS C 202 19.02 15.02 6.25
CA LYS C 202 19.70 15.20 7.52
C LYS C 202 19.53 14.00 8.45
N ASP C 203 18.46 13.24 8.31
CA ASP C 203 18.22 12.15 9.25
C ASP C 203 18.28 10.79 8.55
N LEU C 204 19.32 10.56 7.75
CA LEU C 204 19.45 9.33 6.98
C LEU C 204 20.73 8.59 7.37
N THR C 205 20.65 7.27 7.44
CA THR C 205 21.78 6.44 7.85
C THR C 205 22.65 5.99 6.68
N LEU C 206 22.34 6.42 5.46
CA LEU C 206 23.14 6.01 4.31
C LEU C 206 24.58 6.48 4.46
N GLY C 207 25.52 5.58 4.16
CA GLY C 207 26.91 5.78 4.55
C GLY C 207 27.54 7.05 3.99
N SER C 208 27.32 7.30 2.69
CA SER C 208 27.94 8.46 2.06
C SER C 208 27.44 9.79 2.61
N LEU C 209 26.23 9.83 3.16
CA LEU C 209 25.69 11.06 3.74
C LEU C 209 26.33 11.42 5.08
N GLU C 210 27.15 10.53 5.64
CA GLU C 210 27.86 10.85 6.89
C GLU C 210 28.88 11.95 6.69
N SER C 211 29.27 12.21 5.45
CA SER C 211 30.27 13.22 5.16
C SER C 211 29.74 14.16 4.09
N CYS C 212 30.07 15.44 4.23
CA CYS C 212 29.66 16.44 3.26
C CYS C 212 30.24 16.22 1.88
N GLN C 213 31.27 15.37 1.75
CA GLN C 213 31.89 15.15 0.44
C GLN C 213 30.95 14.50 -0.54
N SER C 214 29.91 13.82 -0.05
CA SER C 214 28.95 13.19 -0.96
C SER C 214 28.32 14.20 -1.91
N CYS C 215 28.13 15.44 -1.44
CA CYS C 215 27.59 16.49 -2.28
C CYS C 215 28.56 17.63 -2.52
N HIS C 216 29.55 17.83 -1.64
CA HIS C 216 30.49 18.95 -1.74
C HIS C 216 31.88 18.42 -2.04
N ALA C 217 32.27 18.48 -3.31
CA ALA C 217 33.59 18.04 -3.73
C ALA C 217 34.02 18.88 -4.91
N ALA C 218 35.33 18.89 -5.16
CA ALA C 218 35.86 19.63 -6.30
C ALA C 218 35.23 19.13 -7.60
N ASN C 219 34.78 20.07 -8.43
CA ASN C 219 34.17 19.75 -9.71
C ASN C 219 34.27 20.97 -10.60
N ASP C 220 34.61 20.73 -11.88
CA ASP C 220 34.82 21.84 -12.80
C ASP C 220 33.54 22.64 -13.04
N ALA C 221 32.38 22.00 -12.97
CA ALA C 221 31.12 22.70 -13.08
C ALA C 221 30.76 23.50 -11.85
N ALA C 222 31.55 23.41 -10.78
CA ALA C 222 31.25 24.05 -9.50
C ALA C 222 32.45 24.86 -9.02
N PRO C 223 32.66 26.06 -9.58
CA PRO C 223 33.76 26.91 -9.09
C PRO C 223 33.63 27.28 -7.63
N ASP C 224 32.41 27.38 -7.10
CA ASP C 224 32.17 27.85 -5.75
C ASP C 224 31.97 26.71 -4.75
N TRP C 225 32.49 25.52 -5.05
CA TRP C 225 32.21 24.36 -4.21
C TRP C 225 32.77 24.53 -2.79
N GLY C 226 33.86 25.29 -2.65
CA GLY C 226 34.42 25.53 -1.33
C GLY C 226 33.53 26.29 -0.38
N ASN C 227 32.34 26.74 -0.81
CA ASN C 227 31.47 27.50 0.07
C ASN C 227 30.91 26.66 1.20
N TRP C 228 30.96 25.32 1.10
CA TRP C 228 30.29 24.48 2.08
C TRP C 228 30.88 24.64 3.49
N SER C 229 32.17 24.96 3.59
CA SER C 229 32.78 25.20 4.88
C SER C 229 33.06 26.67 5.15
N ARG C 230 32.71 27.57 4.21
CA ARG C 230 33.13 28.96 4.30
C ARG C 230 31.99 29.96 4.47
N ILE C 231 30.74 29.58 4.23
CA ILE C 231 29.64 30.54 4.35
C ILE C 231 28.62 30.04 5.37
N PRO C 232 28.94 30.03 6.66
CA PRO C 232 27.96 29.58 7.65
C PRO C 232 26.83 30.59 7.82
N THR C 233 25.61 30.07 7.93
CA THR C 233 24.41 30.90 7.96
C THR C 233 23.39 30.24 8.87
N ALA C 234 22.61 31.07 9.58
CA ALA C 234 21.58 30.54 10.47
C ALA C 234 20.61 29.64 9.69
N ALA C 235 20.24 30.04 8.49
CA ALA C 235 19.30 29.25 7.69
C ALA C 235 19.95 27.98 7.17
N THR C 236 21.16 28.10 6.62
CA THR C 236 21.82 26.94 6.02
C THR C 236 22.23 25.94 7.10
N CYS C 237 22.99 26.40 8.11
CA CYS C 237 23.43 25.48 9.16
C CYS C 237 22.25 24.96 9.97
N GLY C 238 21.24 25.79 10.19
CA GLY C 238 20.06 25.35 10.92
C GLY C 238 19.18 24.37 10.16
N SER C 239 19.42 24.18 8.87
CA SER C 239 18.61 23.24 8.10
C SER C 239 18.81 21.81 8.60
N CYS C 240 20.04 21.46 8.99
CA CYS C 240 20.29 20.19 9.67
C CYS C 240 20.17 20.33 11.18
N HIS C 241 20.59 21.46 11.73
CA HIS C 241 20.41 21.74 13.16
C HIS C 241 19.07 22.43 13.40
N SER C 242 18.01 21.69 13.06
CA SER C 242 16.64 22.22 13.09
C SER C 242 16.16 22.58 14.48
N THR C 243 16.82 22.13 15.54
CA THR C 243 16.40 22.41 16.91
C THR C 243 17.00 23.71 17.46
N VAL C 244 17.82 24.40 16.69
CA VAL C 244 18.45 25.63 17.15
C VAL C 244 17.60 26.81 16.73
N ASP C 245 17.34 27.72 17.66
CA ASP C 245 16.71 29.01 17.38
C ASP C 245 17.73 30.08 17.71
N PHE C 246 18.40 30.59 16.67
CA PHE C 246 19.43 31.61 16.86
C PHE C 246 18.83 32.93 17.33
N ALA C 247 17.66 33.28 16.81
CA ALA C 247 17.02 34.54 17.21
C ALA C 247 16.63 34.52 18.69
N ALA C 248 16.15 33.38 19.18
CA ALA C 248 15.72 33.26 20.56
C ALA C 248 16.81 32.74 21.49
N GLY C 249 17.94 32.30 20.95
CA GLY C 249 18.99 31.77 21.79
C GLY C 249 18.69 30.41 22.39
N LYS C 250 17.98 29.56 21.67
CA LYS C 250 17.67 28.20 22.13
C LYS C 250 18.61 27.21 21.43
N GLY C 251 19.36 26.44 22.22
CA GLY C 251 20.35 25.54 21.68
C GLY C 251 21.63 26.20 21.24
N HIS C 252 21.81 27.48 21.52
CA HIS C 252 22.91 28.29 21.04
C HIS C 252 22.78 29.67 21.66
N SER C 253 23.89 30.40 21.72
CA SER C 253 23.82 31.81 22.10
C SER C 253 23.06 32.61 21.04
N GLN C 254 22.36 33.65 21.49
CA GLN C 254 21.52 34.41 20.58
C GLN C 254 22.35 35.09 19.49
N GLN C 255 21.84 35.03 18.26
CA GLN C 255 22.48 35.67 17.11
C GLN C 255 21.39 36.24 16.24
N LEU C 256 21.31 37.57 16.17
CA LEU C 256 20.25 38.23 15.42
C LEU C 256 20.51 38.29 13.92
N ASP C 257 21.69 37.89 13.47
CA ASP C 257 22.02 37.90 12.05
C ASP C 257 23.16 36.91 11.81
N ASN C 258 23.79 36.99 10.63
CA ASN C 258 24.90 36.11 10.28
C ASN C 258 26.24 36.84 10.27
N SER C 259 26.35 37.97 10.97
CA SER C 259 27.55 38.78 10.88
C SER C 259 28.75 38.11 11.54
N ASN C 260 28.52 37.30 12.57
CA ASN C 260 29.62 36.76 13.37
C ASN C 260 29.84 35.25 13.20
N CYS C 261 29.04 34.57 12.36
CA CYS C 261 29.15 33.12 12.23
C CYS C 261 30.57 32.69 11.85
N ILE C 262 31.14 33.31 10.81
CA ILE C 262 32.44 32.88 10.32
C ILE C 262 33.55 33.18 11.31
N ALA C 263 33.31 34.09 12.27
CA ALA C 263 34.33 34.45 13.23
C ALA C 263 34.63 33.30 14.19
N CYS C 264 33.58 32.60 14.63
CA CYS C 264 33.76 31.43 15.48
C CYS C 264 33.92 30.14 14.67
N HIS C 265 33.13 29.97 13.61
CA HIS C 265 33.16 28.75 12.81
C HIS C 265 34.04 28.97 11.57
N ASN C 266 35.35 28.90 11.80
CA ASN C 266 36.29 29.00 10.70
C ASN C 266 36.17 27.77 9.79
N SER C 267 36.67 27.93 8.57
CA SER C 267 36.49 26.89 7.56
C SER C 267 37.10 25.56 7.98
N ASP C 268 38.25 25.60 8.66
CA ASP C 268 38.94 24.37 9.02
C ASP C 268 38.14 23.57 10.06
N TRP C 269 37.64 24.25 11.09
CA TRP C 269 36.83 23.58 12.09
C TRP C 269 35.58 22.94 11.46
N THR C 270 34.85 23.72 10.67
CA THR C 270 33.63 23.22 10.05
C THR C 270 33.90 22.00 9.18
N ALA C 271 35.01 22.02 8.44
CA ALA C 271 35.34 20.91 7.55
C ALA C 271 35.78 19.68 8.32
N GLU C 272 36.55 19.86 9.41
CA GLU C 272 37.13 18.70 10.06
C GLU C 272 36.12 18.02 10.99
N LEU C 273 35.28 18.80 11.67
CA LEU C 273 34.30 18.18 12.55
C LEU C 273 33.25 17.40 11.76
N HIS C 274 33.02 17.74 10.50
CA HIS C 274 32.00 17.09 9.68
C HIS C 274 32.55 15.97 8.82
N THR C 275 33.79 16.10 8.35
CA THR C 275 34.37 15.15 7.42
C THR C 275 35.60 14.45 7.97
N GLY C 276 36.01 14.77 9.20
CA GLY C 276 37.25 14.24 9.73
C GLY C 276 37.15 12.77 10.10
N LYS C 277 36.03 12.35 10.69
CA LYS C 277 35.84 10.94 11.03
C LYS C 277 35.97 10.06 9.80
N THR C 278 35.48 10.52 8.66
CA THR C 278 35.61 9.75 7.42
C THR C 278 37.07 9.69 6.96
N ALA C 279 37.79 10.81 7.08
CA ALA C 279 39.20 10.82 6.69
C ALA C 279 40.03 9.96 7.63
N ASP C 280 39.70 9.97 8.92
CA ASP C 280 40.37 9.08 9.87
C ASP C 280 40.16 7.62 9.49
N LYS C 281 38.93 7.25 9.12
CA LYS C 281 38.66 5.86 8.75
C LYS C 281 39.49 5.44 7.55
N LYS C 282 39.60 6.32 6.55
CA LYS C 282 40.40 5.98 5.36
C LYS C 282 41.87 5.81 5.71
N ALA C 283 42.36 6.58 6.70
CA ALA C 283 43.77 6.51 7.05
C ALA C 283 44.09 5.21 7.80
N VAL C 284 43.15 4.70 8.60
CA VAL C 284 43.39 3.47 9.33
C VAL C 284 43.30 2.25 8.42
N ILE C 285 42.29 2.22 7.54
CA ILE C 285 42.06 1.05 6.68
C ILE C 285 43.26 0.78 5.78
N ALA C 286 43.94 1.82 5.33
CA ALA C 286 45.07 1.66 4.42
C ALA C 286 46.31 1.08 5.08
N GLN C 287 46.34 1.02 6.41
CA GLN C 287 47.56 0.62 7.11
C GLN C 287 47.82 -0.88 7.14
N LEU C 288 46.81 -1.72 6.89
CA LEU C 288 47.00 -3.16 6.98
C LEU C 288 46.33 -3.85 5.79
N GLY C 289 46.85 -5.05 5.48
CA GLY C 289 46.25 -5.93 4.50
C GLY C 289 46.21 -7.34 5.03
N MET C 290 45.66 -8.24 4.21
CA MET C 290 45.51 -9.64 4.60
C MET C 290 45.68 -10.54 3.40
N GLN C 291 46.42 -11.63 3.59
CA GLN C 291 46.59 -12.68 2.61
C GLN C 291 46.35 -14.00 3.30
N ALA C 292 45.48 -14.83 2.72
CA ALA C 292 45.11 -16.08 3.35
C ALA C 292 45.16 -17.21 2.34
N THR C 293 45.53 -18.39 2.84
CA THR C 293 45.55 -19.61 2.03
C THR C 293 44.69 -20.66 2.70
N LEU C 294 44.10 -21.53 1.87
CA LEU C 294 43.24 -22.61 2.34
C LEU C 294 43.56 -23.84 1.53
N VAL C 295 43.99 -24.91 2.20
CA VAL C 295 44.31 -26.15 1.51
C VAL C 295 43.52 -27.28 2.16
N GLY C 296 42.85 -28.08 1.34
CA GLY C 296 42.13 -29.22 1.86
C GLY C 296 43.06 -30.38 2.15
N GLN C 297 42.58 -31.28 3.00
CA GLN C 297 43.34 -32.45 3.45
C GLN C 297 42.58 -33.72 3.11
N THR C 298 43.27 -34.86 3.23
CA THR C 298 42.67 -36.14 2.86
C THR C 298 41.57 -36.54 3.85
N ASP C 299 41.64 -36.06 5.09
CA ASP C 299 40.63 -36.36 6.10
C ASP C 299 39.47 -35.37 6.09
N ASP C 300 39.32 -34.58 5.03
CA ASP C 300 38.27 -33.60 4.78
C ASP C 300 38.47 -32.31 5.57
N THR C 301 39.48 -32.21 6.43
CA THR C 301 39.75 -30.95 7.09
C THR C 301 40.37 -29.97 6.11
N ALA C 302 40.52 -28.73 6.56
CA ALA C 302 41.14 -27.70 5.76
C ALA C 302 42.00 -26.83 6.67
N VAL C 303 43.19 -26.49 6.19
CA VAL C 303 44.14 -25.67 6.94
C VAL C 303 44.04 -24.23 6.43
N LEU C 304 43.72 -23.32 7.35
CA LEU C 304 43.61 -21.90 7.04
C LEU C 304 44.84 -21.18 7.58
N THR C 305 45.49 -20.41 6.71
CA THR C 305 46.68 -19.66 7.08
C THR C 305 46.48 -18.21 6.67
N VAL C 306 46.51 -17.31 7.64
CA VAL C 306 46.33 -15.88 7.42
C VAL C 306 47.63 -15.17 7.71
N SER C 307 48.05 -14.31 6.79
CA SER C 307 49.19 -13.43 7.02
C SER C 307 48.71 -12.00 6.94
N ILE C 308 48.99 -11.23 7.97
CA ILE C 308 48.73 -9.79 7.97
C ILE C 308 49.82 -9.09 7.18
N LEU C 309 49.42 -8.13 6.35
CA LEU C 309 50.32 -7.37 5.50
C LEU C 309 50.40 -5.92 5.96
N ASP C 310 51.49 -5.25 5.57
CA ASP C 310 51.72 -3.86 5.92
C ASP C 310 51.15 -2.96 4.81
N LYS C 311 51.49 -1.67 4.83
CA LYS C 311 50.88 -0.72 3.91
C LYS C 311 51.26 -0.99 2.45
N ASP C 312 52.36 -1.68 2.19
CA ASP C 312 52.83 -1.93 0.83
C ASP C 312 52.54 -3.35 0.36
N GLY C 313 51.75 -4.11 1.12
CA GLY C 313 51.41 -5.46 0.71
C GLY C 313 52.42 -6.52 1.08
N ASN C 314 53.30 -6.26 2.05
CA ASN C 314 54.35 -7.19 2.44
C ASN C 314 54.00 -7.84 3.76
N ALA C 315 54.32 -9.13 3.89
CA ALA C 315 53.96 -9.90 5.08
C ALA C 315 54.67 -9.35 6.31
N ILE C 316 53.99 -9.44 7.46
CA ILE C 316 54.56 -9.02 8.73
C ILE C 316 54.25 -10.08 9.78
N ASP C 317 55.02 -10.04 10.87
CA ASP C 317 54.78 -10.87 12.03
C ASP C 317 53.47 -10.45 12.69
N ALA C 318 52.46 -11.33 12.64
CA ALA C 318 51.15 -11.00 13.19
C ALA C 318 51.20 -10.68 14.68
N ALA C 319 52.21 -11.18 15.39
CA ALA C 319 52.35 -10.87 16.81
C ALA C 319 52.67 -9.40 17.05
N THR C 320 53.13 -8.67 16.04
CA THR C 320 53.46 -7.26 16.20
C THR C 320 52.24 -6.36 16.30
N VAL C 321 51.07 -6.84 15.85
CA VAL C 321 49.82 -6.09 15.93
C VAL C 321 48.75 -6.81 16.74
N GLN C 322 49.06 -7.98 17.31
CA GLN C 322 48.05 -8.83 17.91
C GLN C 322 47.27 -8.10 19.00
N ASP C 323 47.94 -7.25 19.79
CA ASP C 323 47.26 -6.54 20.87
C ASP C 323 46.37 -5.41 20.37
N LYS C 324 46.42 -5.08 19.08
CA LYS C 324 45.54 -4.09 18.49
C LYS C 324 44.37 -4.70 17.74
N ILE C 325 44.23 -6.03 17.78
CA ILE C 325 43.18 -6.74 17.06
C ILE C 325 41.99 -6.91 17.99
N LYS C 326 40.90 -6.21 17.70
CA LYS C 326 39.66 -6.40 18.45
C LYS C 326 39.01 -7.74 18.10
N ARG C 327 39.00 -8.10 16.82
CA ARG C 327 38.41 -9.35 16.40
C ARG C 327 38.89 -9.70 15.00
N LEU C 328 39.36 -10.94 14.82
CA LEU C 328 39.65 -11.50 13.50
C LEU C 328 38.64 -12.61 13.27
N GLU C 329 37.65 -12.35 12.41
CA GLU C 329 36.52 -13.25 12.22
C GLU C 329 36.66 -13.98 10.89
N THR C 330 36.54 -15.31 10.93
CA THR C 330 36.58 -16.12 9.73
C THR C 330 35.31 -16.96 9.65
N VAL C 331 34.87 -17.20 8.41
CA VAL C 331 33.70 -18.03 8.14
C VAL C 331 34.03 -18.89 6.92
N THR C 332 34.04 -20.19 7.09
CA THR C 332 34.41 -21.13 6.05
C THR C 332 33.18 -21.93 5.62
N ASN C 333 33.01 -22.08 4.30
CA ASN C 333 31.90 -22.82 3.72
C ASN C 333 32.45 -23.64 2.56
N VAL C 334 31.56 -24.38 1.89
CA VAL C 334 31.93 -25.30 0.82
C VAL C 334 30.99 -25.10 -0.35
N GLY C 335 31.54 -24.79 -1.53
CA GLY C 335 30.75 -24.64 -2.73
C GLY C 335 30.38 -23.20 -3.01
N PRO C 336 31.31 -22.44 -3.57
CA PRO C 336 31.10 -20.98 -3.67
C PRO C 336 29.94 -20.59 -4.55
N ASN C 337 29.56 -21.42 -5.53
CA ASN C 337 28.42 -21.10 -6.38
C ASN C 337 27.08 -21.52 -5.77
N PHE C 338 27.09 -22.36 -4.74
CA PHE C 338 25.89 -22.74 -4.01
C PHE C 338 26.30 -23.42 -2.71
N PRO C 339 26.50 -22.66 -1.63
CA PRO C 339 27.04 -23.26 -0.41
C PRO C 339 26.18 -24.41 0.09
N ILE C 340 26.84 -25.52 0.46
CA ILE C 340 26.16 -26.71 0.95
C ILE C 340 26.26 -26.86 2.45
N MET C 341 26.97 -25.95 3.13
CA MET C 341 26.88 -25.81 4.57
C MET C 341 26.01 -24.60 4.88
N GLY C 342 24.92 -24.81 5.61
CA GLY C 342 24.05 -23.71 5.94
C GLY C 342 24.60 -22.88 7.08
N TYR C 343 23.93 -21.76 7.35
CA TYR C 343 24.22 -21.01 8.56
C TYR C 343 24.03 -21.89 9.78
N ASN C 344 22.88 -22.54 9.88
CA ASN C 344 22.68 -23.66 10.78
C ASN C 344 22.97 -24.94 10.00
N LYS C 345 22.71 -26.09 10.59
CA LYS C 345 22.95 -27.34 9.88
C LYS C 345 22.03 -27.42 8.66
N SER C 346 22.63 -27.69 7.51
CA SER C 346 21.84 -27.79 6.29
C SER C 346 20.99 -29.06 6.33
N PRO C 347 19.74 -29.00 5.85
CA PRO C 347 18.96 -30.23 5.72
C PRO C 347 19.57 -31.22 4.72
N GLY C 348 20.37 -30.73 3.77
CA GLY C 348 21.01 -31.62 2.81
C GLY C 348 22.26 -32.28 3.34
N SER C 349 23.30 -31.48 3.58
CA SER C 349 24.59 -32.02 4.01
C SER C 349 24.67 -32.28 5.50
N GLY C 350 23.78 -31.69 6.31
CA GLY C 350 23.89 -31.85 7.73
C GLY C 350 24.95 -30.99 8.38
N ALA C 351 25.63 -30.14 7.62
CA ALA C 351 26.76 -29.36 8.11
C ALA C 351 26.41 -27.88 8.19
N ALA C 352 27.02 -27.21 9.17
CA ALA C 352 26.88 -25.77 9.34
C ALA C 352 28.21 -25.09 9.10
N LYS C 353 28.15 -23.83 8.66
CA LYS C 353 29.36 -23.06 8.38
C LYS C 353 30.31 -23.09 9.57
N ILE C 354 31.60 -22.96 9.27
CA ILE C 354 32.64 -22.93 10.30
C ILE C 354 32.85 -21.46 10.65
N ALA C 355 32.29 -21.03 11.77
CA ALA C 355 32.47 -19.68 12.29
C ALA C 355 33.56 -19.72 13.35
N LYS C 356 34.66 -19.01 13.11
CA LYS C 356 35.82 -19.13 13.98
C LYS C 356 36.53 -17.78 14.06
N ASP C 357 36.67 -17.26 15.28
CA ASP C 357 37.56 -16.13 15.53
C ASP C 357 38.97 -16.65 15.75
N LEU C 358 39.93 -16.11 14.98
CA LEU C 358 41.33 -16.46 15.20
C LEU C 358 41.92 -15.69 16.38
N VAL C 359 41.53 -14.42 16.52
CA VAL C 359 42.02 -13.54 17.58
C VAL C 359 40.84 -12.76 18.11
N LYS C 360 40.80 -12.54 19.42
CA LYS C 360 39.73 -11.77 20.04
C LYS C 360 40.28 -11.03 21.25
N ASP C 361 40.14 -9.71 21.23
CA ASP C 361 40.65 -8.85 22.32
C ASP C 361 42.13 -9.12 22.58
N GLY C 362 42.90 -9.24 21.50
CA GLY C 362 44.33 -9.45 21.57
C GLY C 362 44.76 -10.87 21.85
N ALA C 363 43.83 -11.77 22.15
CA ALA C 363 44.16 -13.13 22.59
C ALA C 363 43.96 -14.13 21.45
N LEU C 364 44.96 -14.99 21.25
CA LEU C 364 44.80 -16.14 20.37
C LEU C 364 43.67 -17.03 20.88
N GLN C 365 42.87 -17.55 19.96
CA GLN C 365 41.77 -18.43 20.33
C GLN C 365 42.23 -19.89 20.28
N ALA C 366 41.50 -20.73 21.02
CA ALA C 366 41.83 -22.14 21.09
C ALA C 366 41.88 -22.76 19.69
N GLY C 367 42.89 -23.59 19.46
CA GLY C 367 43.07 -24.23 18.18
C GLY C 367 43.77 -23.39 17.13
N VAL C 368 44.22 -22.18 17.49
CA VAL C 368 44.88 -21.27 16.57
C VAL C 368 46.32 -21.07 17.04
N THR C 369 47.27 -21.15 16.11
CA THR C 369 48.68 -21.07 16.44
C THR C 369 49.38 -20.03 15.57
N LEU C 370 50.57 -19.65 16.00
CA LEU C 370 51.44 -18.71 15.31
C LEU C 370 52.63 -19.49 14.76
N VAL C 371 52.71 -19.62 13.44
CA VAL C 371 53.89 -20.22 12.80
C VAL C 371 54.40 -19.25 11.72
N ASP C 372 55.69 -18.97 11.76
CA ASP C 372 56.36 -18.04 10.84
C ASP C 372 55.64 -16.69 10.79
N GLY C 373 55.08 -16.27 11.92
CA GLY C 373 54.36 -15.02 11.99
C GLY C 373 52.98 -15.03 11.37
N LYS C 374 52.44 -16.19 11.04
CA LYS C 374 51.12 -16.32 10.45
C LYS C 374 50.18 -17.05 11.40
N LEU C 375 48.88 -16.75 11.27
CA LEU C 375 47.86 -17.40 12.07
C LEU C 375 47.36 -18.64 11.34
N VAL C 376 47.40 -19.79 12.02
CA VAL C 376 47.07 -21.07 11.41
C VAL C 376 45.94 -21.71 12.20
N PHE C 377 44.98 -22.27 11.48
CA PHE C 377 43.79 -22.86 12.09
C PHE C 377 43.34 -24.01 11.21
N THR C 378 43.03 -25.15 11.83
CA THR C 378 42.55 -26.33 11.11
C THR C 378 41.06 -26.46 11.36
N THR C 379 40.29 -26.50 10.28
CA THR C 379 38.84 -26.56 10.38
C THR C 379 38.38 -27.96 10.73
N PRO C 380 37.14 -28.09 11.22
CA PRO C 380 36.52 -29.42 11.28
C PRO C 380 36.39 -30.02 9.89
N ALA C 381 36.04 -31.31 9.85
CA ALA C 381 35.87 -31.98 8.56
C ALA C 381 34.77 -31.30 7.76
N LEU C 382 35.06 -31.01 6.49
CA LEU C 382 34.13 -30.33 5.60
C LEU C 382 33.54 -31.31 4.59
N PRO C 383 32.32 -31.07 4.11
CA PRO C 383 31.68 -32.00 3.16
C PRO C 383 32.19 -31.84 1.74
N PHE C 384 33.48 -32.09 1.54
CA PHE C 384 34.07 -32.00 0.21
C PHE C 384 33.42 -33.01 -0.72
N GLY C 385 33.25 -32.62 -1.97
CA GLY C 385 32.65 -33.50 -2.95
C GLY C 385 33.06 -33.18 -4.37
N THR C 386 32.22 -33.59 -5.31
CA THR C 386 32.50 -33.40 -6.72
C THR C 386 32.11 -31.99 -7.16
N GLY C 387 32.73 -31.56 -8.27
CA GLY C 387 32.32 -30.33 -8.92
C GLY C 387 32.62 -29.13 -8.05
N ASP C 388 31.62 -28.25 -7.93
CA ASP C 388 31.78 -27.03 -7.12
C ASP C 388 32.11 -27.35 -5.67
N THR C 389 31.65 -28.50 -5.15
CA THR C 389 31.86 -28.84 -3.76
C THR C 389 33.27 -29.35 -3.47
N ASP C 390 34.14 -29.43 -4.48
CA ASP C 390 35.56 -29.67 -4.22
C ASP C 390 36.25 -28.43 -3.67
N THR C 391 35.59 -27.27 -3.71
CA THR C 391 36.18 -26.00 -3.32
C THR C 391 35.61 -25.56 -1.97
N ALA C 392 36.49 -25.29 -1.02
CA ALA C 392 36.13 -24.61 0.21
C ALA C 392 36.59 -23.17 0.12
N PHE C 393 35.90 -22.29 0.84
CA PHE C 393 36.25 -20.88 0.80
C PHE C 393 36.01 -20.27 2.17
N THR C 394 36.76 -19.20 2.46
CA THR C 394 36.71 -18.53 3.76
C THR C 394 36.58 -17.04 3.55
N PHE C 395 35.58 -16.44 4.19
CA PHE C 395 35.40 -15.00 4.21
C PHE C 395 35.93 -14.49 5.54
N ILE C 396 36.84 -13.51 5.48
CA ILE C 396 37.61 -13.10 6.65
C ILE C 396 37.41 -11.61 6.89
N GLY C 397 37.12 -11.26 8.15
CA GLY C 397 37.01 -9.87 8.55
C GLY C 397 37.99 -9.55 9.66
N LEU C 398 38.44 -8.30 9.70
CA LEU C 398 39.47 -7.86 10.64
C LEU C 398 39.05 -6.54 11.25
N GLU C 399 38.96 -6.51 12.58
CA GLU C 399 38.58 -5.32 13.33
C GLU C 399 39.72 -4.95 14.27
N MET C 400 40.26 -3.75 14.10
CA MET C 400 41.36 -3.27 14.92
C MET C 400 40.87 -2.17 15.86
N CYS C 401 41.59 -1.99 16.95
CA CYS C 401 41.36 -0.89 17.85
C CYS C 401 42.12 0.33 17.35
N SER C 402 41.49 1.50 17.43
CA SER C 402 42.06 2.67 16.79
C SER C 402 41.73 3.93 17.58
N THR C 403 42.59 4.93 17.42
CA THR C 403 42.38 6.27 17.97
C THR C 403 42.84 7.25 16.92
N GLY C 404 41.93 8.10 16.45
CA GLY C 404 42.26 9.00 15.36
C GLY C 404 42.71 8.21 14.15
N THR C 405 43.90 8.53 13.65
CA THR C 405 44.49 7.83 12.52
C THR C 405 45.44 6.72 12.94
N SER C 406 45.47 6.38 14.23
CA SER C 406 46.47 5.47 14.77
C SER C 406 45.84 4.14 15.19
N LEU C 407 46.50 3.04 14.83
CA LEU C 407 46.20 1.76 15.44
C LEU C 407 46.74 1.76 16.86
N THR C 408 45.90 1.38 17.82
CA THR C 408 46.27 1.46 19.23
C THR C 408 45.85 0.19 19.95
N ALA C 409 46.42 0.00 21.15
CA ALA C 409 46.17 -1.20 21.93
C ALA C 409 44.71 -1.28 22.37
N CYS C 410 44.15 -2.48 22.34
CA CYS C 410 42.73 -2.64 22.60
C CYS C 410 42.42 -2.42 24.08
N THR C 411 41.34 -1.68 24.33
CA THR C 411 40.90 -1.28 25.66
C THR C 411 39.42 -1.64 25.79
N VAL C 412 38.96 -1.79 27.03
CA VAL C 412 37.54 -2.04 27.30
C VAL C 412 36.65 -1.06 26.54
N ASP C 413 37.10 0.19 26.38
CA ASP C 413 36.26 1.25 25.83
C ASP C 413 36.81 1.88 24.55
N SER C 414 37.84 1.29 23.94
CA SER C 414 38.45 1.91 22.78
C SER C 414 37.54 1.83 21.56
N ALA C 415 37.77 2.74 20.61
CA ALA C 415 37.07 2.73 19.34
C ALA C 415 37.71 1.74 18.38
N THR C 416 36.97 1.36 17.34
CA THR C 416 37.41 0.32 16.43
C THR C 416 37.17 0.75 14.99
N THR C 417 37.96 0.14 14.10
CA THR C 417 37.83 0.32 12.66
C THR C 417 37.81 -1.05 12.01
N SER C 418 36.86 -1.25 11.09
CA SER C 418 36.85 -2.43 10.25
C SER C 418 37.83 -2.26 9.11
N MET C 419 38.62 -3.30 8.84
CA MET C 419 39.67 -3.25 7.84
C MET C 419 39.23 -3.95 6.56
N LYS C 420 40.14 -4.03 5.60
CA LYS C 420 39.84 -4.72 4.35
C LYS C 420 39.60 -6.20 4.61
N ALA C 421 38.49 -6.71 4.09
CA ALA C 421 38.19 -8.12 4.24
C ALA C 421 38.97 -8.94 3.23
N GLU C 422 39.08 -10.23 3.50
CA GLU C 422 39.83 -11.14 2.66
C GLU C 422 38.98 -12.33 2.27
N LEU C 423 39.22 -12.86 1.08
CA LEU C 423 38.52 -14.02 0.55
C LEU C 423 39.54 -15.00 0.01
N ALA C 424 39.45 -16.26 0.43
CA ALA C 424 40.41 -17.28 0.02
C ALA C 424 39.67 -18.55 -0.39
N PHE C 425 40.23 -19.25 -1.38
CA PHE C 425 39.68 -20.49 -1.90
C PHE C 425 40.70 -21.61 -1.79
N GLY C 426 40.21 -22.84 -1.70
CA GLY C 426 41.05 -24.01 -1.62
C GLY C 426 40.24 -25.24 -1.96
N THR C 427 40.95 -26.27 -2.41
CA THR C 427 40.30 -27.52 -2.79
C THR C 427 40.88 -28.69 -2.00
N LYS C 428 40.15 -29.80 -2.04
CA LYS C 428 40.64 -31.04 -1.46
C LYS C 428 41.49 -31.82 -2.45
N SER C 429 41.10 -31.82 -3.73
CA SER C 429 41.81 -32.57 -4.74
C SER C 429 43.15 -31.95 -5.10
N GLY C 430 43.32 -30.65 -4.88
CA GLY C 430 44.48 -29.92 -5.34
C GLY C 430 44.29 -29.20 -6.65
N ASN C 431 43.24 -29.54 -7.41
CA ASN C 431 42.95 -28.83 -8.64
C ASN C 431 42.62 -27.36 -8.35
N ALA C 432 42.51 -26.59 -9.43
CA ALA C 432 42.18 -25.17 -9.31
C ALA C 432 40.82 -25.00 -8.66
N PRO C 433 40.64 -24.00 -7.79
CA PRO C 433 39.37 -23.85 -7.08
C PRO C 433 38.29 -23.25 -7.96
N SER C 434 37.06 -23.72 -7.74
CA SER C 434 35.88 -23.06 -8.31
C SER C 434 35.67 -21.72 -7.61
N MET C 435 35.02 -20.80 -8.31
CA MET C 435 34.69 -19.49 -7.76
C MET C 435 33.33 -19.05 -8.29
N ARG C 436 32.62 -18.28 -7.46
CA ARG C 436 31.31 -17.78 -7.84
C ARG C 436 31.44 -16.69 -8.90
N HIS C 437 30.40 -16.55 -9.72
CA HIS C 437 30.35 -15.47 -10.69
C HIS C 437 30.35 -14.12 -9.97
N VAL C 438 30.99 -13.13 -10.60
CA VAL C 438 30.99 -11.76 -10.13
C VAL C 438 30.69 -10.82 -11.30
N ASN C 439 30.23 -11.38 -12.41
CA ASN C 439 30.06 -10.62 -13.65
C ASN C 439 28.74 -9.86 -13.72
N SER C 440 27.90 -9.92 -12.70
CA SER C 440 26.61 -9.25 -12.75
C SER C 440 26.42 -8.19 -11.68
N VAL C 441 27.17 -8.23 -10.58
CA VAL C 441 27.06 -7.24 -9.52
C VAL C 441 28.47 -6.79 -9.14
N ASN C 442 28.77 -5.52 -9.39
CA ASN C 442 30.07 -4.93 -9.12
C ASN C 442 29.95 -4.01 -7.92
N PHE C 443 30.87 -4.16 -6.97
CA PHE C 443 30.82 -3.36 -5.74
C PHE C 443 31.03 -1.88 -6.00
N SER C 444 31.51 -1.50 -7.18
CA SER C 444 31.64 -0.08 -7.50
C SER C 444 30.28 0.62 -7.48
N THR C 445 29.19 -0.12 -7.73
CA THR C 445 27.87 0.49 -7.64
C THR C 445 27.49 0.79 -6.20
N CYS C 446 27.82 -0.11 -5.27
CA CYS C 446 27.49 0.10 -3.86
C CYS C 446 28.22 1.30 -3.28
N GLN C 447 29.44 1.58 -3.77
CA GLN C 447 30.25 2.65 -3.19
C GLN C 447 29.62 4.02 -3.39
N GLY C 448 28.96 4.23 -4.53
CA GLY C 448 28.30 5.50 -4.77
C GLY C 448 27.34 5.88 -3.67
N CYS C 449 26.56 4.93 -3.18
CA CYS C 449 25.63 5.24 -2.10
C CYS C 449 26.25 5.04 -0.73
N HIS C 450 27.21 4.11 -0.61
CA HIS C 450 27.70 3.67 0.68
C HIS C 450 29.12 4.12 1.01
N SER C 451 29.80 4.80 0.08
CA SER C 451 31.18 5.29 0.24
C SER C 451 32.19 4.16 0.13
N ASP C 452 33.47 4.52 0.02
CA ASP C 452 34.57 3.58 -0.04
C ASP C 452 35.08 3.16 1.34
N THR C 453 34.41 3.59 2.40
CA THR C 453 34.71 3.16 3.76
C THR C 453 33.49 2.52 4.41
N PHE C 454 32.80 1.67 3.63
CA PHE C 454 31.57 1.00 4.06
C PHE C 454 31.96 -0.20 4.93
N GLU C 455 31.85 -0.03 6.25
CA GLU C 455 32.18 -1.11 7.19
C GLU C 455 30.95 -2.01 7.37
N ILE C 456 30.74 -2.88 6.39
CA ILE C 456 29.56 -3.74 6.38
C ILE C 456 29.56 -4.62 7.62
N HIS C 457 28.51 -4.51 8.43
CA HIS C 457 28.28 -5.32 9.63
C HIS C 457 29.19 -4.95 10.78
N LYS C 458 29.74 -3.74 10.79
CA LYS C 458 30.34 -3.23 12.00
C LYS C 458 29.28 -3.19 13.10
N GLY C 459 29.64 -3.65 14.29
CA GLY C 459 28.68 -3.72 15.38
C GLY C 459 28.67 -5.07 16.06
N HIS C 460 27.95 -6.02 15.48
CA HIS C 460 27.89 -7.38 16.00
C HIS C 460 28.91 -8.30 15.35
N HIS C 461 29.73 -7.78 14.43
CA HIS C 461 30.75 -8.56 13.76
C HIS C 461 32.01 -7.72 13.66
N SER C 462 33.07 -8.31 13.08
CA SER C 462 34.30 -7.56 12.84
C SER C 462 34.06 -6.40 11.89
N GLY C 463 33.18 -6.58 10.91
CA GLY C 463 32.99 -5.59 9.88
C GLY C 463 33.81 -5.93 8.65
N PHE C 464 33.26 -5.66 7.47
CA PHE C 464 33.86 -6.07 6.20
C PHE C 464 33.87 -4.90 5.24
N VAL C 465 35.07 -4.42 4.91
CA VAL C 465 35.25 -3.41 3.88
C VAL C 465 35.69 -4.12 2.60
N MET C 466 34.97 -3.88 1.51
CA MET C 466 35.19 -4.60 0.26
C MET C 466 36.11 -3.79 -0.64
N THR C 467 37.24 -4.38 -1.02
CA THR C 467 38.23 -3.73 -1.88
C THR C 467 38.76 -4.75 -2.87
N GLU C 468 39.76 -4.34 -3.65
CA GLU C 468 40.42 -5.25 -4.58
C GLU C 468 41.08 -6.43 -3.88
N GLN C 469 41.25 -6.37 -2.55
CA GLN C 469 41.82 -7.48 -1.81
C GLN C 469 41.01 -8.77 -1.98
N VAL C 470 39.70 -8.65 -2.23
CA VAL C 470 38.85 -9.83 -2.45
C VAL C 470 38.61 -10.10 -3.92
N SER C 471 39.23 -9.32 -4.81
CA SER C 471 38.97 -9.45 -6.24
C SER C 471 39.65 -10.69 -6.82
N HIS C 472 39.04 -11.24 -7.87
CA HIS C 472 39.63 -12.37 -8.59
C HIS C 472 39.15 -12.41 -10.03
N ALA C 473 38.83 -11.26 -10.61
CA ALA C 473 38.36 -11.17 -11.98
C ALA C 473 38.53 -9.74 -12.46
N LYS C 474 38.46 -9.58 -13.78
CA LYS C 474 38.57 -8.27 -14.43
C LYS C 474 37.37 -8.05 -15.33
N ASP C 475 36.97 -6.79 -15.45
CA ASP C 475 35.88 -6.43 -16.36
C ASP C 475 36.44 -6.29 -17.78
N ALA C 476 35.62 -5.76 -18.68
CA ALA C 476 36.05 -5.67 -20.08
C ALA C 476 37.22 -4.70 -20.25
N ASN C 477 37.36 -3.74 -19.35
CA ASN C 477 38.44 -2.75 -19.44
C ASN C 477 39.70 -3.18 -18.72
N GLY C 478 39.76 -4.42 -18.23
CA GLY C 478 40.91 -4.88 -17.48
C GLY C 478 40.97 -4.43 -16.04
N LYS C 479 39.95 -3.73 -15.55
CA LYS C 479 39.92 -3.25 -14.17
C LYS C 479 39.41 -4.36 -13.25
N ALA C 480 40.01 -4.43 -12.05
CA ALA C 480 39.67 -5.47 -11.09
C ALA C 480 38.22 -5.32 -10.63
N ILE C 481 37.52 -6.45 -10.53
CA ILE C 481 36.13 -6.49 -10.08
C ILE C 481 36.11 -6.87 -8.60
N VAL C 482 35.64 -5.96 -7.77
CA VAL C 482 35.36 -6.27 -6.38
C VAL C 482 33.96 -6.88 -6.32
N GLY C 483 33.88 -8.17 -5.96
CA GLY C 483 32.62 -8.85 -5.88
C GLY C 483 32.09 -8.91 -4.46
N VAL C 484 30.80 -9.17 -4.35
CA VAL C 484 30.16 -9.45 -3.07
C VAL C 484 29.96 -10.96 -2.87
N ASP C 485 30.72 -11.79 -3.59
CA ASP C 485 30.51 -13.24 -3.56
C ASP C 485 30.89 -13.86 -2.23
N GLY C 486 31.76 -13.21 -1.45
CA GLY C 486 32.12 -13.74 -0.15
C GLY C 486 30.98 -13.75 0.85
N CYS C 487 29.95 -12.92 0.63
CA CYS C 487 28.87 -12.78 1.60
C CYS C 487 28.08 -14.07 1.78
N VAL C 488 28.06 -14.93 0.75
CA VAL C 488 27.27 -16.16 0.79
C VAL C 488 27.81 -17.19 1.77
N ALA C 489 28.99 -16.94 2.37
CA ALA C 489 29.49 -17.84 3.41
C ALA C 489 28.52 -17.92 4.59
N CYS C 490 27.84 -16.81 4.91
CA CYS C 490 26.80 -16.79 5.92
C CYS C 490 25.41 -16.74 5.33
N HIS C 491 25.24 -16.03 4.22
CA HIS C 491 23.95 -15.94 3.53
C HIS C 491 23.76 -17.17 2.65
N THR C 492 23.66 -18.31 3.31
CA THR C 492 23.57 -19.59 2.66
C THR C 492 22.17 -19.79 2.06
N PRO C 493 22.03 -20.73 1.13
CA PRO C 493 20.69 -21.07 0.63
C PRO C 493 19.71 -21.47 1.72
N ASP C 494 20.20 -21.96 2.85
CA ASP C 494 19.34 -22.30 3.97
C ASP C 494 19.08 -21.11 4.90
N GLY C 495 19.44 -19.90 4.48
CA GLY C 495 19.18 -18.71 5.27
C GLY C 495 20.29 -18.40 6.24
N THR C 496 19.98 -17.49 7.17
CA THR C 496 20.88 -17.23 8.29
C THR C 496 20.36 -17.92 9.53
N TYR C 497 20.36 -17.25 10.69
CA TYR C 497 20.06 -17.94 11.95
C TYR C 497 18.60 -18.41 12.04
N ALA C 498 17.68 -17.78 11.31
CA ALA C 498 16.29 -18.19 11.36
C ALA C 498 15.95 -19.27 10.34
N SER C 499 16.95 -19.80 9.62
CA SER C 499 16.78 -20.94 8.72
C SER C 499 15.71 -20.68 7.65
N GLY C 500 15.58 -19.44 7.20
CA GLY C 500 14.69 -19.09 6.11
C GLY C 500 13.63 -18.07 6.46
N ALA C 501 13.31 -17.90 7.75
CA ALA C 501 12.26 -16.95 8.14
C ALA C 501 12.64 -15.52 7.78
N ASN C 502 13.93 -15.21 7.66
CA ASN C 502 14.39 -13.88 7.30
C ASN C 502 14.94 -13.81 5.87
N LYS C 503 14.58 -14.78 5.04
CA LYS C 503 15.06 -14.89 3.66
C LYS C 503 16.55 -14.59 3.57
N GLY C 504 17.32 -15.40 4.30
CA GLY C 504 18.74 -15.13 4.51
C GLY C 504 19.62 -15.32 3.28
N ALA C 505 19.18 -16.11 2.31
CA ALA C 505 20.04 -16.39 1.15
C ALA C 505 20.37 -15.11 0.41
N PHE C 506 21.63 -15.01 -0.04
CA PHE C 506 22.12 -13.76 -0.63
C PHE C 506 21.38 -13.40 -1.90
N GLU C 507 20.84 -14.40 -2.62
CA GLU C 507 20.04 -14.12 -3.80
C GLU C 507 18.78 -13.32 -3.48
N MET C 508 18.36 -13.28 -2.22
CA MET C 508 17.20 -12.52 -1.80
C MET C 508 17.51 -11.35 -0.87
N LYS C 509 18.62 -11.40 -0.13
CA LYS C 509 18.79 -10.52 1.02
C LYS C 509 18.84 -9.05 0.62
N LEU C 510 19.61 -8.73 -0.42
CA LEU C 510 19.72 -7.33 -0.83
C LEU C 510 18.44 -6.83 -1.49
N HIS C 511 17.78 -7.68 -2.28
CA HIS C 511 16.50 -7.30 -2.87
C HIS C 511 15.49 -6.93 -1.79
N VAL C 512 15.38 -7.76 -0.75
CA VAL C 512 14.39 -7.54 0.30
C VAL C 512 14.61 -6.18 0.96
N ILE C 513 15.87 -5.85 1.28
CA ILE C 513 16.15 -4.59 1.95
C ILE C 513 15.92 -3.41 1.01
N HIS C 514 16.39 -3.51 -0.24
CA HIS C 514 16.40 -2.38 -1.16
C HIS C 514 15.08 -2.18 -1.89
N GLY C 515 14.30 -3.25 -2.08
CA GLY C 515 12.94 -3.08 -2.56
C GLY C 515 12.09 -2.20 -1.67
N GLU C 516 12.55 -1.93 -0.44
CA GLU C 516 11.84 -1.10 0.52
C GLU C 516 12.40 0.30 0.64
N GLN C 517 13.43 0.64 -0.13
CA GLN C 517 14.09 1.93 -0.05
C GLN C 517 13.74 2.76 -1.28
N GLY C 518 13.22 3.98 -1.05
CA GLY C 518 12.73 4.79 -2.15
C GLY C 518 13.81 5.20 -3.14
N VAL C 519 15.04 5.38 -2.67
CA VAL C 519 16.10 5.82 -3.58
C VAL C 519 16.46 4.74 -4.59
N ILE C 520 16.09 3.48 -4.35
CA ILE C 520 16.32 2.39 -5.29
C ILE C 520 15.14 2.34 -6.24
N LYS C 521 15.40 2.64 -7.52
CA LYS C 521 14.36 2.67 -8.53
C LYS C 521 14.65 1.83 -9.77
N GLU C 522 15.89 1.39 -9.98
CA GLU C 522 16.24 0.65 -11.18
C GLU C 522 17.23 -0.46 -10.85
N CYS C 523 17.10 -1.58 -11.55
CA CYS C 523 18.03 -2.70 -11.33
C CYS C 523 19.46 -2.30 -11.66
N THR C 524 19.64 -1.34 -12.57
CA THR C 524 20.96 -0.88 -12.98
C THR C 524 21.76 -0.24 -11.85
N GLN C 525 21.12 0.11 -10.74
CA GLN C 525 21.85 0.70 -9.63
C GLN C 525 22.73 -0.31 -8.91
N CYS C 526 22.62 -1.61 -9.23
CA CYS C 526 23.54 -2.61 -8.72
C CYS C 526 24.02 -3.51 -9.85
N HIS C 527 23.22 -3.64 -10.90
CA HIS C 527 23.41 -4.64 -11.94
C HIS C 527 23.96 -4.02 -13.22
N ASN C 528 25.07 -4.56 -13.70
CA ASN C 528 25.54 -4.32 -15.05
C ASN C 528 25.12 -5.42 -16.02
N ASP C 529 24.54 -6.50 -15.52
CA ASP C 529 24.11 -7.66 -16.30
C ASP C 529 23.31 -8.56 -15.35
N PHE C 530 22.62 -9.53 -15.93
CA PHE C 530 21.98 -10.61 -15.18
C PHE C 530 22.64 -11.92 -15.57
N ASN C 531 23.14 -12.65 -14.57
CA ASN C 531 23.72 -13.97 -14.82
C ASN C 531 22.62 -15.01 -14.62
N LEU C 532 21.77 -15.13 -15.64
CA LEU C 532 20.64 -16.06 -15.55
C LEU C 532 21.09 -17.50 -15.63
N ASP C 533 22.22 -17.77 -16.30
CA ASP C 533 22.78 -19.12 -16.35
C ASP C 533 23.18 -19.62 -14.97
N ALA C 534 23.47 -18.72 -14.03
CA ALA C 534 23.81 -19.14 -12.67
C ALA C 534 22.69 -19.91 -12.00
N PHE C 535 21.44 -19.70 -12.42
CA PHE C 535 20.33 -20.42 -11.79
C PHE C 535 20.43 -21.91 -12.00
N LYS C 536 21.15 -22.37 -13.03
CA LYS C 536 21.25 -23.80 -13.31
C LYS C 536 22.15 -24.56 -12.35
N VAL C 537 22.98 -23.86 -11.57
CA VAL C 537 23.77 -24.50 -10.52
C VAL C 537 23.18 -24.26 -9.14
N LYS C 538 21.96 -23.74 -9.06
CA LYS C 538 21.29 -23.43 -7.79
C LYS C 538 20.27 -24.50 -7.44
N GLY C 539 20.24 -24.90 -6.17
CA GLY C 539 19.12 -25.62 -5.60
C GLY C 539 18.05 -24.65 -5.11
N ALA C 540 17.19 -25.16 -4.24
CA ALA C 540 16.11 -24.35 -3.67
C ALA C 540 16.64 -23.49 -2.52
N LEU C 541 15.91 -22.41 -2.24
CA LEU C 541 16.28 -21.45 -1.20
C LEU C 541 15.24 -21.46 -0.09
N ALA C 542 15.71 -21.28 1.15
CA ALA C 542 14.81 -21.23 2.30
C ALA C 542 14.11 -19.88 2.33
N THR C 543 12.78 -19.88 2.19
CA THR C 543 11.98 -18.67 2.19
C THR C 543 11.13 -18.50 3.44
N SER C 544 10.98 -19.55 4.25
CA SER C 544 10.47 -19.46 5.61
C SER C 544 11.22 -20.50 6.43
N ALA C 545 10.89 -20.57 7.73
CA ALA C 545 11.61 -21.46 8.62
C ALA C 545 11.53 -22.92 8.17
N GLY C 546 12.60 -23.43 7.58
CA GLY C 546 12.62 -24.81 7.15
C GLY C 546 11.80 -25.12 5.93
N LYS C 547 11.31 -24.11 5.20
CA LYS C 547 10.52 -24.30 4.00
C LYS C 547 11.24 -23.68 2.81
N TYR C 548 11.10 -24.32 1.65
CA TYR C 548 12.00 -24.05 0.53
C TYR C 548 11.23 -23.76 -0.75
N THR C 549 11.79 -22.85 -1.53
CA THR C 549 11.19 -22.37 -2.77
C THR C 549 12.21 -22.50 -3.90
N THR C 550 11.73 -22.86 -5.09
CA THR C 550 12.63 -23.02 -6.23
C THR C 550 13.36 -21.70 -6.51
N PRO C 551 14.57 -21.76 -7.08
CA PRO C 551 15.48 -20.60 -6.99
C PRO C 551 15.02 -19.35 -7.75
N ILE C 552 14.50 -19.49 -8.97
CA ILE C 552 14.06 -18.29 -9.68
C ILE C 552 12.87 -17.64 -8.99
N THR C 553 11.90 -18.45 -8.55
CA THR C 553 10.77 -17.92 -7.81
C THR C 553 11.22 -17.23 -6.53
N ALA C 554 12.13 -17.87 -5.78
CA ALA C 554 12.61 -17.29 -4.53
C ALA C 554 13.26 -15.93 -4.77
N THR C 555 13.96 -15.80 -5.90
CA THR C 555 14.60 -14.52 -6.20
C THR C 555 13.57 -13.45 -6.55
N CYS C 556 12.65 -13.77 -7.47
CA CYS C 556 11.68 -12.76 -7.89
C CYS C 556 10.74 -12.37 -6.75
N THR C 557 10.37 -13.34 -5.90
CA THR C 557 9.49 -13.05 -4.78
C THR C 557 10.20 -12.39 -3.61
N SER C 558 11.47 -12.01 -3.78
CA SER C 558 12.09 -11.09 -2.82
C SER C 558 11.29 -9.79 -2.72
N CYS C 559 10.73 -9.33 -3.84
CA CYS C 559 9.90 -8.13 -3.84
C CYS C 559 8.45 -8.40 -4.23
N HIS C 560 8.19 -9.44 -5.02
CA HIS C 560 6.86 -9.77 -5.51
C HIS C 560 6.22 -10.80 -4.60
N ALA C 561 5.16 -10.43 -3.91
CA ALA C 561 4.41 -11.40 -3.14
C ALA C 561 3.98 -12.54 -4.06
N PRO C 562 4.14 -13.81 -3.65
CA PRO C 562 3.83 -14.91 -4.57
C PRO C 562 2.40 -14.88 -5.09
N GLU C 563 1.44 -14.52 -4.24
CA GLU C 563 0.04 -14.49 -4.65
C GLU C 563 -0.28 -13.32 -5.57
N SER C 564 0.63 -12.37 -5.72
CA SER C 564 0.45 -11.25 -6.64
C SER C 564 0.77 -11.61 -8.08
N ILE C 565 1.40 -12.76 -8.32
CA ILE C 565 1.74 -13.19 -9.67
C ILE C 565 0.52 -13.92 -10.23
N GLY C 566 -0.17 -13.27 -11.18
CA GLY C 566 -1.50 -13.74 -11.56
C GLY C 566 -1.51 -15.12 -12.17
N HIS C 567 -0.58 -15.42 -13.06
CA HIS C 567 -0.58 -16.71 -13.73
C HIS C 567 -0.19 -17.85 -12.81
N GLY C 568 0.21 -17.56 -11.57
CA GLY C 568 0.54 -18.59 -10.60
C GLY C 568 1.91 -19.19 -10.80
N LEU C 569 2.23 -20.15 -9.94
CA LEU C 569 3.54 -20.79 -9.95
C LEU C 569 3.48 -22.29 -10.13
N GLU C 570 2.36 -22.94 -9.80
CA GLU C 570 2.25 -24.38 -9.98
C GLU C 570 2.45 -24.77 -11.43
N ASN C 571 1.93 -23.97 -12.37
CA ASN C 571 2.00 -24.32 -13.79
C ASN C 571 3.38 -24.11 -14.38
N MET C 572 4.23 -23.30 -13.75
CA MET C 572 5.58 -23.05 -14.23
C MET C 572 6.61 -23.96 -13.57
N GLY C 573 6.18 -25.03 -12.91
CA GLY C 573 7.09 -25.97 -12.30
C GLY C 573 7.74 -25.51 -11.02
N ALA C 574 7.28 -24.41 -10.43
CA ALA C 574 7.87 -23.90 -9.20
C ALA C 574 7.18 -24.47 -7.97
N ILE C 575 7.90 -24.42 -6.85
CA ILE C 575 7.38 -24.79 -5.54
C ILE C 575 7.59 -23.62 -4.61
N VAL C 576 6.58 -23.32 -3.79
CA VAL C 576 6.62 -22.18 -2.88
C VAL C 576 6.46 -22.71 -1.45
N ASN C 577 7.50 -22.53 -0.63
CA ASN C 577 7.47 -22.93 0.77
C ASN C 577 7.12 -24.41 0.91
N GLY C 578 7.71 -25.23 0.04
CA GLY C 578 7.55 -26.67 0.11
C GLY C 578 8.60 -27.33 0.99
N ASP C 579 8.67 -28.65 0.88
CA ASP C 579 9.68 -29.41 1.60
C ASP C 579 11.01 -29.35 0.87
N TYR C 580 12.08 -29.57 1.63
CA TYR C 580 13.44 -29.48 1.11
C TYR C 580 13.66 -30.42 -0.07
N VAL C 581 13.28 -31.69 0.08
CA VAL C 581 13.50 -32.67 -0.98
C VAL C 581 12.64 -32.34 -2.20
N GLN C 582 11.36 -32.06 -1.96
CA GLN C 582 10.43 -31.81 -3.05
C GLN C 582 10.80 -30.53 -3.81
N ALA C 583 11.19 -29.48 -3.09
CA ALA C 583 11.55 -28.24 -3.77
C ALA C 583 12.87 -28.38 -4.53
N ASN C 584 13.82 -29.16 -3.99
CA ASN C 584 15.09 -29.33 -4.67
C ASN C 584 14.97 -30.21 -5.91
N GLN C 585 14.01 -31.14 -5.93
CA GLN C 585 13.75 -31.89 -7.14
C GLN C 585 13.17 -31.03 -8.25
N ALA C 586 12.51 -29.93 -7.89
CA ALA C 586 11.87 -29.03 -8.85
C ALA C 586 12.74 -27.82 -9.20
N ALA C 587 13.94 -27.72 -8.62
CA ALA C 587 14.77 -26.53 -8.79
C ALA C 587 15.04 -26.23 -10.27
N GLN C 588 15.31 -27.25 -11.07
CA GLN C 588 15.59 -27.07 -12.49
C GLN C 588 14.36 -27.31 -13.36
N SER C 589 13.16 -27.16 -12.81
CA SER C 589 11.92 -27.33 -13.54
C SER C 589 11.21 -26.01 -13.82
N GLU C 590 11.74 -24.90 -13.33
CA GLU C 590 11.12 -23.60 -13.56
C GLU C 590 11.26 -23.18 -15.02
N THR C 591 10.14 -22.77 -15.61
CA THR C 591 10.08 -22.37 -17.01
C THR C 591 10.04 -20.86 -17.20
N CYS C 592 10.40 -20.08 -16.17
CA CYS C 592 10.17 -18.64 -16.20
C CYS C 592 10.83 -17.97 -17.40
N PHE C 593 12.06 -18.35 -17.72
CA PHE C 593 12.81 -17.62 -18.73
C PHE C 593 12.44 -18.03 -20.15
N TYR C 594 11.49 -18.95 -20.31
CA TYR C 594 10.89 -19.15 -21.63
C TYR C 594 10.04 -17.95 -22.03
N CYS C 595 9.50 -17.22 -21.05
CA CYS C 595 8.73 -16.01 -21.29
C CYS C 595 9.43 -14.75 -20.82
N HIS C 596 10.08 -14.80 -19.67
CA HIS C 596 10.73 -13.65 -19.09
C HIS C 596 12.13 -13.46 -19.66
N LYS C 597 12.38 -12.28 -20.22
CA LYS C 597 13.66 -11.93 -20.83
C LYS C 597 14.21 -10.66 -20.19
N PRO C 598 14.45 -10.67 -18.88
CA PRO C 598 14.84 -9.42 -18.21
C PRO C 598 16.22 -8.95 -18.61
N THR C 599 16.39 -7.63 -18.60
CA THR C 599 17.67 -6.95 -18.63
C THR C 599 17.70 -5.95 -17.48
N PRO C 600 18.89 -5.58 -17.00
CA PRO C 600 18.94 -4.61 -15.89
C PRO C 600 18.25 -3.29 -16.21
N THR C 601 18.22 -2.89 -17.48
CA THR C 601 17.53 -1.65 -17.85
C THR C 601 16.03 -1.79 -17.74
N ASP C 602 15.47 -2.91 -18.22
CA ASP C 602 14.03 -3.20 -18.11
C ASP C 602 13.88 -4.69 -17.86
N HIS C 603 13.65 -5.06 -16.60
CA HIS C 603 13.53 -6.47 -16.25
C HIS C 603 12.13 -7.03 -16.45
N THR C 604 11.17 -6.19 -16.85
CA THR C 604 9.78 -6.62 -17.03
C THR C 604 9.51 -7.18 -18.42
N GLN C 605 10.45 -7.10 -19.34
CA GLN C 605 10.24 -7.58 -20.70
C GLN C 605 9.85 -9.04 -20.71
N VAL C 606 8.77 -9.34 -21.43
CA VAL C 606 8.30 -10.70 -21.66
C VAL C 606 8.24 -10.89 -23.18
N LYS C 607 8.40 -12.13 -23.63
CA LYS C 607 8.18 -12.44 -25.04
C LYS C 607 6.95 -13.31 -25.14
N MET C 608 5.88 -12.72 -25.67
CA MET C 608 4.62 -13.40 -25.97
C MET C 608 4.72 -14.22 -27.26
#